data_8TP3
#
_entry.id   8TP3
#
_cell.length_a   1.00
_cell.length_b   1.00
_cell.length_c   1.00
_cell.angle_alpha   90.00
_cell.angle_beta   90.00
_cell.angle_gamma   90.00
#
_symmetry.space_group_name_H-M   'P 1'
#
loop_
_entity.id
_entity.type
_entity.pdbx_description
1 polymer 'Hemagglutinin HA1 chain'
2 polymer 'Hemagglutinin HA2 chain'
3 polymer 'Heavy chain of Fab 1-1-1F05'
4 polymer 'Light chain of Fab 1-1-1F05'
5 branched 2-acetamido-2-deoxy-beta-D-glucopyranose-(1-4)-2-acetamido-2-deoxy-beta-D-glucopyranose
6 branched beta-D-mannopyranose-(1-4)-2-acetamido-2-deoxy-beta-D-glucopyranose-(1-4)-2-acetamido-2-deoxy-beta-D-glucopyranose
7 non-polymer 2-acetamido-2-deoxy-beta-D-glucopyranose
#
loop_
_entity_poly.entity_id
_entity_poly.type
_entity_poly.pdbx_seq_one_letter_code
_entity_poly.pdbx_strand_id
1 'polypeptide(L)'
;MKAKLLVLLCTFTATYADTICIGYHANNSTDTVDTVLEKNVTVTHSVNLLEDSHNGKLCLLKGIAPLQLGNCSVAGWILG
NPECELLISKESWSYIVETPNPENGTCYPGYFADYEELREQLSSVSSFERFEIFPKESSWPNHTVTGVSASCSHNGKSSF
YRNLLWLTGKNGLYPNLSKSYVNNKEKEVLVLWGVHHPPNIGNQRALYHTENAYVSVVSSHYSRRFTPEIAKRPKVRDQE
GRINYYWTLLEPGDTIIFEANGNLIAPWYAFALSRGFGSGIITSNAPMDECDAKCQTPQGAINSSLPFQNVHPVTIGECP
KYVRSAKLRMVTGLRNIPSIQSR
;
A,C,G
2 'polypeptide(L)'
;GLFGAIAGFIEGGWTGMVDGWYGYHHQNEQGSGYAADQKSTQNAINGITNKVNSVIEKMNTQFTAVGKEFNKLERRMENL
NKKVDDGFLDIWTYNAELLVLLENERTLDFHDSNVKNLYEKVKSQLKNNAKEIGNGCFEFYHKCNNECMESVKNGTYDYP
KYSEESKLNREKIDGVKLESMGVYQILAIYSTVASSLVLLVSLGAISFWMCSNGSLQCRICI
;
B,D,I
3 'polypeptide(L)'
;QVQLQESGPGLVKPSATLSLTCTLSGGSLSTHYWSWIRQPPGKGLEYIGNIHYSGSTNYNPSLRSRVTISVGTSKNQFSL
KLTSVTAADTAVYYCARDAPYSDFLSGVETGWFDPWGQGTLVIVSS
;
H
4 'polypeptide(L)'
;EIVMTQSPATLSVSPGERATLSCRASQSVSSNLAWYQQKPGQAPRLLIYGASTRATGIPARFSGSGSGTDFTLTISSLQS
EDFAVYSCQQYNNWPWTFGQGTKVEIK
;
L
#
loop_
_chem_comp.id
_chem_comp.type
_chem_comp.name
_chem_comp.formula
BMA D-saccharide, beta linking beta-D-mannopyranose 'C6 H12 O6'
NAG D-saccharide, beta linking 2-acetamido-2-deoxy-beta-D-glucopyranose 'C8 H15 N O6'
#
# COMPACT_ATOMS: atom_id res chain seq x y z
N ASP A 18 -33.98 -66.47 1.98
CA ASP A 18 -33.71 -65.48 3.03
C ASP A 18 -32.48 -64.63 2.62
N THR A 19 -32.62 -63.28 2.73
CA THR A 19 -31.58 -62.28 2.35
C THR A 19 -31.34 -61.16 3.37
N ILE A 20 -30.06 -60.81 3.55
CA ILE A 20 -29.71 -59.61 4.32
C ILE A 20 -28.99 -58.67 3.32
N CYS A 21 -29.43 -57.39 3.23
CA CYS A 21 -28.88 -56.37 2.32
C CYS A 21 -28.30 -55.19 3.09
N ILE A 22 -27.22 -54.62 2.56
CA ILE A 22 -26.63 -53.44 3.15
C ILE A 22 -26.78 -52.25 2.25
N GLY A 23 -27.32 -51.21 2.83
CA GLY A 23 -27.60 -50.02 2.08
C GLY A 23 -27.40 -48.75 2.87
N TYR A 24 -28.04 -47.72 2.37
CA TYR A 24 -27.91 -46.41 2.94
C TYR A 24 -29.20 -45.65 2.71
N HIS A 25 -29.38 -44.60 3.49
CA HIS A 25 -30.48 -43.65 3.48
C HIS A 25 -30.65 -42.75 2.27
N ALA A 26 -31.90 -42.50 1.92
CA ALA A 26 -32.21 -41.55 0.85
C ALA A 26 -33.50 -40.83 1.20
N ASN A 27 -33.69 -39.63 0.65
CA ASN A 27 -34.89 -38.85 0.95
C ASN A 27 -35.27 -37.98 -0.26
N ASN A 28 -36.10 -36.94 0.01
CA ASN A 28 -36.64 -36.01 -1.03
C ASN A 28 -35.87 -34.68 -1.04
N SER A 29 -34.71 -34.59 -0.39
CA SER A 29 -33.87 -33.38 -0.31
C SER A 29 -33.35 -32.89 -1.64
N THR A 30 -33.33 -31.56 -1.77
CA THR A 30 -32.80 -30.87 -2.93
C THR A 30 -31.56 -30.05 -2.57
N ASP A 31 -31.08 -30.19 -1.33
CA ASP A 31 -29.92 -29.42 -0.94
C ASP A 31 -28.81 -29.80 -1.88
N THR A 32 -28.20 -28.82 -2.51
CA THR A 32 -27.19 -29.15 -3.49
C THR A 32 -25.86 -28.50 -3.18
N VAL A 33 -24.80 -29.29 -3.26
CA VAL A 33 -23.46 -28.78 -3.00
C VAL A 33 -22.53 -28.98 -4.17
N ASP A 34 -21.47 -28.19 -4.17
CA ASP A 34 -20.44 -28.30 -5.19
C ASP A 34 -19.30 -29.13 -4.64
N THR A 35 -18.57 -29.84 -5.48
CA THR A 35 -17.37 -30.48 -5.00
C THR A 35 -16.26 -30.17 -5.98
N VAL A 36 -15.05 -30.62 -5.71
CA VAL A 36 -13.98 -30.32 -6.66
C VAL A 36 -14.10 -31.12 -7.95
N LEU A 37 -14.68 -32.33 -7.91
CA LEU A 37 -14.81 -33.12 -9.13
C LEU A 37 -16.19 -32.99 -9.81
N GLU A 38 -17.24 -32.67 -9.04
CA GLU A 38 -18.59 -32.63 -9.60
C GLU A 38 -19.30 -31.30 -9.32
N LYS A 39 -19.97 -30.78 -10.35
CA LYS A 39 -20.60 -29.46 -10.26
C LYS A 39 -21.87 -29.26 -9.41
N ASN A 40 -22.77 -30.27 -9.31
CA ASN A 40 -24.03 -30.17 -8.56
C ASN A 40 -24.42 -31.53 -7.97
N VAL A 41 -24.16 -31.74 -6.65
CA VAL A 41 -24.44 -33.02 -5.96
C VAL A 41 -25.61 -32.83 -5.01
N THR A 42 -26.68 -33.56 -5.23
CA THR A 42 -27.83 -33.43 -4.35
C THR A 42 -27.48 -34.25 -3.12
N VAL A 43 -27.69 -33.70 -1.92
CA VAL A 43 -27.35 -34.43 -0.70
C VAL A 43 -28.53 -34.50 0.26
N THR A 44 -28.49 -35.51 1.17
CA THR A 44 -29.59 -35.71 2.12
C THR A 44 -29.61 -34.71 3.26
N HIS A 45 -28.43 -34.21 3.64
CA HIS A 45 -28.27 -33.25 4.72
C HIS A 45 -27.16 -32.25 4.38
N SER A 46 -27.35 -30.98 4.74
CA SER A 46 -26.32 -29.98 4.48
C SER A 46 -26.37 -28.85 5.49
N VAL A 47 -25.29 -28.06 5.52
CA VAL A 47 -25.19 -26.89 6.37
C VAL A 47 -24.80 -25.65 5.56
N ASN A 48 -25.51 -24.55 5.78
CA ASN A 48 -25.19 -23.30 5.14
C ASN A 48 -24.22 -22.51 5.98
N LEU A 49 -23.04 -22.22 5.47
CA LEU A 49 -22.06 -21.48 6.25
C LEU A 49 -22.08 -19.97 5.96
N LEU A 50 -22.89 -19.54 4.98
CA LEU A 50 -22.91 -18.13 4.56
C LEU A 50 -24.25 -17.41 4.74
N GLU A 51 -24.20 -16.29 5.45
CA GLU A 51 -25.37 -15.43 5.72
C GLU A 51 -25.58 -14.35 4.68
N ASP A 52 -26.76 -14.31 4.07
CA ASP A 52 -27.06 -13.31 3.07
C ASP A 52 -28.20 -12.33 3.37
N SER A 53 -28.62 -12.16 4.63
CA SER A 53 -29.70 -11.21 4.88
C SER A 53 -29.50 -10.30 6.09
N HIS A 54 -30.37 -9.30 6.18
CA HIS A 54 -30.41 -8.37 7.29
C HIS A 54 -31.85 -7.89 7.41
N ASN A 55 -32.21 -7.26 8.52
CA ASN A 55 -33.60 -6.84 8.68
C ASN A 55 -33.97 -5.42 8.22
N GLY A 56 -33.04 -4.69 7.61
CA GLY A 56 -33.35 -3.34 7.16
C GLY A 56 -33.36 -2.28 8.27
N LYS A 57 -33.01 -2.65 9.50
CA LYS A 57 -33.10 -1.70 10.60
C LYS A 57 -31.83 -1.41 11.36
N LEU A 58 -31.80 -0.23 11.96
CA LEU A 58 -30.72 0.12 12.86
C LEU A 58 -31.20 -0.28 14.27
N CYS A 59 -30.44 -1.19 14.89
CA CYS A 59 -30.74 -1.82 16.18
C CYS A 59 -29.76 -1.39 17.26
N LEU A 60 -30.13 -1.71 18.50
CA LEU A 60 -29.31 -1.49 19.66
C LEU A 60 -28.25 -2.55 19.67
N LEU A 61 -27.08 -2.26 20.22
CA LEU A 61 -26.07 -3.30 20.31
C LEU A 61 -25.86 -3.66 21.75
N LYS A 62 -26.21 -4.89 22.08
CA LYS A 62 -26.07 -5.36 23.45
C LYS A 62 -26.74 -4.40 24.45
N GLY A 63 -27.92 -3.91 24.09
CA GLY A 63 -28.70 -3.01 24.93
C GLY A 63 -28.44 -1.50 24.76
N ILE A 64 -27.41 -1.11 24.01
CA ILE A 64 -27.15 0.32 23.87
C ILE A 64 -27.53 0.90 22.51
N ALA A 65 -28.33 1.95 22.54
CA ALA A 65 -28.82 2.62 21.35
C ALA A 65 -27.71 3.41 20.65
N PRO A 66 -27.77 3.59 19.34
CA PRO A 66 -26.90 4.44 18.54
C PRO A 66 -27.15 5.92 18.73
N LEU A 67 -26.17 6.72 18.36
CA LEU A 67 -26.30 8.17 18.29
C LEU A 67 -26.73 8.52 16.91
N GLN A 68 -27.84 9.20 16.78
CA GLN A 68 -28.26 9.51 15.44
C GLN A 68 -28.10 10.98 15.27
N LEU A 69 -27.39 11.39 14.23
CA LEU A 69 -27.18 12.82 14.06
C LEU A 69 -28.25 13.45 13.17
N GLY A 70 -29.18 12.66 12.69
CA GLY A 70 -30.22 13.21 11.84
C GLY A 70 -29.59 13.81 10.60
N ASN A 71 -29.88 15.11 10.33
CA ASN A 71 -29.38 15.87 9.18
C ASN A 71 -28.05 16.61 9.49
N CYS A 72 -27.46 16.40 10.70
CA CYS A 72 -26.21 17.01 11.15
C CYS A 72 -25.00 16.17 10.77
N SER A 73 -23.97 16.84 10.35
CA SER A 73 -22.69 16.18 10.08
C SER A 73 -22.00 16.11 11.41
N VAL A 74 -20.89 15.41 11.50
CA VAL A 74 -20.17 15.40 12.76
C VAL A 74 -19.70 16.80 13.08
N ALA A 75 -19.21 17.54 12.09
CA ALA A 75 -18.80 18.91 12.40
C ALA A 75 -19.98 19.72 12.90
N GLY A 76 -21.15 19.52 12.30
CA GLY A 76 -22.33 20.26 12.70
C GLY A 76 -22.64 19.99 14.14
N TRP A 77 -22.67 18.73 14.48
CA TRP A 77 -22.95 18.34 15.82
C TRP A 77 -21.92 18.80 16.84
N ILE A 78 -20.64 18.58 16.59
CA ILE A 78 -19.66 18.85 17.63
C ILE A 78 -19.52 20.36 17.88
N LEU A 79 -19.73 21.17 16.83
CA LEU A 79 -19.65 22.62 16.92
C LEU A 79 -20.87 23.26 17.54
N GLY A 80 -21.95 22.51 17.71
CA GLY A 80 -23.14 23.17 18.18
C GLY A 80 -23.93 23.87 17.08
N ASN A 81 -23.94 23.37 15.86
CA ASN A 81 -24.74 24.03 14.84
C ASN A 81 -26.13 24.23 15.43
N PRO A 82 -26.78 25.38 15.23
CA PRO A 82 -28.11 25.71 15.73
C PRO A 82 -29.18 24.64 15.49
N GLU A 83 -29.06 23.85 14.44
CA GLU A 83 -30.04 22.80 14.14
C GLU A 83 -29.78 21.42 14.81
N CYS A 84 -28.67 21.30 15.59
CA CYS A 84 -28.19 20.10 16.24
C CYS A 84 -28.51 20.23 17.74
N GLU A 85 -29.43 21.11 18.07
CA GLU A 85 -29.83 21.35 19.46
C GLU A 85 -30.34 20.09 20.12
N LEU A 86 -31.05 19.31 19.33
CA LEU A 86 -31.71 18.11 19.79
C LEU A 86 -30.71 17.01 20.11
N LEU A 87 -29.46 17.20 19.67
CA LEU A 87 -28.44 16.21 19.86
C LEU A 87 -27.61 16.51 21.09
N ILE A 88 -27.87 17.64 21.76
CA ILE A 88 -27.06 18.02 22.92
C ILE A 88 -27.14 17.03 24.07
N SER A 89 -28.33 16.50 24.29
CA SER A 89 -28.64 15.55 25.34
C SER A 89 -28.14 14.14 25.06
N LYS A 90 -27.65 13.87 23.85
CA LYS A 90 -27.26 12.51 23.52
C LYS A 90 -25.87 12.19 24.04
N GLU A 91 -25.80 12.01 25.35
CA GLU A 91 -24.57 11.79 26.11
C GLU A 91 -23.88 10.46 25.85
N SER A 92 -24.60 9.42 25.43
CA SER A 92 -23.92 8.13 25.19
C SER A 92 -24.55 7.35 24.05
N TRP A 93 -23.75 6.46 23.46
CA TRP A 93 -24.18 5.61 22.35
C TRP A 93 -23.35 4.37 22.11
N SER A 94 -23.93 3.45 21.34
CA SER A 94 -23.26 2.25 20.87
C SER A 94 -22.48 2.40 19.56
N TYR A 95 -22.90 3.34 18.73
CA TYR A 95 -22.28 3.64 17.46
C TYR A 95 -22.80 4.99 17.00
N ILE A 96 -22.16 5.59 16.00
CA ILE A 96 -22.60 6.87 15.48
C ILE A 96 -23.15 6.74 14.07
N VAL A 97 -24.36 7.23 13.86
CA VAL A 97 -24.95 7.14 12.55
C VAL A 97 -25.17 8.49 11.92
N GLU A 98 -24.59 8.67 10.75
CA GLU A 98 -24.69 9.90 9.98
C GLU A 98 -25.54 9.66 8.73
N THR A 99 -26.36 10.63 8.36
CA THR A 99 -27.15 10.50 7.13
C THR A 99 -26.21 10.57 5.93
N PRO A 100 -26.49 9.89 4.79
CA PRO A 100 -25.71 9.97 3.56
C PRO A 100 -25.41 11.36 3.03
N ASN A 101 -26.32 12.31 3.22
CA ASN A 101 -26.10 13.67 2.74
C ASN A 101 -26.42 14.71 3.80
N PRO A 102 -25.54 14.95 4.77
CA PRO A 102 -25.78 15.88 5.85
C PRO A 102 -26.01 17.23 5.25
N GLU A 103 -26.90 17.98 5.85
CA GLU A 103 -27.18 19.35 5.40
C GLU A 103 -26.65 20.44 6.35
N ASN A 104 -26.61 20.15 7.68
CA ASN A 104 -26.23 21.07 8.74
C ASN A 104 -24.86 20.68 9.32
N GLY A 105 -23.81 21.35 8.83
CA GLY A 105 -22.40 21.13 9.16
C GLY A 105 -21.88 22.43 9.67
N THR A 106 -20.78 22.87 9.12
CA THR A 106 -20.31 24.16 9.51
C THR A 106 -21.36 25.16 8.95
N CYS A 107 -21.93 26.09 9.78
CA CYS A 107 -22.94 27.05 9.33
C CYS A 107 -22.28 28.37 8.93
N TYR A 108 -21.08 28.60 9.43
CA TYR A 108 -20.32 29.77 9.05
C TYR A 108 -19.12 29.19 8.34
N PRO A 109 -19.09 29.17 7.00
CA PRO A 109 -18.15 28.44 6.17
C PRO A 109 -16.72 28.73 6.49
N GLY A 110 -15.91 27.70 6.34
CA GLY A 110 -14.48 27.75 6.55
C GLY A 110 -13.91 26.36 6.52
N TYR A 111 -12.63 26.29 6.83
CA TYR A 111 -11.86 25.06 6.87
C TYR A 111 -11.94 24.42 8.24
N PHE A 112 -12.19 23.11 8.29
CA PHE A 112 -12.22 22.45 9.59
C PHE A 112 -10.93 21.64 9.67
N ALA A 113 -10.02 22.04 10.54
CA ALA A 113 -8.76 21.35 10.59
C ALA A 113 -8.88 19.95 11.12
N ASP A 114 -8.15 19.03 10.50
CA ASP A 114 -8.04 17.66 10.95
C ASP A 114 -9.42 17.06 11.18
N TYR A 115 -10.35 17.33 10.29
CA TYR A 115 -11.68 16.83 10.47
C TYR A 115 -11.77 15.33 10.44
N GLU A 116 -11.14 14.71 9.46
CA GLU A 116 -11.22 13.26 9.37
C GLU A 116 -10.55 12.61 10.58
N GLU A 117 -9.48 13.21 11.07
CA GLU A 117 -8.79 12.68 12.23
C GLU A 117 -9.68 12.83 13.47
N LEU A 118 -10.42 13.93 13.57
CA LEU A 118 -11.31 14.12 14.69
C LEU A 118 -12.39 13.06 14.63
N ARG A 119 -12.94 12.78 13.43
CA ARG A 119 -13.99 11.77 13.31
C ARG A 119 -13.47 10.43 13.81
N GLU A 120 -12.22 10.11 13.44
CA GLU A 120 -11.62 8.85 13.81
C GLU A 120 -11.47 8.74 15.32
N GLN A 121 -11.17 9.84 16.00
CA GLN A 121 -11.05 9.73 17.44
C GLN A 121 -12.40 9.83 18.15
N LEU A 122 -13.38 10.56 17.60
CA LEU A 122 -14.69 10.63 18.24
C LEU A 122 -15.42 9.32 18.10
N SER A 123 -15.07 8.53 17.11
CA SER A 123 -15.67 7.24 16.91
C SER A 123 -15.43 6.32 18.09
N SER A 124 -14.39 6.59 18.89
CA SER A 124 -14.03 5.77 20.05
C SER A 124 -14.77 6.22 21.30
N VAL A 125 -15.48 7.32 21.23
CA VAL A 125 -16.16 7.84 22.39
C VAL A 125 -17.46 7.13 22.59
N SER A 126 -17.68 6.60 23.79
CA SER A 126 -18.95 5.93 24.04
C SER A 126 -19.85 6.93 24.72
N SER A 127 -19.23 7.89 25.41
CA SER A 127 -20.00 8.91 26.09
C SER A 127 -19.22 10.18 26.33
N PHE A 128 -19.93 11.28 26.59
CA PHE A 128 -19.26 12.53 26.91
C PHE A 128 -20.07 13.41 27.83
N GLU A 129 -19.39 14.34 28.46
CA GLU A 129 -20.05 15.39 29.23
C GLU A 129 -19.84 16.73 28.55
N ARG A 130 -20.92 17.43 28.27
CA ARG A 130 -20.79 18.76 27.68
C ARG A 130 -20.83 19.76 28.80
N PHE A 131 -19.78 20.53 28.95
CA PHE A 131 -19.76 21.47 30.05
C PHE A 131 -19.30 22.82 29.57
N GLU A 132 -19.70 23.88 30.26
CA GLU A 132 -19.26 25.18 29.84
C GLU A 132 -17.81 25.28 30.31
N ILE A 133 -16.93 25.72 29.44
CA ILE A 133 -15.50 25.81 29.75
C ILE A 133 -15.06 27.23 30.09
N PHE A 134 -15.53 28.20 29.33
CA PHE A 134 -15.19 29.61 29.54
C PHE A 134 -16.51 30.38 29.62
N PRO A 135 -17.14 30.48 30.79
CA PRO A 135 -18.48 31.00 30.95
C PRO A 135 -18.65 32.34 30.29
N LYS A 136 -19.74 32.43 29.53
CA LYS A 136 -20.01 33.62 28.72
C LYS A 136 -20.08 34.91 29.52
N GLU A 137 -20.75 34.85 30.64
CA GLU A 137 -20.94 36.01 31.48
C GLU A 137 -19.75 36.48 32.33
N SER A 138 -18.72 35.64 32.55
CA SER A 138 -17.65 36.11 33.43
C SER A 138 -16.30 36.18 32.75
N SER A 139 -16.15 35.51 31.61
CA SER A 139 -14.84 35.50 30.98
C SER A 139 -14.54 36.72 30.12
N TRP A 140 -15.56 37.40 29.56
CA TRP A 140 -15.21 38.52 28.70
C TRP A 140 -16.04 39.80 28.91
N PRO A 141 -15.92 40.49 30.06
CA PRO A 141 -16.70 41.68 30.40
C PRO A 141 -16.59 42.92 29.48
N ASN A 142 -15.48 43.04 28.70
CA ASN A 142 -15.19 44.18 27.81
C ASN A 142 -15.24 43.82 26.31
N HIS A 143 -15.89 42.69 25.93
CA HIS A 143 -16.02 42.29 24.52
C HIS A 143 -17.47 42.08 24.24
N THR A 144 -17.83 42.24 22.99
CA THR A 144 -19.20 41.99 22.65
C THR A 144 -19.33 40.52 22.41
N VAL A 145 -20.31 39.93 23.08
CA VAL A 145 -20.53 38.50 23.07
C VAL A 145 -21.86 38.14 22.43
N THR A 146 -22.38 39.07 21.65
CA THR A 146 -23.68 38.94 21.02
C THR A 146 -23.62 38.83 19.50
N GLY A 147 -22.47 38.54 18.93
CA GLY A 147 -22.42 38.46 17.48
C GLY A 147 -23.18 37.24 17.01
N VAL A 148 -23.95 37.43 15.95
CA VAL A 148 -24.71 36.40 15.29
C VAL A 148 -24.57 36.52 13.81
N SER A 149 -25.02 35.51 13.07
CA SER A 149 -25.02 35.58 11.62
C SER A 149 -26.21 34.94 11.00
N ALA A 150 -26.64 35.50 9.86
CA ALA A 150 -27.75 34.95 9.09
C ALA A 150 -27.43 33.54 8.65
N SER A 151 -26.14 33.26 8.41
CA SER A 151 -25.72 31.93 7.98
C SER A 151 -25.93 30.81 9.02
N CYS A 152 -26.09 31.17 10.31
CA CYS A 152 -26.29 30.28 11.43
C CYS A 152 -27.66 30.57 12.01
N SER A 153 -28.58 31.05 11.17
CA SER A 153 -29.89 31.36 11.68
C SER A 153 -30.67 30.13 12.05
N HIS A 154 -31.68 30.34 12.87
CA HIS A 154 -32.57 29.30 13.34
C HIS A 154 -33.95 29.85 13.66
N ASN A 155 -34.97 29.25 13.08
CA ASN A 155 -36.36 29.63 13.28
C ASN A 155 -36.61 31.11 12.99
N GLY A 156 -35.96 31.62 11.96
CA GLY A 156 -36.14 33.01 11.55
C GLY A 156 -35.18 34.01 12.20
N LYS A 157 -34.39 33.60 13.20
CA LYS A 157 -33.50 34.55 13.85
C LYS A 157 -32.05 34.27 13.54
N SER A 158 -31.23 35.29 13.45
CA SER A 158 -29.81 35.09 13.27
C SER A 158 -29.29 34.47 14.54
N SER A 159 -28.28 33.61 14.43
CA SER A 159 -27.74 32.96 15.62
C SER A 159 -26.31 32.55 15.41
N PHE A 160 -25.83 31.65 16.24
CA PHE A 160 -24.46 31.22 16.12
C PHE A 160 -24.31 29.85 16.74
N TYR A 161 -23.11 29.30 16.68
CA TYR A 161 -22.83 28.00 17.22
C TYR A 161 -23.06 27.95 18.70
N ARG A 162 -23.72 26.90 19.15
CA ARG A 162 -24.03 26.74 20.54
C ARG A 162 -22.82 26.44 21.39
N ASN A 163 -21.72 25.95 20.81
CA ASN A 163 -20.56 25.69 21.64
C ASN A 163 -19.47 26.75 21.52
N LEU A 164 -19.71 27.79 20.70
CA LEU A 164 -18.69 28.81 20.43
C LEU A 164 -19.16 30.24 20.64
N LEU A 165 -18.25 31.12 21.02
CA LEU A 165 -18.63 32.50 21.20
C LEU A 165 -17.84 33.47 20.33
N TRP A 166 -18.54 34.29 19.58
CA TRP A 166 -17.87 35.21 18.67
C TRP A 166 -17.46 36.48 19.38
N LEU A 167 -16.17 36.71 19.58
CA LEU A 167 -15.81 37.90 20.34
C LEU A 167 -15.38 39.06 19.48
N THR A 168 -16.19 40.12 19.51
CA THR A 168 -15.96 41.33 18.73
C THR A 168 -15.68 42.44 19.73
N GLY A 169 -15.27 43.63 19.28
CA GLY A 169 -14.92 44.66 20.26
C GLY A 169 -16.12 45.31 20.94
N LYS A 170 -15.82 46.19 21.90
CA LYS A 170 -16.85 46.91 22.65
C LYS A 170 -16.47 48.37 22.77
N ASN A 171 -17.34 49.24 22.31
CA ASN A 171 -17.11 50.68 22.37
C ASN A 171 -15.81 51.11 21.69
N GLY A 172 -15.45 50.46 20.59
CA GLY A 172 -14.24 50.85 19.87
C GLY A 172 -12.96 50.13 20.32
N LEU A 173 -13.02 49.40 21.41
CA LEU A 173 -11.83 48.73 21.90
C LEU A 173 -11.88 47.23 21.80
N TYR A 174 -10.72 46.62 21.66
CA TYR A 174 -10.63 45.17 21.70
C TYR A 174 -9.49 44.79 22.63
N PRO A 175 -9.69 44.80 23.96
CA PRO A 175 -8.67 44.52 24.94
C PRO A 175 -8.13 43.15 24.69
N ASN A 176 -6.84 42.97 24.97
CA ASN A 176 -6.22 41.68 24.76
C ASN A 176 -6.89 40.59 25.56
N LEU A 177 -7.09 39.46 24.92
CA LEU A 177 -7.70 38.29 25.51
C LEU A 177 -6.62 37.39 26.04
N SER A 178 -6.73 37.01 27.32
CA SER A 178 -5.79 36.07 27.92
C SER A 178 -6.52 35.20 28.92
N LYS A 179 -6.77 33.97 28.54
CA LYS A 179 -7.53 33.03 29.37
C LYS A 179 -6.96 31.64 29.39
N SER A 180 -7.21 30.94 30.47
CA SER A 180 -6.77 29.57 30.52
C SER A 180 -7.72 28.68 31.26
N TYR A 181 -7.60 27.40 30.99
CA TYR A 181 -8.39 26.37 31.63
C TYR A 181 -7.59 25.16 32.02
N VAL A 182 -7.83 24.66 33.22
CA VAL A 182 -7.13 23.48 33.69
C VAL A 182 -8.02 22.26 33.61
N ASN A 183 -7.51 21.23 33.01
CA ASN A 183 -8.35 20.07 32.88
C ASN A 183 -8.38 19.22 34.12
N ASN A 184 -9.41 19.46 34.91
CA ASN A 184 -9.63 18.76 36.16
C ASN A 184 -10.80 17.78 36.02
N LYS A 185 -11.15 17.42 34.79
CA LYS A 185 -12.26 16.50 34.54
C LYS A 185 -11.88 15.02 34.59
N GLU A 186 -10.58 14.74 34.57
CA GLU A 186 -10.01 13.39 34.54
C GLU A 186 -10.42 12.60 33.30
N LYS A 187 -10.70 13.33 32.25
CA LYS A 187 -11.06 12.88 30.93
C LYS A 187 -10.31 13.74 29.95
N GLU A 188 -10.07 13.26 28.76
CA GLU A 188 -9.50 14.15 27.78
C GLU A 188 -10.59 15.15 27.45
N VAL A 189 -10.20 16.41 27.30
CA VAL A 189 -11.18 17.42 26.96
C VAL A 189 -11.00 18.02 25.61
N LEU A 190 -12.04 17.92 24.82
CA LEU A 190 -11.99 18.45 23.48
C LEU A 190 -12.38 19.89 23.47
N VAL A 191 -11.46 20.72 23.03
CA VAL A 191 -11.70 22.13 22.99
C VAL A 191 -11.72 22.57 21.55
N LEU A 192 -12.81 23.21 21.15
CA LEU A 192 -12.97 23.70 19.80
C LEU A 192 -12.85 25.21 19.82
N TRP A 193 -12.28 25.79 18.78
CA TRP A 193 -12.24 27.24 18.66
C TRP A 193 -12.07 27.59 17.21
N GLY A 194 -12.20 28.84 16.86
CA GLY A 194 -11.94 29.17 15.47
C GLY A 194 -11.30 30.53 15.26
N VAL A 195 -10.99 30.83 14.01
CA VAL A 195 -10.38 32.10 13.63
C VAL A 195 -11.15 32.72 12.47
N HIS A 196 -11.48 33.99 12.59
CA HIS A 196 -12.21 34.71 11.56
C HIS A 196 -11.29 35.37 10.56
N HIS A 197 -11.59 35.15 9.29
CA HIS A 197 -10.90 35.69 8.15
C HIS A 197 -11.88 36.53 7.31
N PRO A 198 -12.09 37.83 7.64
CA PRO A 198 -13.00 38.76 7.00
C PRO A 198 -12.69 38.90 5.52
N PRO A 199 -13.67 39.25 4.71
CA PRO A 199 -13.54 39.45 3.29
C PRO A 199 -12.73 40.68 2.90
N ASN A 200 -12.58 41.61 3.83
CA ASN A 200 -11.86 42.84 3.54
C ASN A 200 -11.39 43.55 4.80
N ILE A 201 -10.66 44.65 4.60
CA ILE A 201 -10.20 45.45 5.70
C ILE A 201 -11.32 46.22 6.36
N GLY A 202 -12.24 46.79 5.60
CA GLY A 202 -13.30 47.56 6.25
C GLY A 202 -14.03 46.73 7.30
N ASN A 203 -14.24 45.45 7.03
CA ASN A 203 -14.90 44.59 7.98
C ASN A 203 -13.94 44.24 9.10
N GLN A 204 -12.67 43.99 8.79
CA GLN A 204 -11.72 43.68 9.85
C GLN A 204 -11.65 44.80 10.87
N ARG A 205 -11.69 46.03 10.40
CA ARG A 205 -11.59 47.13 11.31
C ARG A 205 -12.88 47.34 12.09
N ALA A 206 -14.01 47.22 11.41
CA ALA A 206 -15.29 47.42 12.06
C ALA A 206 -15.52 46.46 13.22
N LEU A 207 -15.05 45.22 13.06
CA LEU A 207 -15.26 44.23 14.09
C LEU A 207 -14.19 44.13 15.16
N TYR A 208 -12.92 44.25 14.79
CA TYR A 208 -11.90 44.01 15.79
C TYR A 208 -11.04 45.22 16.14
N HIS A 209 -11.22 46.34 15.45
CA HIS A 209 -10.48 47.57 15.68
C HIS A 209 -8.98 47.42 15.58
N THR A 210 -8.54 46.60 14.64
CA THR A 210 -7.14 46.38 14.34
C THR A 210 -7.03 45.75 12.99
N GLU A 211 -5.94 46.01 12.29
CA GLU A 211 -5.68 45.34 11.02
C GLU A 211 -4.59 44.29 11.18
N ASN A 212 -4.14 44.11 12.42
CA ASN A 212 -3.05 43.21 12.72
C ASN A 212 -3.38 42.32 13.90
N ALA A 213 -4.39 41.48 13.71
CA ALA A 213 -4.82 40.57 14.74
C ALA A 213 -4.01 39.29 14.66
N TYR A 214 -3.86 38.64 15.78
CA TYR A 214 -3.26 37.33 15.85
C TYR A 214 -4.06 36.50 16.82
N VAL A 215 -3.99 35.17 16.64
CA VAL A 215 -4.58 34.25 17.61
C VAL A 215 -3.55 33.18 17.98
N SER A 216 -3.38 32.92 19.26
CA SER A 216 -2.41 31.91 19.68
C SER A 216 -2.94 30.95 20.74
N VAL A 217 -2.85 29.65 20.44
CA VAL A 217 -3.34 28.65 21.38
C VAL A 217 -2.24 27.67 21.76
N VAL A 218 -2.00 27.53 23.04
CA VAL A 218 -0.97 26.61 23.49
C VAL A 218 -1.41 25.70 24.65
N SER A 219 -0.69 24.60 24.83
CA SER A 219 -0.88 23.69 25.96
C SER A 219 0.52 23.25 26.30
N SER A 220 0.73 22.27 27.18
CA SER A 220 2.13 21.98 27.46
C SER A 220 2.85 21.56 26.21
N HIS A 221 2.17 20.81 25.32
CA HIS A 221 2.79 20.34 24.11
C HIS A 221 2.16 20.86 22.80
N TYR A 222 0.94 21.39 22.86
CA TYR A 222 0.28 21.90 21.66
C TYR A 222 0.70 23.32 21.42
N SER A 223 1.04 23.68 20.20
CA SER A 223 1.34 25.08 19.96
C SER A 223 1.04 25.52 18.55
N ARG A 224 0.11 26.44 18.41
CA ARG A 224 -0.22 26.94 17.09
C ARG A 224 -0.57 28.42 17.10
N ARG A 225 -0.08 29.16 16.12
CA ARG A 225 -0.43 30.57 15.98
C ARG A 225 -1.10 30.74 14.66
N PHE A 226 -2.12 31.58 14.63
CA PHE A 226 -2.88 31.81 13.42
C PHE A 226 -2.81 33.28 13.08
N THR A 227 -2.86 33.59 11.80
CA THR A 227 -2.96 34.98 11.37
C THR A 227 -4.16 35.05 10.43
N PRO A 228 -5.13 35.96 10.62
CA PRO A 228 -6.23 36.14 9.72
C PRO A 228 -5.71 36.52 8.36
N GLU A 229 -6.26 35.93 7.31
CA GLU A 229 -5.85 36.24 5.96
C GLU A 229 -7.03 36.90 5.28
N ILE A 230 -6.94 38.21 5.15
CA ILE A 230 -8.05 38.99 4.64
C ILE A 230 -8.10 38.88 3.15
N ALA A 231 -9.23 38.46 2.63
CA ALA A 231 -9.31 38.31 1.19
C ALA A 231 -10.71 38.23 0.68
N LYS A 232 -10.90 38.67 -0.54
CA LYS A 232 -12.17 38.45 -1.17
C LYS A 232 -12.23 36.97 -1.44
N ARG A 233 -13.32 36.33 -1.14
CA ARG A 233 -13.47 34.92 -1.40
C ARG A 233 -14.85 34.75 -2.03
N PRO A 234 -15.14 33.66 -2.75
CA PRO A 234 -16.45 33.38 -3.30
C PRO A 234 -17.45 33.29 -2.17
N LYS A 235 -18.69 33.69 -2.40
CA LYS A 235 -19.67 33.57 -1.35
C LYS A 235 -20.09 32.14 -1.11
N VAL A 236 -20.10 31.76 0.16
CA VAL A 236 -20.59 30.47 0.57
C VAL A 236 -21.63 30.73 1.64
N ARG A 237 -22.85 30.26 1.45
CA ARG A 237 -23.94 30.56 2.40
C ARG A 237 -24.05 32.06 2.58
N ASP A 238 -23.87 32.77 1.46
CA ASP A 238 -23.91 34.22 1.31
C ASP A 238 -22.82 34.97 2.07
N GLN A 239 -21.84 34.26 2.64
CA GLN A 239 -20.79 34.95 3.36
C GLN A 239 -19.56 35.09 2.51
N GLU A 240 -18.98 36.27 2.46
CA GLU A 240 -17.76 36.43 1.68
C GLU A 240 -16.53 36.03 2.48
N GLY A 241 -16.60 36.16 3.79
CA GLY A 241 -15.46 35.79 4.61
C GLY A 241 -15.59 34.36 5.04
N ARG A 242 -14.65 33.93 5.89
CA ARG A 242 -14.65 32.56 6.40
C ARG A 242 -14.22 32.47 7.85
N ILE A 243 -14.72 31.48 8.56
CA ILE A 243 -14.22 31.16 9.91
C ILE A 243 -13.68 29.77 9.93
N ASN A 244 -12.41 29.61 10.29
CA ASN A 244 -11.84 28.26 10.29
C ASN A 244 -11.97 27.67 11.67
N TYR A 245 -11.98 26.35 11.75
CA TYR A 245 -12.12 25.70 13.03
C TYR A 245 -10.93 24.84 13.35
N TYR A 246 -10.52 24.91 14.60
CA TYR A 246 -9.37 24.20 15.08
C TYR A 246 -9.68 23.50 16.40
N TRP A 247 -8.95 22.43 16.70
CA TRP A 247 -9.20 21.75 17.96
C TRP A 247 -8.03 21.03 18.52
N THR A 248 -8.10 20.76 19.80
CA THR A 248 -7.09 19.95 20.47
C THR A 248 -7.69 19.21 21.64
N LEU A 249 -7.05 18.12 22.02
CA LEU A 249 -7.49 17.37 23.18
C LEU A 249 -6.58 17.66 24.34
N LEU A 250 -7.13 18.26 25.37
CA LEU A 250 -6.34 18.63 26.51
C LEU A 250 -6.24 17.43 27.45
N GLU A 251 -5.04 17.07 27.84
CA GLU A 251 -4.86 15.94 28.73
C GLU A 251 -5.24 16.32 30.14
N PRO A 252 -5.73 15.41 30.97
CA PRO A 252 -6.00 15.66 32.37
C PRO A 252 -4.77 16.20 33.03
N GLY A 253 -4.96 17.25 33.81
CA GLY A 253 -3.92 17.90 34.56
C GLY A 253 -3.23 19.01 33.80
N ASP A 254 -3.46 19.14 32.49
CA ASP A 254 -2.76 20.18 31.78
C ASP A 254 -3.56 21.48 31.75
N THR A 255 -2.97 22.50 31.14
CA THR A 255 -3.61 23.80 31.01
C THR A 255 -3.63 24.28 29.57
N ILE A 256 -4.79 24.74 29.11
CA ILE A 256 -4.86 25.31 27.75
C ILE A 256 -4.92 26.80 27.88
N ILE A 257 -4.07 27.50 27.11
CA ILE A 257 -4.01 28.95 27.15
C ILE A 257 -4.34 29.60 25.81
N PHE A 258 -5.27 30.53 25.85
CA PHE A 258 -5.67 31.31 24.70
C PHE A 258 -5.24 32.75 24.81
N GLU A 259 -4.53 33.23 23.78
CA GLU A 259 -4.11 34.62 23.70
C GLU A 259 -4.53 35.21 22.35
N ALA A 260 -5.17 36.36 22.36
CA ALA A 260 -5.56 36.94 21.07
C ALA A 260 -5.84 38.43 21.15
N ASN A 261 -5.70 39.12 20.03
CA ASN A 261 -6.09 40.53 20.01
C ASN A 261 -7.11 40.77 18.95
N GLY A 262 -7.81 39.72 18.55
CA GLY A 262 -8.83 39.86 17.55
C GLY A 262 -9.00 38.61 16.75
N ASN A 263 -10.15 38.53 16.11
CA ASN A 263 -10.60 37.49 15.20
C ASN A 263 -10.77 36.11 15.82
N LEU A 264 -10.86 36.02 17.15
CA LEU A 264 -11.06 34.74 17.81
C LEU A 264 -12.51 34.41 18.06
N ILE A 265 -12.87 33.18 17.70
CA ILE A 265 -14.15 32.63 18.04
C ILE A 265 -13.82 31.74 19.21
N ALA A 266 -14.21 32.19 20.38
CA ALA A 266 -13.78 31.59 21.62
C ALA A 266 -14.47 30.29 21.92
N PRO A 267 -13.83 29.36 22.59
CA PRO A 267 -14.47 28.17 23.07
C PRO A 267 -15.45 28.64 24.11
N TRP A 268 -16.63 28.05 24.14
CA TRP A 268 -17.62 28.38 25.16
C TRP A 268 -17.85 27.10 25.93
N TYR A 269 -18.19 26.03 25.19
CA TYR A 269 -18.40 24.69 25.71
C TYR A 269 -17.30 23.75 25.28
N ALA A 270 -17.07 22.73 26.07
CA ALA A 270 -16.07 21.72 25.77
C ALA A 270 -16.58 20.35 26.15
N PHE A 271 -15.98 19.34 25.55
CA PHE A 271 -16.45 17.98 25.80
C PHE A 271 -15.48 17.12 26.59
N ALA A 272 -15.93 16.61 27.74
CA ALA A 272 -15.09 15.72 28.53
C ALA A 272 -15.40 14.31 28.05
N LEU A 273 -14.44 13.69 27.38
CA LEU A 273 -14.71 12.43 26.69
C LEU A 273 -14.35 11.17 27.41
N SER A 274 -15.14 10.13 27.15
CA SER A 274 -14.87 8.80 27.66
C SER A 274 -14.85 7.79 26.51
N ARG A 275 -13.65 7.28 26.28
CA ARG A 275 -13.33 6.36 25.19
C ARG A 275 -13.61 4.91 25.54
N GLY A 276 -13.83 4.08 24.52
CA GLY A 276 -14.02 2.65 24.67
C GLY A 276 -13.82 1.92 23.35
N PHE A 277 -14.26 0.66 23.29
CA PHE A 277 -14.02 -0.13 22.10
C PHE A 277 -15.27 -0.79 21.56
N GLY A 278 -15.29 -1.00 20.24
CA GLY A 278 -16.37 -1.68 19.52
C GLY A 278 -17.30 -0.69 18.83
N SER A 279 -17.20 0.56 19.20
CA SER A 279 -17.96 1.63 18.60
C SER A 279 -17.31 2.01 17.28
N GLY A 280 -18.03 2.78 16.46
CA GLY A 280 -17.51 3.27 15.19
C GLY A 280 -18.53 4.18 14.52
N ILE A 281 -18.15 4.76 13.38
CA ILE A 281 -19.03 5.68 12.66
C ILE A 281 -19.44 5.11 11.32
N ILE A 282 -20.73 5.06 11.08
CA ILE A 282 -21.23 4.59 9.81
C ILE A 282 -22.18 5.60 9.21
N THR A 283 -22.38 5.46 7.92
CA THR A 283 -23.30 6.31 7.23
C THR A 283 -24.48 5.45 6.83
N SER A 284 -25.67 5.86 7.24
CA SER A 284 -26.86 5.05 6.97
C SER A 284 -28.16 5.80 7.00
N ASN A 285 -29.03 5.49 6.05
CA ASN A 285 -30.38 6.04 6.02
C ASN A 285 -31.42 5.02 6.42
N ALA A 286 -30.97 3.93 7.05
CA ALA A 286 -31.88 2.91 7.52
C ALA A 286 -32.60 3.54 8.72
N PRO A 287 -33.86 3.20 9.01
CA PRO A 287 -34.59 3.65 10.18
C PRO A 287 -34.10 2.97 11.43
N MET A 288 -34.21 3.66 12.55
CA MET A 288 -33.95 3.06 13.84
C MET A 288 -35.22 2.50 14.41
N ASP A 289 -35.12 1.39 15.13
CA ASP A 289 -36.29 0.82 15.78
C ASP A 289 -35.97 0.15 17.11
N GLU A 290 -37.01 -0.36 17.74
CA GLU A 290 -36.88 -1.06 19.02
C GLU A 290 -36.50 -2.52 18.81
N CYS A 291 -35.22 -2.75 18.49
CA CYS A 291 -34.63 -4.04 18.17
C CYS A 291 -33.22 -4.05 18.71
N ASP A 292 -32.64 -5.23 18.77
CA ASP A 292 -31.30 -5.42 19.30
C ASP A 292 -30.62 -6.54 18.56
N ALA A 293 -29.35 -6.34 18.23
CA ALA A 293 -28.56 -7.32 17.51
C ALA A 293 -27.11 -7.23 17.95
N LYS A 294 -26.36 -8.30 17.79
CA LYS A 294 -24.94 -8.20 18.11
C LYS A 294 -24.00 -7.79 16.94
N CYS A 295 -24.56 -7.63 15.71
CA CYS A 295 -23.92 -7.27 14.45
C CYS A 295 -24.84 -6.33 13.65
N GLN A 296 -24.26 -5.24 13.15
CA GLN A 296 -25.01 -4.24 12.39
C GLN A 296 -24.29 -3.77 11.13
N THR A 297 -25.00 -3.74 9.98
CA THR A 297 -24.37 -3.21 8.79
C THR A 297 -25.11 -1.91 8.52
N PRO A 298 -24.60 -1.01 7.67
CA PRO A 298 -25.29 0.20 7.25
C PRO A 298 -26.65 -0.04 6.59
N GLN A 299 -26.94 -1.24 6.09
CA GLN A 299 -28.24 -1.44 5.47
C GLN A 299 -29.23 -2.05 6.44
N GLY A 300 -28.76 -2.41 7.63
CA GLY A 300 -29.59 -3.09 8.59
C GLY A 300 -28.83 -4.16 9.39
N ALA A 301 -29.41 -4.52 10.53
CA ALA A 301 -28.88 -5.49 11.47
C ALA A 301 -28.87 -6.93 11.02
N ILE A 302 -27.85 -7.65 11.47
CA ILE A 302 -27.66 -9.08 11.21
C ILE A 302 -27.83 -9.90 12.47
N ASN A 303 -28.66 -10.93 12.37
CA ASN A 303 -28.89 -11.83 13.49
C ASN A 303 -28.61 -13.26 13.06
N SER A 304 -27.32 -13.60 13.04
CA SER A 304 -26.84 -14.87 12.54
C SER A 304 -25.54 -15.28 13.18
N SER A 305 -25.36 -16.59 13.34
CA SER A 305 -24.17 -17.18 13.94
C SER A 305 -23.23 -17.86 12.93
N LEU A 306 -23.48 -17.69 11.64
CA LEU A 306 -22.66 -18.33 10.64
C LEU A 306 -21.28 -17.66 10.58
N PRO A 307 -20.21 -18.39 10.20
CA PRO A 307 -18.86 -17.87 10.06
C PRO A 307 -18.67 -16.86 8.94
N PHE A 308 -19.55 -16.86 7.92
CA PHE A 308 -19.40 -15.92 6.82
C PHE A 308 -20.66 -15.16 6.49
N GLN A 309 -20.51 -13.98 5.92
CA GLN A 309 -21.63 -13.22 5.39
C GLN A 309 -21.24 -12.57 4.07
N ASN A 310 -22.23 -12.35 3.22
CA ASN A 310 -21.97 -11.66 1.96
C ASN A 310 -22.87 -10.46 1.83
N VAL A 311 -23.20 -9.88 2.98
CA VAL A 311 -24.08 -8.74 3.04
C VAL A 311 -23.35 -7.41 2.90
N HIS A 312 -22.27 -7.20 3.67
CA HIS A 312 -21.62 -5.90 3.56
C HIS A 312 -20.18 -5.91 4.14
N PRO A 313 -19.21 -5.21 3.53
CA PRO A 313 -17.86 -5.04 4.04
C PRO A 313 -17.70 -4.19 5.31
N VAL A 314 -18.68 -3.35 5.65
CA VAL A 314 -18.58 -2.52 6.85
C VAL A 314 -19.54 -2.98 7.91
N THR A 315 -19.00 -3.33 9.06
CA THR A 315 -19.88 -3.82 10.08
C THR A 315 -19.53 -3.34 11.47
N ILE A 316 -20.52 -3.34 12.34
CA ILE A 316 -20.33 -3.01 13.74
C ILE A 316 -20.76 -4.19 14.60
N GLY A 317 -19.94 -4.55 15.58
CA GLY A 317 -20.29 -5.65 16.46
C GLY A 317 -19.55 -6.94 16.14
N GLU A 318 -20.11 -8.04 16.61
CA GLU A 318 -19.52 -9.37 16.50
C GLU A 318 -20.19 -10.07 15.31
N CYS A 319 -19.53 -10.02 14.15
CA CYS A 319 -20.05 -10.38 12.84
C CYS A 319 -19.39 -11.59 12.16
N PRO A 320 -20.10 -12.22 11.21
CA PRO A 320 -19.56 -13.21 10.29
C PRO A 320 -18.54 -12.50 9.44
N LYS A 321 -17.54 -13.20 8.93
CA LYS A 321 -16.54 -12.58 8.09
C LYS A 321 -17.10 -12.30 6.69
N TYR A 322 -16.78 -11.13 6.13
CA TYR A 322 -17.29 -10.80 4.82
C TYR A 322 -16.51 -11.44 3.69
N VAL A 323 -17.24 -12.10 2.80
CA VAL A 323 -16.71 -12.74 1.60
C VAL A 323 -17.52 -12.35 0.39
N ARG A 324 -16.94 -12.53 -0.79
CA ARG A 324 -17.64 -12.23 -2.04
C ARG A 324 -18.39 -13.43 -2.60
N SER A 325 -18.34 -14.53 -1.85
CA SER A 325 -18.95 -15.78 -2.24
C SER A 325 -20.45 -15.68 -2.36
N ALA A 326 -21.03 -16.37 -3.34
CA ALA A 326 -22.49 -16.40 -3.46
C ALA A 326 -23.11 -17.44 -2.54
N LYS A 327 -22.39 -18.55 -2.38
CA LYS A 327 -22.85 -19.67 -1.56
C LYS A 327 -21.68 -20.43 -0.98
N LEU A 328 -21.82 -20.88 0.24
CA LEU A 328 -20.86 -21.74 0.90
C LEU A 328 -21.61 -22.84 1.61
N ARG A 329 -22.19 -23.75 0.82
CA ARG A 329 -22.95 -24.84 1.41
C ARG A 329 -22.07 -26.06 1.49
N MET A 330 -22.01 -26.60 2.68
CA MET A 330 -21.24 -27.77 3.00
C MET A 330 -22.17 -28.96 3.15
N VAL A 331 -21.73 -30.14 2.72
CA VAL A 331 -22.57 -31.34 2.87
C VAL A 331 -22.27 -32.07 4.13
N THR A 332 -23.31 -32.51 4.82
CA THR A 332 -23.10 -33.29 6.01
C THR A 332 -23.64 -34.71 5.84
N GLY A 333 -24.56 -34.90 4.88
CA GLY A 333 -25.22 -36.19 4.67
C GLY A 333 -24.68 -36.97 3.48
N LEU A 334 -25.53 -37.79 2.91
CA LEU A 334 -25.19 -38.72 1.84
C LEU A 334 -25.58 -38.19 0.49
N ARG A 335 -24.98 -38.72 -0.57
CA ARG A 335 -25.47 -38.30 -1.88
C ARG A 335 -26.92 -38.75 -1.88
N ASN A 336 -27.83 -37.88 -2.28
CA ASN A 336 -29.24 -38.24 -2.22
C ASN A 336 -29.70 -39.00 -3.42
N ILE A 337 -29.27 -40.22 -3.51
CA ILE A 337 -29.61 -41.04 -4.65
C ILE A 337 -30.36 -42.28 -4.22
N PRO A 338 -31.71 -42.32 -4.29
CA PRO A 338 -32.60 -43.42 -3.90
C PRO A 338 -32.59 -44.53 -4.95
N SER A 339 -32.93 -45.78 -4.53
CA SER A 339 -33.19 -47.02 -5.31
C SER A 339 -32.62 -48.22 -4.54
N GLY B 1 -18.82 -40.73 -3.74
CA GLY B 1 -17.46 -40.86 -3.30
C GLY B 1 -16.70 -41.82 -4.23
N LEU B 2 -15.38 -42.04 -3.96
CA LEU B 2 -14.47 -42.90 -4.76
C LEU B 2 -14.36 -44.37 -4.30
N PHE B 3 -15.19 -44.81 -3.34
CA PHE B 3 -15.16 -46.20 -2.89
C PHE B 3 -16.17 -47.03 -3.71
N GLY B 4 -17.18 -46.35 -4.29
CA GLY B 4 -18.18 -46.97 -5.19
C GLY B 4 -19.36 -47.71 -4.56
N ALA B 5 -19.76 -47.31 -3.36
CA ALA B 5 -20.87 -47.97 -2.70
C ALA B 5 -22.17 -47.22 -2.89
N ILE B 6 -22.11 -45.89 -2.79
CA ILE B 6 -23.32 -45.10 -2.85
C ILE B 6 -23.74 -44.97 -4.28
N ALA B 7 -24.89 -45.59 -4.55
CA ALA B 7 -25.50 -45.74 -5.86
C ALA B 7 -24.57 -46.50 -6.81
N GLY B 8 -23.76 -47.39 -6.23
CA GLY B 8 -22.78 -48.23 -6.92
C GLY B 8 -23.14 -49.67 -6.71
N PHE B 9 -22.38 -50.37 -5.83
CA PHE B 9 -22.73 -51.75 -5.58
C PHE B 9 -24.11 -51.80 -4.91
N ILE B 10 -24.50 -50.71 -4.22
CA ILE B 10 -25.80 -50.57 -3.65
C ILE B 10 -26.50 -49.77 -4.73
N GLU B 11 -27.60 -50.25 -5.29
CA GLU B 11 -28.22 -49.59 -6.45
C GLU B 11 -28.64 -48.15 -6.18
N GLY B 12 -29.05 -47.87 -4.96
CA GLY B 12 -29.46 -46.55 -4.54
C GLY B 12 -29.90 -46.68 -3.11
N GLY B 13 -30.21 -45.57 -2.46
CA GLY B 13 -30.60 -45.64 -1.07
C GLY B 13 -32.04 -45.97 -0.82
N TRP B 14 -32.32 -46.12 0.44
CA TRP B 14 -33.59 -46.49 0.94
C TRP B 14 -34.38 -45.36 1.53
N THR B 15 -35.49 -45.05 0.91
CA THR B 15 -36.33 -43.98 1.38
C THR B 15 -37.20 -44.50 2.51
N GLY B 16 -37.19 -45.82 2.65
CA GLY B 16 -37.93 -46.53 3.67
C GLY B 16 -37.09 -46.69 4.94
N MET B 17 -35.84 -46.20 4.95
CA MET B 17 -35.05 -46.33 6.15
C MET B 17 -35.02 -44.93 6.72
N VAL B 18 -35.47 -44.75 7.95
CA VAL B 18 -35.56 -43.40 8.49
C VAL B 18 -34.85 -43.14 9.81
N ASP B 19 -34.25 -44.16 10.39
CA ASP B 19 -33.61 -44.07 11.68
C ASP B 19 -32.08 -43.92 11.64
N GLY B 20 -31.52 -43.61 10.48
CA GLY B 20 -30.08 -43.46 10.37
C GLY B 20 -29.63 -43.27 8.94
N TRP B 21 -28.32 -43.34 8.73
CA TRP B 21 -27.72 -43.14 7.43
C TRP B 21 -27.32 -44.46 6.81
N TYR B 22 -26.81 -45.34 7.64
CA TYR B 22 -26.30 -46.60 7.18
C TYR B 22 -27.14 -47.67 7.79
N GLY B 23 -27.36 -48.76 7.10
CA GLY B 23 -28.18 -49.80 7.69
C GLY B 23 -28.40 -51.01 6.84
N TYR B 24 -29.40 -51.77 7.26
CA TYR B 24 -29.72 -53.04 6.67
C TYR B 24 -31.18 -53.16 6.26
N HIS B 25 -31.40 -54.05 5.33
CA HIS B 25 -32.73 -54.47 4.93
C HIS B 25 -32.76 -55.97 4.95
N HIS B 26 -33.84 -56.56 5.43
CA HIS B 26 -33.86 -58.00 5.43
C HIS B 26 -35.19 -58.57 5.05
N GLN B 27 -35.13 -59.82 4.61
CA GLN B 27 -36.32 -60.59 4.35
C GLN B 27 -36.13 -62.08 4.65
N ASN B 28 -37.06 -62.63 5.44
CA ASN B 28 -37.10 -64.05 5.75
C ASN B 28 -38.55 -64.46 6.02
N GLU B 29 -38.78 -65.72 6.36
CA GLU B 29 -40.14 -66.22 6.58
C GLU B 29 -40.85 -65.60 7.77
N GLN B 30 -40.10 -65.02 8.68
CA GLN B 30 -40.65 -64.41 9.88
C GLN B 30 -40.81 -62.90 9.77
N GLY B 31 -40.55 -62.32 8.59
CA GLY B 31 -40.72 -60.89 8.46
C GLY B 31 -39.69 -60.19 7.56
N SER B 32 -39.85 -58.88 7.44
CA SER B 32 -38.99 -58.08 6.61
C SER B 32 -38.99 -56.65 7.09
N GLY B 33 -38.02 -55.87 6.63
CA GLY B 33 -38.01 -54.45 6.95
C GLY B 33 -36.64 -53.81 6.88
N TYR B 34 -36.58 -52.55 7.31
CA TYR B 34 -35.35 -51.78 7.28
C TYR B 34 -34.99 -51.44 8.70
N ALA B 35 -33.70 -51.35 8.97
CA ALA B 35 -33.22 -50.88 10.26
C ALA B 35 -31.86 -50.23 10.11
N ALA B 36 -31.62 -49.16 10.82
CA ALA B 36 -30.32 -48.52 10.73
C ALA B 36 -29.30 -49.21 11.59
N ASP B 37 -28.06 -49.09 11.16
CA ASP B 37 -26.94 -49.53 11.94
C ASP B 37 -26.51 -48.33 12.76
N GLN B 38 -26.89 -48.34 14.04
CA GLN B 38 -26.64 -47.18 14.85
C GLN B 38 -25.20 -46.95 15.18
N LYS B 39 -24.39 -47.99 15.29
CA LYS B 39 -23.01 -47.71 15.62
C LYS B 39 -22.36 -46.96 14.48
N SER B 40 -22.65 -47.38 13.24
CA SER B 40 -22.06 -46.72 12.09
C SER B 40 -22.60 -45.31 11.92
N THR B 41 -23.92 -45.14 12.04
CA THR B 41 -24.49 -43.83 11.84
C THR B 41 -24.05 -42.86 12.90
N GLN B 42 -24.02 -43.27 14.16
CA GLN B 42 -23.66 -42.31 15.17
C GLN B 42 -22.19 -41.94 15.08
N ASN B 43 -21.31 -42.88 14.68
CA ASN B 43 -19.93 -42.48 14.55
C ASN B 43 -19.78 -41.50 13.39
N ALA B 44 -20.54 -41.72 12.31
CA ALA B 44 -20.47 -40.81 11.17
C ALA B 44 -20.94 -39.42 11.55
N ILE B 45 -21.99 -39.35 12.38
CA ILE B 45 -22.51 -38.06 12.80
C ILE B 45 -21.51 -37.33 13.62
N ASN B 46 -20.88 -37.99 14.58
CA ASN B 46 -19.93 -37.26 15.40
C ASN B 46 -18.70 -36.84 14.62
N GLY B 47 -18.26 -37.66 13.68
CA GLY B 47 -17.10 -37.31 12.88
C GLY B 47 -17.38 -36.05 12.07
N ILE B 48 -18.49 -36.07 11.36
CA ILE B 48 -18.84 -34.92 10.55
C ILE B 48 -19.13 -33.72 11.40
N THR B 49 -19.86 -33.89 12.49
CA THR B 49 -20.15 -32.76 13.33
C THR B 49 -18.87 -32.11 13.80
N ASN B 50 -17.85 -32.88 14.23
CA ASN B 50 -16.61 -32.26 14.66
C ASN B 50 -15.96 -31.49 13.53
N LYS B 51 -15.99 -32.05 12.31
CA LYS B 51 -15.42 -31.37 11.15
C LYS B 51 -16.14 -30.09 10.78
N VAL B 52 -17.47 -30.10 10.77
CA VAL B 52 -18.22 -28.91 10.39
C VAL B 52 -18.03 -27.85 11.41
N ASN B 53 -18.11 -28.23 12.67
CA ASN B 53 -17.95 -27.25 13.70
C ASN B 53 -16.52 -26.77 13.71
N SER B 54 -15.52 -27.60 13.40
CA SER B 54 -14.17 -27.10 13.38
C SER B 54 -14.06 -25.98 12.34
N VAL B 55 -14.69 -26.17 11.19
CA VAL B 55 -14.65 -25.12 10.17
C VAL B 55 -15.28 -23.82 10.68
N ILE B 56 -16.41 -23.91 11.37
CA ILE B 56 -17.04 -22.71 11.91
C ILE B 56 -16.29 -22.11 13.11
N GLU B 57 -15.90 -22.95 14.05
CA GLU B 57 -15.24 -22.61 15.31
C GLU B 57 -13.88 -21.97 15.13
N LYS B 58 -13.14 -22.38 14.12
CA LYS B 58 -11.82 -21.83 13.91
C LYS B 58 -11.88 -20.50 13.18
N MET B 59 -13.07 -20.08 12.76
CA MET B 59 -13.16 -18.80 12.10
C MET B 59 -13.28 -17.76 13.17
N ASN B 60 -12.44 -16.76 13.14
CA ASN B 60 -12.49 -15.74 14.15
C ASN B 60 -13.66 -14.82 13.89
N THR B 61 -14.19 -14.27 14.96
CA THR B 61 -15.26 -13.29 14.91
C THR B 61 -14.77 -12.02 14.25
N GLN B 62 -15.60 -11.44 13.40
CA GLN B 62 -15.26 -10.18 12.80
C GLN B 62 -15.70 -9.10 13.75
N PHE B 63 -14.79 -8.24 14.13
CA PHE B 63 -15.09 -7.16 15.04
C PHE B 63 -15.31 -5.87 14.29
N THR B 64 -15.89 -4.89 14.95
CA THR B 64 -16.18 -3.64 14.29
C THR B 64 -15.01 -3.16 13.45
N ALA B 65 -15.33 -2.89 12.19
CA ALA B 65 -14.38 -2.43 11.21
C ALA B 65 -15.10 -1.56 10.21
N VAL B 66 -14.51 -0.40 9.99
CA VAL B 66 -15.06 0.61 9.11
C VAL B 66 -14.05 1.09 8.11
N GLY B 67 -14.52 1.81 7.10
CA GLY B 67 -13.59 2.38 6.14
C GLY B 67 -13.12 3.67 6.75
N LYS B 68 -12.33 4.43 6.04
CA LYS B 68 -11.83 5.67 6.61
C LYS B 68 -12.00 6.79 5.62
N GLU B 69 -12.36 7.94 6.15
CA GLU B 69 -12.48 9.14 5.38
C GLU B 69 -11.12 9.75 5.11
N PHE B 70 -10.93 10.21 3.88
CA PHE B 70 -9.71 10.89 3.47
C PHE B 70 -10.07 12.13 2.67
N ASN B 71 -9.21 13.14 2.70
CA ASN B 71 -9.51 14.33 1.91
C ASN B 71 -8.94 14.12 0.50
N LYS B 72 -9.06 15.10 -0.37
CA LYS B 72 -8.68 14.90 -1.76
C LYS B 72 -7.18 14.93 -2.05
N LEU B 73 -6.40 15.29 -1.04
CA LEU B 73 -4.95 15.32 -1.16
C LEU B 73 -4.32 14.18 -0.37
N GLU B 74 -5.14 13.20 -0.02
CA GLU B 74 -4.71 12.00 0.70
C GLU B 74 -5.05 10.74 -0.09
N ARG B 75 -5.00 10.82 -1.43
CA ARG B 75 -5.39 9.67 -2.24
C ARG B 75 -4.46 8.50 -2.07
N ARG B 76 -3.17 8.74 -1.84
CA ARG B 76 -2.30 7.60 -1.70
C ARG B 76 -2.67 6.79 -0.46
N MET B 77 -3.10 7.45 0.61
CA MET B 77 -3.46 6.71 1.79
C MET B 77 -4.79 6.03 1.60
N GLU B 78 -5.70 6.68 0.88
CA GLU B 78 -6.98 6.06 0.63
C GLU B 78 -6.79 4.78 -0.14
N ASN B 79 -5.92 4.82 -1.14
CA ASN B 79 -5.69 3.66 -1.94
C ASN B 79 -4.93 2.58 -1.20
N LEU B 80 -4.05 2.94 -0.25
CA LEU B 80 -3.39 1.90 0.51
C LEU B 80 -4.42 1.20 1.36
N ASN B 81 -5.34 1.94 1.96
CA ASN B 81 -6.36 1.27 2.77
C ASN B 81 -7.26 0.40 1.92
N LYS B 82 -7.59 0.85 0.70
CA LYS B 82 -8.42 0.00 -0.13
C LYS B 82 -7.64 -1.25 -0.53
N LYS B 83 -6.37 -1.10 -0.88
CA LYS B 83 -5.56 -2.24 -1.29
C LYS B 83 -5.56 -3.30 -0.21
N VAL B 84 -5.43 -2.87 1.04
CA VAL B 84 -5.43 -3.80 2.13
C VAL B 84 -6.77 -4.50 2.24
N ASP B 85 -7.87 -3.76 2.17
CA ASP B 85 -9.17 -4.41 2.26
C ASP B 85 -9.44 -5.36 1.12
N ASP B 86 -9.03 -5.02 -0.10
CA ASP B 86 -9.29 -5.90 -1.21
C ASP B 86 -8.43 -7.13 -1.13
N GLY B 87 -7.18 -6.99 -0.72
CA GLY B 87 -6.33 -8.15 -0.63
C GLY B 87 -6.89 -9.12 0.37
N PHE B 88 -7.35 -8.62 1.52
CA PHE B 88 -7.88 -9.52 2.52
C PHE B 88 -9.18 -10.14 2.06
N LEU B 89 -10.03 -9.39 1.40
CA LEU B 89 -11.29 -9.94 0.95
C LEU B 89 -11.11 -11.02 -0.09
N ASP B 90 -10.20 -10.82 -1.03
CA ASP B 90 -10.01 -11.81 -2.07
C ASP B 90 -9.34 -13.07 -1.50
N ILE B 91 -8.45 -12.91 -0.51
CA ILE B 91 -7.85 -14.10 0.11
C ILE B 91 -8.90 -14.88 0.87
N TRP B 92 -9.72 -14.21 1.67
CA TRP B 92 -10.71 -14.95 2.42
C TRP B 92 -11.79 -15.55 1.55
N THR B 93 -12.14 -14.89 0.45
CA THR B 93 -13.14 -15.45 -0.42
C THR B 93 -12.59 -16.74 -1.02
N TYR B 94 -11.33 -16.69 -1.47
CA TYR B 94 -10.65 -17.83 -2.05
C TYR B 94 -10.56 -18.98 -1.07
N ASN B 95 -10.10 -18.72 0.15
CA ASN B 95 -9.97 -19.79 1.09
C ASN B 95 -11.32 -20.33 1.52
N ALA B 96 -12.34 -19.49 1.65
CA ALA B 96 -13.61 -20.00 2.06
C ALA B 96 -14.19 -20.95 1.03
N GLU B 97 -14.09 -20.59 -0.25
CA GLU B 97 -14.67 -21.45 -1.26
C GLU B 97 -13.85 -22.69 -1.46
N LEU B 98 -12.54 -22.56 -1.37
CA LEU B 98 -11.67 -23.68 -1.58
C LEU B 98 -11.84 -24.71 -0.49
N LEU B 99 -11.92 -24.26 0.76
CA LEU B 99 -12.08 -25.21 1.82
C LEU B 99 -13.41 -25.92 1.71
N VAL B 100 -14.48 -25.21 1.40
CA VAL B 100 -15.75 -25.90 1.33
C VAL B 100 -15.72 -26.94 0.23
N LEU B 101 -15.16 -26.63 -0.94
CA LEU B 101 -15.15 -27.63 -1.99
C LEU B 101 -14.29 -28.84 -1.64
N LEU B 102 -13.14 -28.62 -1.01
CA LEU B 102 -12.29 -29.74 -0.68
C LEU B 102 -12.97 -30.62 0.35
N GLU B 103 -13.64 -30.00 1.32
CA GLU B 103 -14.29 -30.76 2.36
C GLU B 103 -15.56 -31.44 1.87
N ASN B 104 -16.30 -30.84 0.95
CA ASN B 104 -17.48 -31.53 0.50
C ASN B 104 -17.09 -32.81 -0.21
N GLU B 105 -16.00 -32.79 -0.96
CA GLU B 105 -15.60 -33.98 -1.65
C GLU B 105 -15.14 -35.05 -0.67
N ARG B 106 -14.38 -34.64 0.35
CA ARG B 106 -13.89 -35.60 1.32
C ARG B 106 -15.03 -36.20 2.13
N THR B 107 -16.06 -35.40 2.42
CA THR B 107 -17.19 -35.89 3.17
C THR B 107 -17.89 -36.98 2.41
N LEU B 108 -18.07 -36.81 1.13
CA LEU B 108 -18.75 -37.86 0.40
C LEU B 108 -17.89 -39.13 0.37
N ASP B 109 -16.54 -39.01 0.29
CA ASP B 109 -15.69 -40.20 0.33
C ASP B 109 -15.77 -40.91 1.69
N PHE B 110 -15.87 -40.12 2.75
CA PHE B 110 -16.01 -40.62 4.10
C PHE B 110 -17.23 -41.51 4.21
N HIS B 111 -18.35 -41.01 3.73
CA HIS B 111 -19.57 -41.78 3.82
C HIS B 111 -19.55 -43.02 2.93
N ASP B 112 -18.94 -42.89 1.76
CA ASP B 112 -18.93 -44.00 0.84
C ASP B 112 -18.08 -45.13 1.42
N SER B 113 -16.97 -44.83 2.08
CA SER B 113 -16.21 -45.90 2.71
C SER B 113 -16.99 -46.54 3.83
N ASN B 114 -17.65 -45.76 4.66
CA ASN B 114 -18.34 -46.36 5.79
C ASN B 114 -19.40 -47.37 5.36
N VAL B 115 -20.15 -47.11 4.30
CA VAL B 115 -21.13 -48.12 3.94
C VAL B 115 -20.44 -49.34 3.35
N LYS B 116 -19.35 -49.12 2.60
CA LYS B 116 -18.64 -50.24 2.02
C LYS B 116 -18.00 -51.12 3.09
N ASN B 117 -17.48 -50.49 4.15
CA ASN B 117 -16.85 -51.25 5.21
C ASN B 117 -17.89 -52.04 5.97
N LEU B 118 -19.11 -51.52 6.05
CA LEU B 118 -20.18 -52.22 6.73
C LEU B 118 -20.52 -53.49 5.95
N TYR B 119 -20.53 -53.36 4.63
CA TYR B 119 -20.77 -54.47 3.73
C TYR B 119 -19.73 -55.56 3.92
N GLU B 120 -18.47 -55.16 3.99
CA GLU B 120 -17.41 -56.14 4.17
C GLU B 120 -17.53 -56.82 5.54
N LYS B 121 -17.91 -56.07 6.58
CA LYS B 121 -18.07 -56.71 7.88
C LYS B 121 -19.04 -57.89 7.80
N VAL B 122 -20.17 -57.69 7.12
CA VAL B 122 -21.09 -58.80 6.97
C VAL B 122 -20.50 -59.90 6.11
N LYS B 123 -19.83 -59.55 5.01
CA LYS B 123 -19.23 -60.58 4.18
C LYS B 123 -18.33 -61.51 4.99
N SER B 124 -17.54 -60.94 5.90
CA SER B 124 -16.64 -61.69 6.76
C SER B 124 -17.38 -62.58 7.77
N GLN B 125 -18.57 -62.14 8.21
CA GLN B 125 -19.36 -62.95 9.13
C GLN B 125 -19.97 -64.15 8.41
N LEU B 126 -20.40 -63.94 7.18
CA LEU B 126 -21.10 -65.02 6.48
C LEU B 126 -20.20 -65.99 5.76
N LYS B 127 -19.06 -65.55 5.26
CA LYS B 127 -18.15 -66.43 4.55
C LYS B 127 -18.88 -67.28 3.52
N ASN B 128 -18.88 -68.59 3.68
CA ASN B 128 -19.48 -69.48 2.70
C ASN B 128 -20.93 -69.86 2.99
N ASN B 129 -21.55 -69.25 3.99
CA ASN B 129 -22.93 -69.61 4.29
C ASN B 129 -23.92 -68.73 3.56
N ALA B 130 -23.42 -67.84 2.71
CA ALA B 130 -24.21 -66.94 1.91
C ALA B 130 -23.45 -66.58 0.64
N LYS B 131 -24.15 -66.14 -0.39
CA LYS B 131 -23.49 -65.72 -1.61
C LYS B 131 -23.75 -64.27 -1.95
N GLU B 132 -22.80 -63.63 -2.61
CA GLU B 132 -23.01 -62.24 -3.01
C GLU B 132 -23.83 -62.14 -4.26
N ILE B 133 -24.81 -61.27 -4.20
CA ILE B 133 -25.71 -60.96 -5.30
C ILE B 133 -25.71 -59.43 -5.49
N GLY B 134 -26.29 -58.95 -6.58
CA GLY B 134 -26.28 -57.51 -6.84
C GLY B 134 -27.07 -56.72 -5.80
N ASN B 135 -26.93 -55.40 -5.88
CA ASN B 135 -27.49 -54.47 -4.91
C ASN B 135 -26.93 -54.65 -3.50
N GLY B 136 -25.68 -55.10 -3.38
CA GLY B 136 -25.11 -55.18 -2.04
C GLY B 136 -25.79 -56.18 -1.11
N CYS B 137 -26.26 -57.33 -1.61
CA CYS B 137 -27.02 -58.30 -0.81
C CYS B 137 -26.33 -59.64 -0.67
N PHE B 138 -26.57 -60.26 0.48
CA PHE B 138 -26.07 -61.59 0.77
C PHE B 138 -27.21 -62.57 0.87
N GLU B 139 -27.25 -63.52 -0.05
CA GLU B 139 -28.32 -64.50 -0.08
C GLU B 139 -27.89 -65.72 0.69
N PHE B 140 -28.66 -66.12 1.66
CA PHE B 140 -28.26 -67.20 2.54
C PHE B 140 -28.42 -68.57 1.89
N TYR B 141 -27.54 -69.48 2.28
CA TYR B 141 -27.63 -70.87 1.82
C TYR B 141 -28.32 -71.74 2.86
N HIS B 142 -28.88 -71.11 3.86
CA HIS B 142 -29.58 -71.81 4.92
C HIS B 142 -30.73 -70.95 5.37
N LYS B 143 -31.72 -71.55 5.99
CA LYS B 143 -32.80 -70.73 6.52
C LYS B 143 -32.21 -69.80 7.62
N CYS B 144 -32.54 -68.49 7.55
CA CYS B 144 -32.08 -67.46 8.47
C CYS B 144 -33.29 -66.67 8.99
N ASN B 145 -33.67 -66.98 10.21
CA ASN B 145 -34.83 -66.45 10.89
C ASN B 145 -34.55 -65.08 11.48
N ASN B 146 -35.51 -64.49 12.21
CA ASN B 146 -35.25 -63.14 12.70
C ASN B 146 -34.10 -63.09 13.69
N GLU B 147 -33.91 -64.13 14.51
CA GLU B 147 -32.80 -64.13 15.47
C GLU B 147 -31.42 -64.12 14.76
N CYS B 148 -31.30 -64.90 13.64
CA CYS B 148 -30.16 -64.99 12.74
C CYS B 148 -29.89 -63.62 12.13
N MET B 149 -30.92 -62.96 11.61
CA MET B 149 -30.64 -61.68 11.01
C MET B 149 -30.05 -60.73 12.04
N GLU B 150 -30.54 -60.78 13.30
CA GLU B 150 -29.97 -59.90 14.29
C GLU B 150 -28.55 -60.32 14.61
N SER B 151 -28.30 -61.62 14.67
CA SER B 151 -26.97 -62.12 14.99
C SER B 151 -25.97 -61.65 13.93
N VAL B 152 -26.37 -61.68 12.67
CA VAL B 152 -25.46 -61.23 11.62
C VAL B 152 -25.19 -59.75 11.79
N LYS B 153 -26.23 -58.94 12.02
CA LYS B 153 -26.07 -57.49 12.21
C LYS B 153 -25.19 -57.16 13.41
N ASN B 154 -25.29 -57.97 14.46
CA ASN B 154 -24.54 -57.76 15.67
C ASN B 154 -23.10 -58.23 15.58
N GLY B 155 -22.72 -58.91 14.50
CA GLY B 155 -21.38 -59.44 14.38
C GLY B 155 -21.17 -60.69 15.24
N THR B 156 -22.25 -61.44 15.51
CA THR B 156 -22.22 -62.62 16.35
C THR B 156 -22.67 -63.86 15.61
N TYR B 157 -22.48 -63.90 14.30
CA TYR B 157 -22.96 -65.05 13.54
C TYR B 157 -22.02 -66.23 13.68
N ASP B 158 -22.55 -67.35 14.15
CA ASP B 158 -21.73 -68.52 14.40
C ASP B 158 -21.57 -69.34 13.14
N TYR B 159 -20.71 -68.88 12.24
CA TYR B 159 -20.53 -69.51 10.94
C TYR B 159 -20.64 -71.04 10.84
N PRO B 160 -19.86 -71.87 11.56
CA PRO B 160 -19.85 -73.31 11.37
C PRO B 160 -21.19 -73.96 11.70
N LYS B 161 -22.00 -73.28 12.49
CA LYS B 161 -23.29 -73.76 12.96
C LYS B 161 -24.24 -74.06 11.83
N TYR B 162 -24.08 -73.33 10.75
CA TYR B 162 -24.99 -73.44 9.64
C TYR B 162 -24.33 -74.11 8.47
N SER B 163 -23.13 -74.64 8.69
CA SER B 163 -22.37 -75.19 7.59
C SER B 163 -22.89 -76.50 7.05
N GLU B 164 -23.61 -77.30 7.83
CA GLU B 164 -24.04 -78.55 7.22
C GLU B 164 -25.13 -78.27 6.20
N GLU B 165 -26.00 -77.33 6.54
CA GLU B 165 -27.08 -76.99 5.65
C GLU B 165 -26.54 -76.27 4.43
N SER B 166 -25.61 -75.33 4.64
CA SER B 166 -25.12 -74.60 3.49
C SER B 166 -24.30 -75.50 2.58
N LYS B 167 -23.54 -76.46 3.12
CA LYS B 167 -22.78 -77.33 2.24
C LYS B 167 -23.70 -78.08 1.30
N LEU B 168 -24.86 -78.51 1.79
CA LEU B 168 -25.78 -79.19 0.92
C LEU B 168 -26.43 -78.25 -0.10
N ASN B 169 -26.79 -77.05 0.35
CA ASN B 169 -27.47 -76.09 -0.53
C ASN B 169 -26.55 -75.50 -1.58
N ARG B 170 -25.25 -75.47 -1.29
CA ARG B 170 -24.25 -75.00 -2.23
C ARG B 170 -24.00 -75.93 -3.45
N GLU B 171 -24.45 -77.23 -3.39
CA GLU B 171 -24.28 -78.28 -4.43
C GLU B 171 -22.83 -78.43 -4.99
N ASP C 18 -6.01 -68.39 -22.92
CA ASP C 18 -6.74 -67.17 -23.23
C ASP C 18 -6.76 -66.32 -21.96
N THR C 19 -6.60 -64.98 -22.09
CA THR C 19 -6.50 -64.06 -20.94
C THR C 19 -6.92 -62.62 -21.18
N ILE C 20 -7.29 -61.98 -20.07
CA ILE C 20 -7.56 -60.54 -20.03
C ILE C 20 -6.66 -59.89 -19.01
N CYS C 21 -5.93 -58.88 -19.44
CA CYS C 21 -5.10 -58.15 -18.49
C CYS C 21 -5.76 -56.79 -18.31
N ILE C 22 -5.73 -56.27 -17.10
CA ILE C 22 -6.33 -54.96 -16.86
C ILE C 22 -5.26 -53.97 -16.52
N GLY C 23 -5.20 -52.88 -17.26
CA GLY C 23 -4.14 -51.91 -17.04
C GLY C 23 -4.46 -50.53 -17.57
N TYR C 24 -3.41 -49.80 -17.88
CA TYR C 24 -3.50 -48.40 -18.28
C TYR C 24 -2.38 -48.04 -19.21
N HIS C 25 -2.52 -46.92 -19.92
CA HIS C 25 -1.52 -46.48 -20.90
C HIS C 25 -0.30 -45.84 -20.28
N ALA C 26 0.75 -45.78 -21.06
CA ALA C 26 1.96 -45.06 -20.69
C ALA C 26 2.54 -44.47 -21.97
N ASN C 27 3.39 -43.47 -21.86
CA ASN C 27 3.91 -42.85 -23.07
C ASN C 27 5.34 -42.33 -22.84
N ASN C 28 5.83 -41.60 -23.85
CA ASN C 28 7.18 -40.99 -23.80
C ASN C 28 7.04 -39.55 -23.33
N SER C 29 7.24 -39.30 -22.05
CA SER C 29 7.12 -37.97 -21.42
C SER C 29 7.91 -37.94 -20.15
N THR C 30 8.62 -36.84 -19.97
CA THR C 30 9.43 -36.64 -18.79
C THR C 30 8.94 -35.47 -17.97
N ASP C 31 7.73 -34.97 -18.25
CA ASP C 31 7.24 -33.90 -17.39
C ASP C 31 7.06 -34.50 -16.03
N THR C 32 7.37 -33.76 -14.98
CA THR C 32 7.12 -34.26 -13.65
C THR C 32 6.34 -33.30 -12.82
N VAL C 33 5.69 -33.84 -11.82
CA VAL C 33 4.98 -33.03 -10.88
C VAL C 33 5.45 -33.33 -9.49
N ASP C 34 5.18 -32.40 -8.61
CA ASP C 34 5.53 -32.52 -7.24
C ASP C 34 4.29 -33.02 -6.50
N THR C 35 4.48 -33.76 -5.42
CA THR C 35 3.39 -34.18 -4.56
C THR C 35 3.79 -33.88 -3.14
N VAL C 36 2.95 -34.21 -2.17
CA VAL C 36 3.27 -33.92 -0.79
C VAL C 36 4.21 -35.00 -0.25
N LEU C 37 3.87 -36.25 -0.54
CA LEU C 37 4.67 -37.40 -0.09
C LEU C 37 5.91 -37.66 -0.95
N GLU C 38 5.89 -37.29 -2.24
CA GLU C 38 7.00 -37.60 -3.14
C GLU C 38 7.32 -36.40 -4.04
N LYS C 39 8.59 -36.13 -4.27
CA LYS C 39 8.97 -34.95 -5.08
C LYS C 39 9.07 -35.05 -6.60
N ASN C 40 9.26 -36.24 -7.22
CA ASN C 40 9.47 -36.37 -8.67
C ASN C 40 8.61 -37.51 -9.24
N VAL C 41 7.41 -37.16 -9.75
CA VAL C 41 6.44 -38.09 -10.33
C VAL C 41 6.31 -37.77 -11.80
N THR C 42 6.56 -38.74 -12.68
CA THR C 42 6.43 -38.45 -14.10
C THR C 42 4.98 -38.57 -14.43
N VAL C 43 4.55 -37.87 -15.46
CA VAL C 43 3.14 -37.96 -15.83
C VAL C 43 2.91 -38.19 -17.30
N THR C 44 1.73 -38.71 -17.65
CA THR C 44 1.46 -38.85 -19.08
C THR C 44 0.82 -37.61 -19.69
N HIS C 45 0.23 -36.77 -18.84
CA HIS C 45 -0.40 -35.52 -19.26
C HIS C 45 -0.22 -34.48 -18.15
N SER C 46 -0.03 -33.23 -18.52
CA SER C 46 0.15 -32.16 -17.55
C SER C 46 -0.38 -30.81 -18.02
N VAL C 47 -0.61 -29.92 -17.05
CA VAL C 47 -0.96 -28.53 -17.31
C VAL C 47 -0.07 -27.64 -16.46
N ASN C 48 0.09 -26.39 -16.84
CA ASN C 48 0.93 -25.46 -16.08
C ASN C 48 0.17 -24.20 -15.75
N LEU C 49 -0.02 -23.94 -14.47
CA LEU C 49 -0.82 -22.82 -13.98
C LEU C 49 -0.04 -21.51 -13.84
N LEU C 50 1.27 -21.57 -14.07
CA LEU C 50 2.12 -20.40 -13.88
C LEU C 50 2.72 -19.87 -15.17
N GLU C 51 2.53 -18.57 -15.42
CA GLU C 51 3.06 -17.89 -16.59
C GLU C 51 4.43 -17.26 -16.31
N ASP C 52 5.46 -17.68 -17.02
CA ASP C 52 6.79 -17.16 -16.81
C ASP C 52 7.39 -16.38 -17.99
N SER C 53 6.57 -15.89 -18.91
CA SER C 53 7.13 -15.18 -20.05
C SER C 53 6.29 -14.03 -20.61
N HIS C 54 6.98 -12.94 -20.90
CA HIS C 54 6.45 -11.73 -21.48
C HIS C 54 7.02 -11.53 -22.89
N ASN C 55 6.35 -10.76 -23.73
CA ASN C 55 6.88 -10.62 -25.10
C ASN C 55 7.93 -9.53 -25.32
N GLY C 56 8.31 -8.82 -24.28
CA GLY C 56 9.34 -7.79 -24.40
C GLY C 56 8.88 -6.42 -24.94
N LYS C 57 7.59 -6.24 -25.23
CA LYS C 57 7.13 -4.98 -25.82
C LYS C 57 6.08 -4.23 -25.03
N LEU C 58 6.10 -2.92 -25.14
CA LEU C 58 5.05 -2.18 -24.48
C LEU C 58 3.87 -2.06 -25.42
N CYS C 59 2.95 -3.00 -25.26
CA CYS C 59 1.70 -3.18 -26.01
C CYS C 59 0.61 -2.23 -25.50
N LEU C 60 -0.50 -2.16 -26.20
CA LEU C 60 -1.49 -1.16 -25.82
C LEU C 60 -2.68 -1.86 -25.16
N LEU C 61 -3.01 -1.51 -23.94
CA LEU C 61 -4.09 -2.22 -23.28
C LEU C 61 -5.36 -1.89 -24.04
N LYS C 62 -6.07 -2.89 -24.58
CA LYS C 62 -7.30 -2.68 -25.34
C LYS C 62 -7.09 -1.81 -26.57
N GLY C 63 -5.84 -1.73 -27.04
CA GLY C 63 -5.52 -0.96 -28.23
C GLY C 63 -5.32 0.55 -27.96
N ILE C 64 -5.39 0.96 -26.70
CA ILE C 64 -5.23 2.39 -26.40
C ILE C 64 -3.87 2.64 -25.82
N ALA C 65 -3.14 3.51 -26.49
CA ALA C 65 -1.78 3.77 -26.09
C ALA C 65 -1.67 4.54 -24.79
N PRO C 66 -0.58 4.35 -24.05
CA PRO C 66 -0.18 5.12 -22.91
C PRO C 66 0.41 6.43 -23.33
N LEU C 67 0.63 7.29 -22.37
CA LEU C 67 1.35 8.50 -22.57
C LEU C 67 2.80 8.15 -22.42
N GLN C 68 3.59 8.34 -23.46
CA GLN C 68 5.00 8.03 -23.33
C GLN C 68 5.71 9.30 -23.07
N LEU C 69 6.31 9.42 -21.90
CA LEU C 69 6.99 10.64 -21.51
C LEU C 69 8.33 10.81 -22.19
N GLY C 70 8.86 9.73 -22.73
CA GLY C 70 10.17 9.84 -23.30
C GLY C 70 11.12 10.21 -22.15
N ASN C 71 11.93 11.27 -22.34
CA ASN C 71 12.94 11.73 -21.38
C ASN C 71 12.40 12.70 -20.31
N CYS C 72 11.06 13.04 -20.29
CA CYS C 72 10.53 13.99 -19.30
C CYS C 72 9.80 13.28 -18.16
N SER C 73 9.74 13.98 -17.05
CA SER C 73 9.06 13.55 -15.85
C SER C 73 7.62 13.99 -15.86
N VAL C 74 6.84 13.54 -14.91
CA VAL C 74 5.43 13.97 -14.84
C VAL C 74 5.36 15.48 -14.68
N ALA C 75 6.26 16.05 -13.88
CA ALA C 75 6.35 17.49 -13.63
C ALA C 75 7.00 18.22 -14.82
N GLY C 76 7.36 17.47 -15.84
CA GLY C 76 7.89 18.02 -17.06
C GLY C 76 6.75 18.12 -18.02
N TRP C 77 6.04 17.03 -18.20
CA TRP C 77 4.94 17.04 -19.13
C TRP C 77 3.85 18.01 -18.72
N ILE C 78 3.43 17.95 -17.46
CA ILE C 78 2.27 18.75 -17.05
C ILE C 78 2.55 20.26 -17.06
N LEU C 79 3.79 20.68 -16.81
CA LEU C 79 4.11 22.10 -16.80
C LEU C 79 4.48 22.64 -18.16
N GLY C 80 4.55 21.81 -19.18
CA GLY C 80 4.97 22.36 -20.45
C GLY C 80 6.49 22.58 -20.55
N ASN C 81 7.30 21.72 -19.93
CA ASN C 81 8.75 21.88 -19.98
C ASN C 81 9.02 22.04 -21.48
N PRO C 82 9.74 23.09 -21.94
CA PRO C 82 9.96 23.44 -23.33
C PRO C 82 10.39 22.33 -24.25
N GLU C 83 11.23 21.41 -23.74
CA GLU C 83 11.77 20.30 -24.54
C GLU C 83 10.95 18.99 -24.62
N CYS C 84 9.74 18.89 -23.99
CA CYS C 84 8.93 17.66 -24.03
C CYS C 84 7.63 18.05 -24.75
N GLU C 85 7.82 18.90 -25.73
CA GLU C 85 6.78 19.51 -26.54
C GLU C 85 6.01 18.56 -27.38
N LEU C 86 6.59 17.44 -27.70
CA LEU C 86 5.96 16.52 -28.60
C LEU C 86 4.78 15.83 -27.96
N LEU C 87 4.68 15.89 -26.65
CA LEU C 87 3.61 15.18 -25.99
C LEU C 87 2.45 16.07 -25.59
N ILE C 88 2.48 17.35 -25.95
CA ILE C 88 1.40 18.20 -25.45
C ILE C 88 0.05 17.85 -26.06
N SER C 89 0.06 17.23 -27.24
CA SER C 89 -1.12 16.80 -27.96
C SER C 89 -1.62 15.40 -27.55
N LYS C 90 -0.94 14.73 -26.61
CA LYS C 90 -1.36 13.38 -26.25
C LYS C 90 -2.53 13.34 -25.29
N GLU C 91 -3.70 13.62 -25.84
CA GLU C 91 -4.99 13.72 -25.14
C GLU C 91 -5.54 12.45 -24.49
N SER C 92 -5.49 11.32 -25.23
CA SER C 92 -6.11 10.05 -24.78
C SER C 92 -5.16 9.06 -24.16
N TRP C 93 -5.38 8.76 -22.87
CA TRP C 93 -4.46 7.88 -22.16
C TRP C 93 -5.02 6.57 -21.69
N SER C 94 -4.20 5.52 -21.80
CA SER C 94 -4.54 4.26 -21.16
C SER C 94 -3.74 4.03 -19.88
N TYR C 95 -2.54 4.61 -19.84
CA TYR C 95 -1.58 4.52 -18.72
C TYR C 95 -0.42 5.46 -19.03
N ILE C 96 0.53 5.60 -18.10
CA ILE C 96 1.73 6.42 -18.33
C ILE C 96 3.02 5.61 -18.33
N VAL C 97 3.88 5.83 -19.33
CA VAL C 97 5.19 5.17 -19.35
C VAL C 97 6.31 6.19 -19.14
N GLU C 98 7.10 5.95 -18.12
CA GLU C 98 8.17 6.85 -17.74
C GLU C 98 9.55 6.19 -17.83
N THR C 99 10.53 6.93 -18.32
CA THR C 99 11.91 6.44 -18.40
C THR C 99 12.42 6.30 -16.96
N PRO C 100 13.21 5.27 -16.60
CA PRO C 100 13.80 5.12 -15.26
C PRO C 100 14.50 6.35 -14.70
N ASN C 101 15.13 7.15 -15.54
CA ASN C 101 15.81 8.35 -15.07
C ASN C 101 15.51 9.53 -15.98
N PRO C 102 14.31 10.14 -15.94
CA PRO C 102 13.91 11.23 -16.78
C PRO C 102 14.81 12.39 -16.45
N GLU C 103 15.12 13.22 -17.43
CA GLU C 103 15.91 14.41 -17.17
C GLU C 103 15.19 15.76 -17.34
N ASN C 104 14.11 15.80 -18.16
CA ASN C 104 13.39 17.00 -18.60
C ASN C 104 12.14 17.29 -17.76
N GLY C 105 12.16 18.37 -16.96
CA GLY C 105 11.04 18.79 -16.13
C GLY C 105 11.51 19.80 -15.15
N THR C 106 10.55 20.51 -14.56
CA THR C 106 10.92 21.58 -13.63
C THR C 106 12.26 22.23 -14.03
N CYS C 107 12.33 22.85 -15.26
CA CYS C 107 13.55 23.41 -15.87
C CYS C 107 14.08 24.60 -15.10
N TYR C 108 13.19 25.26 -14.38
CA TYR C 108 13.60 26.31 -13.49
C TYR C 108 13.44 25.57 -12.16
N PRO C 109 14.50 25.35 -11.39
CA PRO C 109 14.47 24.52 -10.21
C PRO C 109 13.57 25.06 -9.14
N GLY C 110 12.98 24.14 -8.37
CA GLY C 110 12.11 24.47 -7.26
C GLY C 110 11.42 23.23 -6.75
N TYR C 111 10.61 23.41 -5.73
CA TYR C 111 9.85 22.34 -5.13
C TYR C 111 8.49 22.21 -5.77
N PHE C 112 8.10 20.99 -6.12
CA PHE C 112 6.78 20.81 -6.71
C PHE C 112 5.90 20.26 -5.60
N ALA C 113 4.93 21.04 -5.15
CA ALA C 113 4.09 20.63 -4.05
C ALA C 113 3.14 19.50 -4.41
N ASP C 114 2.94 18.59 -3.46
CA ASP C 114 1.99 17.50 -3.62
C ASP C 114 2.22 16.79 -4.93
N TYR C 115 3.48 16.50 -5.23
CA TYR C 115 3.82 15.89 -6.48
C TYR C 115 3.33 14.47 -6.57
N GLU C 116 3.51 13.71 -5.50
CA GLU C 116 3.09 12.32 -5.51
C GLU C 116 1.59 12.23 -5.67
N GLU C 117 0.86 13.13 -5.01
CA GLU C 117 -0.59 13.16 -5.12
C GLU C 117 -1.03 13.57 -6.51
N LEU C 118 -0.30 14.51 -7.13
CA LEU C 118 -0.69 14.90 -8.45
C LEU C 118 -0.45 13.75 -9.40
N ARG C 119 0.66 13.04 -9.21
CA ARG C 119 0.97 11.92 -10.07
C ARG C 119 -0.16 10.92 -10.02
N GLU C 120 -0.70 10.64 -8.83
CA GLU C 120 -1.78 9.69 -8.74
C GLU C 120 -3.04 10.22 -9.42
N GLN C 121 -3.34 11.50 -9.23
CA GLN C 121 -4.55 12.04 -9.84
C GLN C 121 -4.47 12.04 -11.36
N LEU C 122 -3.29 12.35 -11.90
CA LEU C 122 -3.12 12.38 -13.34
C LEU C 122 -3.11 10.99 -13.92
N SER C 123 -2.57 10.04 -13.18
CA SER C 123 -2.47 8.68 -13.71
C SER C 123 -3.84 8.14 -14.05
N SER C 124 -4.84 8.46 -13.24
CA SER C 124 -6.20 7.98 -13.48
C SER C 124 -6.99 8.80 -14.53
N VAL C 125 -6.43 9.87 -15.07
CA VAL C 125 -7.16 10.68 -16.04
C VAL C 125 -7.13 10.03 -17.40
N SER C 126 -8.29 9.88 -18.03
CA SER C 126 -8.33 9.24 -19.35
C SER C 126 -8.23 10.27 -20.46
N SER C 127 -8.65 11.50 -20.17
CA SER C 127 -8.60 12.54 -21.20
C SER C 127 -8.24 13.95 -20.72
N PHE C 128 -7.21 14.50 -21.35
CA PHE C 128 -6.69 15.83 -21.03
C PHE C 128 -6.97 16.92 -22.02
N GLU C 129 -7.82 17.85 -21.63
CA GLU C 129 -8.11 18.97 -22.49
C GLU C 129 -7.32 20.16 -21.99
N ARG C 130 -6.23 20.47 -22.68
CA ARG C 130 -5.37 21.55 -22.22
C ARG C 130 -5.96 22.82 -22.79
N PHE C 131 -6.07 23.86 -21.99
CA PHE C 131 -6.63 25.09 -22.52
C PHE C 131 -6.06 26.32 -21.85
N GLU C 132 -6.19 27.46 -22.51
CA GLU C 132 -5.73 28.66 -21.82
C GLU C 132 -6.77 29.04 -20.81
N ILE C 133 -6.30 29.35 -19.63
CA ILE C 133 -7.16 29.76 -18.53
C ILE C 133 -7.04 31.27 -18.38
N PHE C 134 -5.82 31.79 -18.46
CA PHE C 134 -5.56 33.22 -18.37
C PHE C 134 -4.64 33.63 -19.53
N PRO C 135 -5.16 33.80 -20.77
CA PRO C 135 -4.38 33.96 -21.99
C PRO C 135 -3.32 35.07 -21.88
N LYS C 136 -2.13 34.78 -22.37
CA LYS C 136 -0.96 35.65 -22.30
C LYS C 136 -1.10 37.07 -22.81
N GLU C 137 -1.67 37.24 -23.98
CA GLU C 137 -1.73 38.56 -24.59
C GLU C 137 -2.67 39.55 -23.92
N SER C 138 -3.85 39.08 -23.53
CA SER C 138 -4.84 39.97 -22.95
C SER C 138 -4.96 39.94 -21.43
N SER C 139 -4.41 38.92 -20.76
CA SER C 139 -4.65 38.86 -19.32
C SER C 139 -3.77 39.78 -18.51
N TRP C 140 -2.61 40.17 -19.05
CA TRP C 140 -1.66 40.97 -18.23
C TRP C 140 -1.08 42.20 -18.98
N PRO C 141 -1.91 43.16 -19.43
CA PRO C 141 -1.44 44.35 -20.15
C PRO C 141 -0.49 45.28 -19.34
N ASN C 142 -0.50 45.15 -18.00
CA ASN C 142 0.27 45.92 -17.04
C ASN C 142 1.59 45.24 -16.62
N HIS C 143 1.93 44.03 -17.15
CA HIS C 143 3.11 43.26 -16.74
C HIS C 143 3.87 42.72 -17.92
N THR C 144 5.12 42.41 -17.70
CA THR C 144 5.89 41.77 -18.75
C THR C 144 5.56 40.31 -18.73
N VAL C 145 5.17 39.76 -19.89
CA VAL C 145 4.82 38.35 -20.01
C VAL C 145 5.84 37.63 -20.88
N THR C 146 6.91 38.33 -21.20
CA THR C 146 7.95 37.84 -22.08
C THR C 146 9.23 37.42 -21.40
N GLY C 147 9.24 37.34 -20.08
CA GLY C 147 10.50 36.95 -19.47
C GLY C 147 10.82 35.51 -19.81
N VAL C 148 12.07 35.24 -20.12
CA VAL C 148 12.57 33.91 -20.44
C VAL C 148 13.88 33.60 -19.74
N SER C 149 14.18 32.32 -19.53
CA SER C 149 15.42 31.97 -18.86
C SER C 149 16.33 31.09 -19.66
N ALA C 150 17.61 31.14 -19.31
CA ALA C 150 18.58 30.27 -19.94
C ALA C 150 18.40 28.83 -19.49
N SER C 151 17.91 28.63 -18.27
CA SER C 151 17.73 27.30 -17.72
C SER C 151 16.69 26.49 -18.51
N CYS C 152 15.57 27.13 -18.94
CA CYS C 152 14.48 26.51 -19.70
C CYS C 152 14.79 26.70 -21.19
N SER C 153 15.96 26.23 -21.54
CA SER C 153 16.48 26.37 -22.88
C SER C 153 15.64 25.59 -23.87
N HIS C 154 15.38 26.17 -25.03
CA HIS C 154 14.62 25.48 -26.07
C HIS C 154 15.31 25.64 -27.40
N ASN C 155 15.85 24.56 -27.93
CA ASN C 155 16.59 24.63 -29.19
C ASN C 155 17.71 25.66 -29.11
N GLY C 156 18.36 25.76 -27.95
CA GLY C 156 19.46 26.69 -27.74
C GLY C 156 19.06 28.12 -27.35
N LYS C 157 17.76 28.42 -27.35
CA LYS C 157 17.30 29.82 -27.06
C LYS C 157 16.68 29.88 -25.66
N SER C 158 16.74 31.04 -24.99
CA SER C 158 16.10 31.16 -23.71
C SER C 158 14.60 31.02 -23.89
N SER C 159 13.94 30.38 -22.93
CA SER C 159 12.48 30.20 -23.00
C SER C 159 11.89 29.94 -21.61
N PHE C 160 10.69 29.40 -21.57
CA PHE C 160 10.09 29.11 -20.27
C PHE C 160 9.05 28.03 -20.45
N TYR C 161 8.44 27.62 -19.37
CA TYR C 161 7.45 26.58 -19.44
C TYR C 161 6.35 27.07 -20.30
N ARG C 162 5.81 26.17 -21.07
CA ARG C 162 4.83 26.64 -22.05
C ARG C 162 3.44 26.57 -21.43
N ASN C 163 3.30 26.25 -20.16
CA ASN C 163 2.02 26.42 -19.49
C ASN C 163 2.04 27.55 -18.44
N LEU C 164 3.17 28.25 -18.27
CA LEU C 164 3.31 29.29 -17.25
C LEU C 164 3.85 30.64 -17.75
N LEU C 165 3.49 31.74 -17.08
CA LEU C 165 4.08 33.04 -17.43
C LEU C 165 4.73 33.75 -16.27
N TRP C 166 5.97 34.14 -16.44
CA TRP C 166 6.68 34.82 -15.39
C TRP C 166 6.35 36.30 -15.45
N LEU C 167 5.57 36.81 -14.50
CA LEU C 167 5.15 38.20 -14.63
C LEU C 167 6.01 39.16 -13.85
N THR C 168 6.74 40.01 -14.58
CA THR C 168 7.65 41.00 -13.98
C THR C 168 7.13 42.39 -14.26
N GLY C 169 7.74 43.40 -13.67
CA GLY C 169 7.22 44.77 -13.82
C GLY C 169 7.34 45.36 -15.21
N LYS C 170 6.60 46.45 -15.41
CA LYS C 170 6.55 47.20 -16.67
C LYS C 170 6.56 48.70 -16.41
N ASN C 171 7.44 49.43 -17.09
CA ASN C 171 7.53 50.87 -16.95
C ASN C 171 7.80 51.32 -15.52
N GLY C 172 8.56 50.52 -14.77
CA GLY C 172 8.91 50.88 -13.40
C GLY C 172 7.84 50.51 -12.39
N LEU C 173 6.72 49.99 -12.86
CA LEU C 173 5.62 49.66 -11.99
C LEU C 173 5.38 48.18 -11.83
N TYR C 174 4.79 47.82 -10.72
CA TYR C 174 4.31 46.48 -10.58
C TYR C 174 2.90 46.54 -10.02
N PRO C 175 1.89 46.78 -10.85
CA PRO C 175 0.51 46.92 -10.46
C PRO C 175 0.10 45.60 -9.84
N ASN C 176 -0.86 45.64 -8.89
CA ASN C 176 -1.42 44.46 -8.23
C ASN C 176 -2.19 43.60 -9.24
N LEU C 177 -2.04 42.26 -9.11
CA LEU C 177 -2.64 41.26 -9.96
C LEU C 177 -3.87 40.75 -9.29
N SER C 178 -4.99 40.83 -9.98
CA SER C 178 -6.24 40.31 -9.44
C SER C 178 -7.13 39.82 -10.57
N LYS C 179 -7.31 38.51 -10.64
CA LYS C 179 -8.13 37.94 -11.71
C LYS C 179 -8.65 36.59 -11.28
N SER C 180 -9.75 36.13 -11.88
CA SER C 180 -10.27 34.84 -11.52
C SER C 180 -10.87 34.08 -12.68
N TYR C 181 -10.98 32.78 -12.48
CA TYR C 181 -11.56 31.89 -13.46
C TYR C 181 -12.65 31.02 -12.92
N VAL C 182 -13.75 30.96 -13.63
CA VAL C 182 -14.87 30.12 -13.23
C VAL C 182 -14.82 28.83 -14.00
N ASN C 183 -14.92 27.73 -13.29
CA ASN C 183 -14.81 26.47 -13.97
C ASN C 183 -16.08 26.10 -14.68
N ASN C 184 -16.08 26.42 -15.96
CA ASN C 184 -17.17 26.17 -16.87
C ASN C 184 -16.84 25.03 -17.81
N LYS C 185 -15.85 24.20 -17.45
CA LYS C 185 -15.43 23.09 -18.31
C LYS C 185 -16.23 21.80 -18.11
N GLU C 186 -16.97 21.71 -17.01
CA GLU C 186 -17.74 20.52 -16.62
C GLU C 186 -16.85 19.30 -16.37
N LYS C 187 -15.61 19.58 -16.02
CA LYS C 187 -14.57 18.65 -15.66
C LYS C 187 -13.83 19.22 -14.51
N GLU C 188 -13.11 18.40 -13.77
CA GLU C 188 -12.27 18.98 -12.75
C GLU C 188 -11.18 19.73 -13.47
N VAL C 189 -10.83 20.91 -13.00
CA VAL C 189 -9.78 21.65 -13.65
C VAL C 189 -8.57 21.82 -12.80
N LEU C 190 -7.45 21.41 -13.35
CA LEU C 190 -6.19 21.51 -12.67
C LEU C 190 -5.48 22.77 -13.00
N VAL C 191 -5.26 23.57 -11.98
CA VAL C 191 -4.61 24.83 -12.22
C VAL C 191 -3.26 24.80 -11.54
N LEU C 192 -2.23 25.06 -12.31
CA LEU C 192 -0.88 25.05 -11.81
C LEU C 192 -0.35 26.47 -11.82
N TRP C 193 0.43 26.83 -10.84
CA TRP C 193 1.05 28.14 -10.81
C TRP C 193 2.29 28.05 -9.97
N GLY C 194 3.11 29.08 -9.98
CA GLY C 194 4.24 29.01 -9.08
C GLY C 194 4.52 30.31 -8.36
N VAL C 195 5.50 30.24 -7.48
CA VAL C 195 5.93 31.39 -6.71
C VAL C 195 7.42 31.55 -6.83
N HIS C 196 7.86 32.74 -7.21
CA HIS C 196 9.28 32.99 -7.36
C HIS C 196 9.91 33.44 -6.08
N HIS C 197 11.02 32.82 -5.74
CA HIS C 197 11.84 33.14 -4.60
C HIS C 197 13.25 33.55 -5.07
N PRO C 198 13.50 34.85 -5.31
CA PRO C 198 14.75 35.40 -5.78
C PRO C 198 15.85 35.14 -4.78
N PRO C 199 17.11 35.12 -5.22
CA PRO C 199 18.30 34.98 -4.43
C PRO C 199 18.72 36.25 -3.69
N ASN C 200 18.13 37.38 -4.05
CA ASN C 200 18.57 38.64 -3.50
C ASN C 200 17.44 39.65 -3.52
N ILE C 201 17.43 40.51 -2.52
CA ILE C 201 16.44 41.57 -2.43
C ILE C 201 16.56 42.51 -3.63
N GLY C 202 17.75 42.64 -4.20
CA GLY C 202 17.96 43.47 -5.36
C GLY C 202 17.14 42.97 -6.54
N ASN C 203 16.95 41.64 -6.66
CA ASN C 203 16.18 41.10 -7.76
C ASN C 203 14.74 41.25 -7.40
N GLN C 204 14.45 41.15 -6.11
CA GLN C 204 13.06 41.31 -5.73
C GLN C 204 12.59 42.69 -6.13
N ARG C 205 13.44 43.69 -5.93
CA ARG C 205 13.02 45.00 -6.33
C ARG C 205 13.08 45.17 -7.84
N ALA C 206 14.17 44.73 -8.47
CA ALA C 206 14.29 44.94 -9.89
C ALA C 206 13.19 44.28 -10.70
N LEU C 207 12.75 43.11 -10.26
CA LEU C 207 11.74 42.41 -10.99
C LEU C 207 10.31 42.76 -10.56
N TYR C 208 10.06 42.97 -9.27
CA TYR C 208 8.67 43.17 -8.87
C TYR C 208 8.37 44.53 -8.23
N HIS C 209 9.40 45.35 -8.00
CA HIS C 209 9.29 46.66 -7.36
C HIS C 209 8.69 46.68 -5.95
N THR C 210 8.52 45.51 -5.32
CA THR C 210 7.96 45.38 -3.98
C THR C 210 8.80 44.51 -3.07
N GLU C 211 9.17 45.05 -1.91
CA GLU C 211 9.99 44.30 -0.94
C GLU C 211 9.22 43.27 -0.15
N ASN C 212 7.92 43.48 0.02
CA ASN C 212 7.06 42.60 0.79
C ASN C 212 5.89 42.14 -0.06
N ALA C 213 6.20 41.19 -0.93
CA ALA C 213 5.23 40.67 -1.84
C ALA C 213 4.49 39.53 -1.20
N TYR C 214 3.32 39.26 -1.70
CA TYR C 214 2.55 38.10 -1.33
C TYR C 214 1.88 37.52 -2.54
N VAL C 215 1.57 36.24 -2.44
CA VAL C 215 0.77 35.57 -3.44
C VAL C 215 -0.39 34.88 -2.72
N SER C 216 -1.60 35.09 -3.17
CA SER C 216 -2.75 34.49 -2.52
C SER C 216 -3.70 33.83 -3.49
N VAL C 217 -4.00 32.56 -3.22
CA VAL C 217 -4.89 31.84 -4.10
C VAL C 217 -6.04 31.22 -3.32
N VAL C 218 -7.25 31.53 -3.74
CA VAL C 218 -8.41 30.98 -3.06
C VAL C 218 -9.44 30.40 -4.02
N SER C 219 -10.31 29.57 -3.50
CA SER C 219 -11.48 29.04 -4.23
C SER C 219 -12.57 28.94 -3.23
N SER C 220 -13.71 28.35 -3.56
CA SER C 220 -14.76 28.31 -2.56
C SER C 220 -14.26 27.63 -1.30
N HIS C 221 -13.44 26.58 -1.46
CA HIS C 221 -12.91 25.85 -0.32
C HIS C 221 -11.38 25.89 -0.16
N TYR C 222 -10.65 26.26 -1.22
CA TYR C 222 -9.19 26.28 -1.18
C TYR C 222 -8.67 27.61 -0.67
N SER C 223 -7.68 27.61 0.20
CA SER C 223 -7.10 28.89 0.57
C SER C 223 -5.66 28.83 1.04
N ARG C 224 -4.76 29.47 0.26
CA ARG C 224 -3.31 29.39 0.59
C ARG C 224 -2.60 30.72 0.32
N ARG C 225 -1.81 31.21 1.27
CA ARG C 225 -1.00 32.41 1.08
C ARG C 225 0.44 32.01 1.08
N PHE C 226 1.16 32.57 0.14
CA PHE C 226 2.55 32.29 0.00
C PHE C 226 3.23 33.60 0.31
N THR C 227 4.40 33.52 0.88
CA THR C 227 5.18 34.71 1.21
C THR C 227 6.59 34.52 0.70
N PRO C 228 6.93 35.00 -0.51
CA PRO C 228 8.19 34.77 -1.17
C PRO C 228 9.31 35.11 -0.24
N GLU C 229 10.32 34.26 -0.18
CA GLU C 229 11.43 34.46 0.70
C GLU C 229 12.65 34.86 -0.08
N ILE C 230 13.49 35.68 0.50
CA ILE C 230 14.73 36.00 -0.19
C ILE C 230 15.85 35.23 0.40
N ALA C 231 16.51 34.42 -0.40
CA ALA C 231 17.62 33.66 0.11
C ALA C 231 18.48 33.14 -1.00
N LYS C 232 19.78 33.12 -0.80
CA LYS C 232 20.61 32.49 -1.80
C LYS C 232 20.63 31.02 -1.50
N ARG C 233 20.28 30.21 -2.48
CA ARG C 233 20.22 28.79 -2.30
C ARG C 233 21.36 28.24 -3.13
N PRO C 234 21.78 26.97 -2.99
CA PRO C 234 22.80 26.39 -3.82
C PRO C 234 22.35 26.57 -5.26
N LYS C 235 23.31 26.80 -6.15
CA LYS C 235 22.97 27.03 -7.54
C LYS C 235 22.59 25.73 -8.28
N VAL C 236 21.41 25.76 -8.90
CA VAL C 236 20.90 24.61 -9.65
C VAL C 236 20.51 25.03 -11.06
N ARG C 237 21.06 24.39 -12.08
CA ARG C 237 20.77 24.78 -13.47
C ARG C 237 21.02 26.27 -13.66
N ASP C 238 22.09 26.75 -13.03
CA ASP C 238 22.54 28.13 -13.02
C ASP C 238 21.62 29.13 -12.32
N GLN C 239 20.59 28.66 -11.62
CA GLN C 239 19.77 29.58 -10.87
C GLN C 239 20.15 29.58 -9.40
N GLU C 240 20.16 30.77 -8.81
CA GLU C 240 20.42 30.85 -7.37
C GLU C 240 19.13 30.87 -6.58
N GLY C 241 18.04 31.31 -7.24
CA GLY C 241 16.74 31.36 -6.60
C GLY C 241 15.97 30.12 -7.01
N ARG C 242 14.70 30.09 -6.68
CA ARG C 242 13.83 28.95 -7.01
C ARG C 242 12.40 29.36 -7.36
N ILE C 243 11.72 28.54 -8.14
CA ILE C 243 10.28 28.72 -8.34
C ILE C 243 9.54 27.53 -7.83
N ASN C 244 8.70 27.71 -6.84
CA ASN C 244 8.00 26.55 -6.32
C ASN C 244 6.72 26.40 -7.08
N TYR C 245 6.21 25.18 -7.20
CA TYR C 245 5.01 24.99 -7.96
C TYR C 245 3.90 24.47 -7.07
N TYR C 246 2.73 25.03 -7.28
CA TYR C 246 1.56 24.69 -6.48
C TYR C 246 0.39 24.38 -7.36
N TRP C 247 -0.54 23.59 -6.85
CA TRP C 247 -1.70 23.30 -7.64
C TRP C 247 -2.93 22.97 -6.84
N THR C 248 -4.06 23.10 -7.49
CA THR C 248 -5.34 22.70 -6.92
C THR C 248 -6.34 22.37 -8.00
N LEU C 249 -7.37 21.66 -7.64
CA LEU C 249 -8.40 21.37 -8.63
C LEU C 249 -9.67 22.16 -8.37
N LEU C 250 -10.32 22.60 -9.43
CA LEU C 250 -11.63 23.19 -9.29
C LEU C 250 -12.72 22.24 -9.71
N GLU C 251 -13.73 22.14 -8.90
CA GLU C 251 -14.88 21.35 -9.27
C GLU C 251 -15.68 22.22 -10.23
N PRO C 252 -16.48 21.67 -11.12
CA PRO C 252 -17.31 22.46 -12.01
C PRO C 252 -18.15 23.41 -11.19
N GLY C 253 -18.18 24.66 -11.62
CA GLY C 253 -18.94 25.71 -10.97
C GLY C 253 -18.13 26.48 -9.93
N ASP C 254 -16.94 25.99 -9.55
CA ASP C 254 -16.18 26.72 -8.56
C ASP C 254 -15.38 27.79 -9.26
N THR C 255 -14.64 28.58 -8.50
CA THR C 255 -13.85 29.68 -9.04
C THR C 255 -12.48 29.73 -8.42
N ILE C 256 -11.45 29.98 -9.21
CA ILE C 256 -10.16 30.17 -8.59
C ILE C 256 -9.80 31.62 -8.72
N ILE C 257 -9.39 32.21 -7.62
CA ILE C 257 -9.03 33.61 -7.59
C ILE C 257 -7.56 33.78 -7.30
N PHE C 258 -6.89 34.50 -8.19
CA PHE C 258 -5.49 34.78 -8.01
C PHE C 258 -5.21 36.22 -7.69
N GLU C 259 -4.49 36.43 -6.60
CA GLU C 259 -4.11 37.77 -6.22
C GLU C 259 -2.64 37.87 -5.85
N ALA C 260 -1.95 38.86 -6.36
CA ALA C 260 -0.55 39.00 -5.99
C ALA C 260 -0.02 40.41 -6.16
N ASN C 261 1.01 40.74 -5.42
CA ASN C 261 1.69 42.02 -5.63
C ASN C 261 3.14 41.75 -5.97
N GLY C 262 3.39 40.58 -6.52
CA GLY C 262 4.72 40.20 -6.94
C GLY C 262 4.96 38.72 -6.81
N ASN C 263 5.94 38.26 -7.56
CA ASN C 263 6.47 36.91 -7.58
C ASN C 263 5.53 35.82 -8.07
N LEU C 264 4.46 36.17 -8.76
CA LEU C 264 3.58 35.15 -9.27
C LEU C 264 3.97 34.70 -10.67
N ILE C 265 4.09 33.39 -10.80
CA ILE C 265 4.35 32.77 -12.07
C ILE C 265 2.98 32.28 -12.47
N ALA C 266 2.39 32.97 -13.40
CA ALA C 266 1.01 32.83 -13.69
C ALA C 266 0.60 31.53 -14.34
N PRO C 267 -0.61 31.06 -14.01
CA PRO C 267 -1.27 29.91 -14.55
C PRO C 267 -1.84 30.17 -15.91
N TRP C 268 -1.00 30.33 -16.90
CA TRP C 268 -1.45 30.62 -18.25
C TRP C 268 -2.35 29.51 -18.79
N TYR C 269 -1.89 28.27 -18.70
CA TYR C 269 -2.66 27.09 -19.13
C TYR C 269 -3.14 26.23 -17.99
N ALA C 270 -4.23 25.52 -18.23
CA ALA C 270 -4.81 24.62 -17.25
C ALA C 270 -5.37 23.40 -17.92
N PHE C 271 -5.55 22.33 -17.16
CA PHE C 271 -6.07 21.12 -17.76
C PHE C 271 -7.43 20.70 -17.26
N ALA C 272 -8.34 20.45 -18.18
CA ALA C 272 -9.65 19.95 -17.82
C ALA C 272 -9.54 18.43 -17.87
N LEU C 273 -9.76 17.78 -16.73
CA LEU C 273 -9.53 16.35 -16.61
C LEU C 273 -10.75 15.47 -16.58
N SER C 274 -10.84 14.55 -17.54
CA SER C 274 -11.91 13.58 -17.52
C SER C 274 -11.35 12.38 -16.78
N ARG C 275 -11.85 12.15 -15.58
CA ARG C 275 -11.30 11.13 -14.69
C ARG C 275 -11.76 9.74 -15.08
N GLY C 276 -10.84 8.78 -15.01
CA GLY C 276 -11.11 7.37 -15.26
C GLY C 276 -10.50 6.52 -14.15
N PHE C 277 -10.31 5.24 -14.44
CA PHE C 277 -9.74 4.29 -13.48
C PHE C 277 -9.15 3.07 -14.19
N GLY C 278 -8.29 2.33 -13.49
CA GLY C 278 -7.70 1.07 -14.00
C GLY C 278 -6.29 1.30 -14.57
N SER C 279 -5.98 2.56 -14.79
CA SER C 279 -4.71 3.02 -15.31
C SER C 279 -3.71 3.20 -14.18
N GLY C 280 -2.46 3.48 -14.55
CA GLY C 280 -1.40 3.73 -13.59
C GLY C 280 -0.12 4.09 -14.30
N ILE C 281 0.96 4.21 -13.53
CA ILE C 281 2.23 4.60 -14.11
C ILE C 281 3.27 3.48 -14.01
N ILE C 282 3.91 3.24 -15.13
CA ILE C 282 4.96 2.25 -15.32
C ILE C 282 6.30 2.86 -15.62
N THR C 283 7.32 2.41 -14.91
CA THR C 283 8.66 2.86 -15.20
C THR C 283 9.29 1.79 -16.05
N SER C 284 9.68 2.13 -17.27
CA SER C 284 10.20 1.13 -18.22
C SER C 284 11.04 1.72 -19.32
N ASN C 285 12.01 0.96 -19.79
CA ASN C 285 12.80 1.36 -20.95
C ASN C 285 12.54 0.45 -22.14
N ALA C 286 11.45 -0.30 -22.10
CA ALA C 286 11.06 -1.17 -23.20
C ALA C 286 10.47 -0.31 -24.34
N PRO C 287 10.60 -0.71 -25.61
CA PRO C 287 10.03 -0.06 -26.77
C PRO C 287 8.56 -0.33 -26.86
N MET C 288 7.84 0.54 -27.54
CA MET C 288 6.43 0.30 -27.84
C MET C 288 6.22 -0.47 -29.12
N ASP C 289 5.27 -1.40 -29.08
CA ASP C 289 4.89 -2.21 -30.24
C ASP C 289 3.52 -2.81 -29.93
N GLU C 290 2.49 -2.40 -30.65
CA GLU C 290 1.13 -2.79 -30.33
C GLU C 290 0.77 -4.30 -30.48
N CYS C 291 0.03 -4.82 -29.46
CA CYS C 291 -0.62 -6.12 -29.39
C CYS C 291 -1.75 -5.84 -28.40
N ASP C 292 -2.78 -6.69 -28.32
CA ASP C 292 -3.79 -6.40 -27.28
C ASP C 292 -3.39 -7.03 -25.97
N ALA C 293 -2.45 -6.40 -25.34
CA ALA C 293 -1.95 -6.90 -24.10
C ALA C 293 -2.87 -6.60 -23.00
N LYS C 294 -3.82 -7.46 -22.78
CA LYS C 294 -4.77 -7.16 -21.73
C LYS C 294 -4.02 -6.94 -20.38
N CYS C 295 -2.89 -7.68 -20.14
CA CYS C 295 -1.97 -7.57 -19.01
C CYS C 295 -0.62 -7.03 -19.50
N GLN C 296 -0.04 -6.09 -18.76
CA GLN C 296 1.29 -5.59 -19.09
C GLN C 296 2.18 -5.33 -17.87
N THR C 297 3.45 -5.69 -17.99
CA THR C 297 4.39 -5.43 -16.92
C THR C 297 5.43 -4.49 -17.54
N PRO C 298 6.34 -3.89 -16.78
CA PRO C 298 7.40 -3.05 -17.28
C PRO C 298 8.33 -3.75 -18.26
N GLN C 299 8.30 -5.09 -18.27
CA GLN C 299 9.16 -5.85 -19.14
C GLN C 299 8.49 -6.26 -20.45
N GLY C 300 7.20 -6.00 -20.58
CA GLY C 300 6.49 -6.44 -21.78
C GLY C 300 5.12 -7.02 -21.47
N ALA C 301 4.41 -7.43 -22.53
CA ALA C 301 3.06 -7.95 -22.40
C ALA C 301 2.98 -9.39 -21.96
N ILE C 302 1.90 -9.68 -21.24
CA ILE C 302 1.53 -11.04 -20.88
C ILE C 302 0.23 -11.38 -21.60
N ASN C 303 0.24 -12.49 -22.31
CA ASN C 303 -0.93 -12.90 -23.08
C ASN C 303 -1.30 -14.34 -22.81
N SER C 304 -1.92 -14.58 -21.67
CA SER C 304 -2.31 -15.92 -21.24
C SER C 304 -3.48 -15.86 -20.28
N SER C 305 -4.07 -17.02 -20.01
CA SER C 305 -5.23 -17.18 -19.12
C SER C 305 -4.93 -17.91 -17.81
N LEU C 306 -3.66 -18.05 -17.50
CA LEU C 306 -3.30 -18.78 -16.30
C LEU C 306 -3.54 -17.91 -15.08
N PRO C 307 -3.86 -18.50 -13.91
CA PRO C 307 -4.08 -17.80 -12.66
C PRO C 307 -2.87 -17.16 -12.02
N PHE C 308 -1.65 -17.63 -12.36
CA PHE C 308 -0.48 -17.05 -11.74
C PHE C 308 0.60 -16.66 -12.72
N GLN C 309 1.45 -15.73 -12.31
CA GLN C 309 2.64 -15.36 -13.07
C GLN C 309 3.83 -15.25 -12.15
N ASN C 310 5.02 -15.43 -12.69
CA ASN C 310 6.20 -15.14 -11.90
C ASN C 310 7.05 -14.12 -12.63
N VAL C 311 6.41 -13.35 -13.53
CA VAL C 311 7.11 -12.36 -14.32
C VAL C 311 7.38 -11.06 -13.57
N HIS C 312 6.38 -10.42 -12.97
CA HIS C 312 6.70 -9.18 -12.25
C HIS C 312 5.62 -8.80 -11.22
N PRO C 313 5.99 -8.36 -9.99
CA PRO C 313 5.06 -7.94 -8.95
C PRO C 313 4.24 -6.68 -9.19
N VAL C 314 4.69 -5.81 -10.07
CA VAL C 314 3.94 -4.59 -10.32
C VAL C 314 3.41 -4.58 -11.73
N THR C 315 2.12 -4.79 -11.87
CA THR C 315 1.56 -4.94 -13.19
C THR C 315 0.37 -4.04 -13.39
N ILE C 316 -0.05 -3.91 -14.65
CA ILE C 316 -1.26 -3.16 -14.99
C ILE C 316 -2.11 -4.04 -15.91
N GLY C 317 -3.43 -3.94 -15.80
CA GLY C 317 -4.27 -4.70 -16.72
C GLY C 317 -4.73 -6.04 -16.18
N GLU C 318 -5.28 -6.87 -17.06
CA GLU C 318 -5.96 -8.11 -16.67
C GLU C 318 -4.99 -9.27 -16.46
N CYS C 319 -4.19 -9.17 -15.38
CA CYS C 319 -3.06 -10.02 -15.04
C CYS C 319 -3.28 -11.25 -14.14
N PRO C 320 -2.49 -12.33 -14.37
CA PRO C 320 -2.32 -13.48 -13.51
C PRO C 320 -1.73 -12.97 -12.22
N LYS C 321 -2.01 -13.61 -11.10
CA LYS C 321 -1.45 -13.10 -9.86
C LYS C 321 0.02 -13.42 -9.69
N TYR C 322 0.83 -12.43 -9.30
CA TYR C 322 2.25 -12.69 -9.13
C TYR C 322 2.53 -13.54 -7.91
N VAL C 323 3.32 -14.58 -8.10
CA VAL C 323 3.70 -15.50 -7.05
C VAL C 323 5.20 -15.79 -7.05
N ARG C 324 5.80 -15.91 -5.86
CA ARG C 324 7.23 -16.22 -5.83
C ARG C 324 7.48 -17.70 -5.94
N SER C 325 7.27 -18.23 -7.11
CA SER C 325 7.36 -19.66 -7.34
C SER C 325 7.92 -19.96 -8.71
N ALA C 326 8.72 -21.02 -8.83
CA ALA C 326 9.28 -21.40 -10.13
C ALA C 326 8.31 -22.16 -11.02
N LYS C 327 7.47 -23.03 -10.44
CA LYS C 327 6.56 -23.84 -11.24
C LYS C 327 5.31 -24.26 -10.49
N LEU C 328 4.18 -24.25 -11.17
CA LEU C 328 2.93 -24.73 -10.61
C LEU C 328 2.31 -25.71 -11.58
N ARG C 329 2.89 -26.89 -11.64
CA ARG C 329 2.44 -27.88 -12.62
C ARG C 329 1.52 -28.90 -11.97
N MET C 330 0.39 -29.12 -12.63
CA MET C 330 -0.57 -30.10 -12.16
C MET C 330 -0.50 -31.33 -13.02
N VAL C 331 -0.85 -32.46 -12.43
CA VAL C 331 -0.93 -33.70 -13.20
C VAL C 331 -2.36 -33.93 -13.60
N THR C 332 -2.56 -34.27 -14.86
CA THR C 332 -3.91 -34.58 -15.27
C THR C 332 -3.95 -36.03 -15.70
N GLY C 333 -2.80 -36.53 -16.08
CA GLY C 333 -2.70 -37.88 -16.61
C GLY C 333 -2.32 -38.88 -15.56
N LEU C 334 -1.72 -39.96 -15.99
CA LEU C 334 -1.39 -41.05 -15.11
C LEU C 334 0.05 -40.97 -14.73
N ARG C 335 0.44 -41.69 -13.70
CA ARG C 335 1.86 -41.70 -13.43
C ARG C 335 2.49 -42.40 -14.62
N ASN C 336 3.52 -41.81 -15.20
CA ASN C 336 4.07 -42.38 -16.43
C ASN C 336 5.11 -43.45 -16.27
N ILE C 337 4.70 -44.63 -15.88
CA ILE C 337 5.64 -45.73 -15.75
C ILE C 337 5.28 -46.89 -16.68
N PRO C 338 5.87 -46.98 -17.88
CA PRO C 338 5.64 -48.01 -18.86
C PRO C 338 6.39 -49.27 -18.43
N SER C 339 5.92 -50.45 -18.89
CA SER C 339 6.61 -51.74 -18.73
C SER C 339 6.33 -52.61 -19.96
N PHE D 9 -3.33 -52.78 -10.27
CA PHE D 9 -2.97 -54.21 -10.24
C PHE D 9 -1.89 -54.62 -11.26
N ILE D 10 -1.84 -53.91 -12.40
CA ILE D 10 -0.95 -54.16 -13.54
C ILE D 10 0.51 -53.84 -13.19
N GLU D 11 1.44 -54.61 -13.74
CA GLU D 11 2.87 -54.43 -13.51
C GLU D 11 3.37 -53.04 -13.83
N GLY D 12 2.84 -52.46 -14.90
CA GLY D 12 3.20 -51.13 -15.35
C GLY D 12 2.32 -50.78 -16.52
N GLY D 13 2.50 -49.60 -17.07
CA GLY D 13 1.66 -49.16 -18.16
C GLY D 13 2.01 -49.72 -19.52
N TRP D 14 1.03 -49.60 -20.40
CA TRP D 14 1.08 -50.05 -21.76
C TRP D 14 1.31 -48.94 -22.75
N THR D 15 2.43 -49.00 -23.44
CA THR D 15 2.76 -47.99 -24.42
C THR D 15 2.06 -48.27 -25.73
N GLY D 16 1.44 -49.45 -25.79
CA GLY D 16 0.70 -49.89 -26.95
C GLY D 16 -0.75 -49.42 -26.85
N MET D 17 -1.12 -48.72 -25.78
CA MET D 17 -2.49 -48.27 -25.66
C MET D 17 -2.53 -46.77 -25.86
N VAL D 18 -3.26 -46.32 -26.87
CA VAL D 18 -3.31 -44.89 -27.17
C VAL D 18 -4.71 -44.30 -27.36
N ASP D 19 -5.75 -45.10 -27.17
CA ASP D 19 -7.13 -44.67 -27.41
C ASP D 19 -7.91 -44.32 -26.15
N GLY D 20 -7.21 -44.13 -25.03
CA GLY D 20 -7.86 -43.82 -23.77
C GLY D 20 -6.85 -43.90 -22.64
N TRP D 21 -7.33 -43.94 -21.41
CA TRP D 21 -6.41 -43.97 -20.28
C TRP D 21 -6.35 -45.32 -19.65
N TYR D 22 -7.51 -45.93 -19.48
CA TYR D 22 -7.60 -47.21 -18.82
C TYR D 22 -8.14 -48.20 -19.81
N GLY D 23 -7.77 -49.46 -19.67
CA GLY D 23 -8.28 -50.44 -20.62
C GLY D 23 -7.83 -51.87 -20.41
N TYR D 24 -8.09 -52.67 -21.44
CA TYR D 24 -7.84 -54.10 -21.41
C TYR D 24 -6.96 -54.61 -22.52
N HIS D 25 -6.23 -55.68 -22.21
CA HIS D 25 -5.46 -56.39 -23.22
C HIS D 25 -6.19 -57.70 -23.44
N HIS D 26 -6.72 -57.90 -24.63
CA HIS D 26 -7.51 -59.09 -24.89
C HIS D 26 -6.73 -60.08 -25.73
N GLN D 27 -6.47 -61.27 -25.18
CA GLN D 27 -5.68 -62.28 -25.89
C GLN D 27 -6.40 -63.62 -26.07
N ASN D 28 -6.60 -64.06 -27.32
CA ASN D 28 -7.21 -65.36 -27.60
C ASN D 28 -6.75 -65.91 -28.96
N GLU D 29 -7.26 -67.07 -29.35
CA GLU D 29 -6.87 -67.71 -30.61
C GLU D 29 -7.30 -66.93 -31.86
N GLN D 30 -8.27 -66.04 -31.72
CA GLN D 30 -8.78 -65.27 -32.85
C GLN D 30 -8.07 -63.95 -33.02
N GLY D 31 -7.14 -63.61 -32.12
CA GLY D 31 -6.45 -62.34 -32.23
C GLY D 31 -5.96 -61.78 -30.91
N SER D 32 -5.28 -60.65 -30.98
CA SER D 32 -4.73 -60.01 -29.79
C SER D 32 -4.62 -58.52 -29.97
N GLY D 33 -4.97 -57.78 -28.93
CA GLY D 33 -4.79 -56.34 -29.01
C GLY D 33 -5.31 -55.58 -27.80
N TYR D 34 -5.02 -54.29 -27.80
CA TYR D 34 -5.43 -53.43 -26.70
C TYR D 34 -6.65 -52.64 -27.05
N ALA D 35 -7.49 -52.39 -26.06
CA ALA D 35 -8.62 -51.50 -26.27
C ALA D 35 -8.94 -50.75 -24.98
N ALA D 36 -9.15 -49.46 -25.10
CA ALA D 36 -9.47 -48.67 -23.92
C ALA D 36 -10.91 -48.79 -23.48
N ASP D 37 -11.12 -48.65 -22.19
CA ASP D 37 -12.45 -48.56 -21.62
C ASP D 37 -12.83 -47.12 -21.62
N GLN D 38 -13.69 -46.75 -22.54
CA GLN D 38 -14.01 -45.36 -22.68
C GLN D 38 -14.78 -44.85 -21.49
N LYS D 39 -15.52 -45.71 -20.79
CA LYS D 39 -16.31 -45.18 -19.70
C LYS D 39 -15.43 -44.72 -18.55
N SER D 40 -14.46 -45.54 -18.13
CA SER D 40 -13.65 -45.12 -17.01
C SER D 40 -12.69 -44.04 -17.43
N THR D 41 -12.30 -44.03 -18.71
CA THR D 41 -11.41 -43.00 -19.17
C THR D 41 -12.12 -41.67 -19.18
N GLN D 42 -13.34 -41.62 -19.73
CA GLN D 42 -14.01 -40.35 -19.80
C GLN D 42 -14.39 -39.85 -18.43
N ASN D 43 -14.75 -40.76 -17.52
CA ASN D 43 -15.11 -40.26 -16.21
C ASN D 43 -13.91 -39.67 -15.53
N ALA D 44 -12.74 -40.31 -15.70
CA ALA D 44 -11.56 -39.80 -15.09
C ALA D 44 -11.21 -38.43 -15.65
N ILE D 45 -11.40 -38.26 -16.96
CA ILE D 45 -11.12 -36.99 -17.60
C ILE D 45 -12.04 -35.92 -17.10
N ASN D 46 -13.34 -36.20 -17.01
CA ASN D 46 -14.26 -35.17 -16.59
C ASN D 46 -13.96 -34.70 -15.18
N GLY D 47 -13.60 -35.63 -14.30
CA GLY D 47 -13.31 -35.27 -12.92
C GLY D 47 -12.12 -34.35 -12.87
N ILE D 48 -11.07 -34.74 -13.55
CA ILE D 48 -9.84 -33.97 -13.58
C ILE D 48 -10.01 -32.65 -14.26
N THR D 49 -10.75 -32.62 -15.35
CA THR D 49 -10.98 -31.39 -16.07
C THR D 49 -11.67 -30.40 -15.15
N ASN D 50 -12.68 -30.86 -14.39
CA ASN D 50 -13.34 -29.95 -13.49
C ASN D 50 -12.40 -29.48 -12.39
N LYS D 51 -11.52 -30.37 -11.94
CA LYS D 51 -10.58 -30.05 -10.88
C LYS D 51 -9.58 -28.98 -11.31
N VAL D 52 -9.03 -29.12 -12.50
CA VAL D 52 -8.08 -28.14 -12.99
C VAL D 52 -8.78 -26.82 -13.23
N ASN D 53 -9.96 -26.86 -13.84
CA ASN D 53 -10.63 -25.62 -14.11
C ASN D 53 -11.04 -24.92 -12.83
N SER D 54 -11.42 -25.67 -11.79
CA SER D 54 -11.79 -25.06 -10.53
C SER D 54 -10.61 -24.29 -9.94
N VAL D 55 -9.42 -24.88 -10.01
CA VAL D 55 -8.27 -24.19 -9.46
C VAL D 55 -8.06 -22.86 -10.18
N ILE D 56 -8.23 -22.84 -11.50
CA ILE D 56 -8.07 -21.63 -12.28
C ILE D 56 -9.19 -20.61 -12.07
N GLU D 57 -10.45 -21.06 -12.10
CA GLU D 57 -11.64 -20.21 -11.99
C GLU D 57 -11.77 -19.54 -10.64
N LYS D 58 -11.25 -20.16 -9.59
CA LYS D 58 -11.36 -19.59 -8.27
C LYS D 58 -10.34 -18.51 -7.97
N MET D 59 -9.47 -18.14 -8.90
CA MET D 59 -8.61 -17.02 -8.57
C MET D 59 -9.42 -15.73 -8.63
N ASN D 60 -9.46 -15.02 -7.50
CA ASN D 60 -10.24 -13.78 -7.39
C ASN D 60 -9.38 -12.57 -7.66
N THR D 61 -9.70 -11.85 -8.72
CA THR D 61 -8.92 -10.69 -9.11
C THR D 61 -9.76 -9.46 -9.33
N GLN D 62 -9.09 -8.31 -9.26
CA GLN D 62 -9.60 -7.00 -9.57
C GLN D 62 -8.45 -6.38 -10.34
N PHE D 63 -8.68 -5.49 -11.28
CA PHE D 63 -7.52 -5.02 -12.03
C PHE D 63 -7.21 -3.54 -12.02
N THR D 64 -6.19 -3.19 -11.24
CA THR D 64 -5.71 -1.82 -11.12
C THR D 64 -4.20 -1.90 -11.19
N ALA D 65 -3.56 -0.76 -11.33
CA ALA D 65 -2.11 -0.72 -11.20
C ALA D 65 -1.80 -0.82 -9.71
N VAL D 66 -0.60 -1.27 -9.33
CA VAL D 66 -0.29 -1.38 -7.90
C VAL D 66 0.94 -0.65 -7.34
N GLY D 67 1.77 0.00 -8.15
CA GLY D 67 2.96 0.64 -7.57
C GLY D 67 2.63 1.99 -6.90
N LYS D 68 3.39 2.38 -5.85
CA LYS D 68 3.17 3.66 -5.17
C LYS D 68 4.45 4.43 -4.83
N GLU D 69 4.40 5.76 -4.99
CA GLU D 69 5.49 6.67 -4.70
C GLU D 69 5.36 7.41 -3.37
N PHE D 70 6.50 7.53 -2.67
CA PHE D 70 6.58 8.22 -1.38
C PHE D 70 7.77 9.16 -1.37
N ASN D 71 7.71 10.22 -0.57
CA ASN D 71 8.85 11.14 -0.49
C ASN D 71 9.83 10.72 0.62
N LYS D 72 10.88 11.49 0.84
CA LYS D 72 11.91 11.09 1.79
C LYS D 72 11.58 11.20 3.28
N LEU D 73 10.45 11.81 3.60
CA LEU D 73 9.98 11.90 4.98
C LEU D 73 8.74 11.03 5.18
N GLU D 74 8.49 10.11 4.26
CA GLU D 74 7.36 9.21 4.33
C GLU D 74 7.77 7.74 4.44
N ARG D 75 8.91 7.47 5.06
CA ARG D 75 9.41 6.12 5.20
C ARG D 75 8.47 5.27 6.00
N ARG D 76 7.83 5.81 7.03
CA ARG D 76 6.94 4.93 7.77
C ARG D 76 5.82 4.43 6.86
N MET D 77 5.28 5.30 6.02
CA MET D 77 4.22 4.88 5.12
C MET D 77 4.76 3.98 4.02
N GLU D 78 5.95 4.27 3.53
CA GLU D 78 6.50 3.42 2.48
C GLU D 78 6.72 2.03 3.01
N ASN D 79 7.23 1.92 4.24
CA ASN D 79 7.48 0.63 4.80
C ASN D 79 6.20 -0.10 5.05
N LEU D 80 5.13 0.61 5.40
CA LEU D 80 3.88 -0.09 5.57
C LEU D 80 3.42 -0.59 4.21
N ASN D 81 3.53 0.23 3.17
CA ASN D 81 3.12 -0.24 1.86
C ASN D 81 3.89 -1.51 1.49
N LYS D 82 5.20 -1.53 1.79
CA LYS D 82 5.97 -2.72 1.50
C LYS D 82 5.48 -3.89 2.32
N LYS D 83 5.22 -3.68 3.61
CA LYS D 83 4.77 -4.75 4.46
C LYS D 83 3.50 -5.39 3.93
N VAL D 84 2.60 -4.56 3.41
CA VAL D 84 1.37 -5.08 2.86
C VAL D 84 1.66 -5.95 1.66
N ASP D 85 2.54 -5.50 0.76
CA ASP D 85 2.83 -6.32 -0.41
C ASP D 85 3.58 -7.60 -0.08
N ASP D 86 4.50 -7.56 0.88
CA ASP D 86 5.25 -8.76 1.20
C ASP D 86 4.34 -9.77 1.86
N GLY D 87 3.44 -9.30 2.69
CA GLY D 87 2.50 -10.15 3.37
C GLY D 87 1.59 -10.85 2.38
N PHE D 88 0.99 -10.09 1.46
CA PHE D 88 0.08 -10.72 0.53
C PHE D 88 0.80 -11.66 -0.40
N LEU D 89 2.00 -11.31 -0.82
CA LEU D 89 2.74 -12.19 -1.70
C LEU D 89 3.10 -13.49 -1.00
N ASP D 90 3.50 -13.41 0.27
CA ASP D 90 3.88 -14.61 1.00
C ASP D 90 2.66 -15.51 1.23
N ILE D 91 1.49 -14.91 1.48
CA ILE D 91 0.31 -15.74 1.67
C ILE D 91 -0.05 -16.46 0.40
N TRP D 92 -0.06 -15.74 -0.72
CA TRP D 92 -0.44 -16.40 -1.95
C TRP D 92 0.57 -17.41 -2.39
N THR D 93 1.85 -17.19 -2.14
CA THR D 93 2.85 -18.15 -2.55
C THR D 93 2.71 -19.42 -1.74
N TYR D 94 2.54 -19.30 -0.43
CA TYR D 94 2.44 -20.47 0.40
C TYR D 94 1.20 -21.26 0.03
N ASN D 95 0.08 -20.56 -0.14
CA ASN D 95 -1.14 -21.26 -0.45
C ASN D 95 -1.12 -21.84 -1.84
N ALA D 96 -0.58 -21.14 -2.83
CA ALA D 96 -0.60 -21.67 -4.17
C ALA D 96 0.22 -22.93 -4.29
N GLU D 97 1.38 -22.95 -3.63
CA GLU D 97 2.20 -24.14 -3.74
C GLU D 97 1.61 -25.31 -3.01
N LEU D 98 1.05 -25.11 -1.82
CA LEU D 98 0.48 -26.26 -1.15
C LEU D 98 -0.76 -26.75 -1.85
N LEU D 99 -1.56 -25.85 -2.44
CA LEU D 99 -2.74 -26.34 -3.12
C LEU D 99 -2.35 -27.22 -4.26
N VAL D 100 -1.36 -26.82 -5.04
CA VAL D 100 -1.00 -27.65 -6.15
C VAL D 100 -0.53 -29.02 -5.69
N LEU D 101 0.27 -29.08 -4.62
CA LEU D 101 0.72 -30.40 -4.21
C LEU D 101 -0.44 -31.27 -3.78
N LEU D 102 -1.44 -30.70 -3.09
CA LEU D 102 -2.58 -31.50 -2.68
C LEU D 102 -3.41 -31.95 -3.85
N GLU D 103 -3.56 -31.08 -4.85
CA GLU D 103 -4.37 -31.43 -6.01
C GLU D 103 -3.70 -32.55 -6.78
N ASN D 104 -2.36 -32.53 -6.84
CA ASN D 104 -1.70 -33.59 -7.55
C ASN D 104 -1.85 -34.91 -6.86
N GLU D 105 -1.82 -34.93 -5.53
CA GLU D 105 -1.99 -36.23 -4.90
C GLU D 105 -3.37 -36.78 -5.06
N ARG D 106 -4.38 -35.94 -4.99
CA ARG D 106 -5.69 -36.53 -5.14
C ARG D 106 -5.85 -37.06 -6.53
N THR D 107 -5.32 -36.36 -7.54
CA THR D 107 -5.45 -36.84 -8.91
C THR D 107 -4.77 -38.20 -9.07
N LEU D 108 -3.58 -38.36 -8.51
CA LEU D 108 -2.90 -39.63 -8.67
C LEU D 108 -3.63 -40.76 -7.93
N ASP D 109 -4.18 -40.49 -6.74
CA ASP D 109 -4.91 -41.53 -6.02
C ASP D 109 -6.22 -41.84 -6.71
N PHE D 110 -6.82 -40.83 -7.31
CA PHE D 110 -8.04 -40.95 -8.07
C PHE D 110 -7.81 -41.95 -9.18
N HIS D 111 -6.71 -41.78 -9.90
CA HIS D 111 -6.39 -42.69 -10.97
C HIS D 111 -6.10 -44.11 -10.45
N ASP D 112 -5.42 -44.24 -9.32
CA ASP D 112 -5.15 -45.57 -8.81
C ASP D 112 -6.47 -46.30 -8.53
N SER D 113 -7.45 -45.58 -7.99
CA SER D 113 -8.76 -46.18 -7.75
C SER D 113 -9.43 -46.59 -9.05
N ASN D 114 -9.37 -45.74 -10.06
CA ASN D 114 -10.05 -46.07 -11.29
C ASN D 114 -9.54 -47.36 -11.94
N VAL D 115 -8.23 -47.61 -11.91
CA VAL D 115 -7.77 -48.85 -12.53
C VAL D 115 -8.16 -50.05 -11.68
N LYS D 116 -8.10 -49.90 -10.36
CA LYS D 116 -8.48 -51.00 -9.50
C LYS D 116 -9.93 -51.38 -9.67
N ASN D 117 -10.78 -50.39 -9.93
CA ASN D 117 -12.17 -50.71 -10.14
C ASN D 117 -12.38 -51.49 -11.44
N LEU D 118 -11.59 -51.25 -12.49
CA LEU D 118 -11.82 -52.07 -13.68
C LEU D 118 -11.45 -53.51 -13.40
N TYR D 119 -10.37 -53.70 -12.64
CA TYR D 119 -9.91 -55.04 -12.31
C TYR D 119 -11.01 -55.79 -11.58
N GLU D 120 -11.61 -55.13 -10.59
CA GLU D 120 -12.66 -55.77 -9.83
C GLU D 120 -13.89 -56.04 -10.69
N LYS D 121 -14.23 -55.14 -11.62
CA LYS D 121 -15.37 -55.41 -12.48
C LYS D 121 -15.16 -56.74 -13.22
N VAL D 122 -13.94 -56.94 -13.72
CA VAL D 122 -13.64 -58.18 -14.40
C VAL D 122 -13.71 -59.34 -13.44
N LYS D 123 -13.14 -59.18 -12.24
CA LYS D 123 -13.14 -60.25 -11.28
C LYS D 123 -14.55 -60.75 -11.01
N SER D 124 -15.50 -59.80 -10.87
CA SER D 124 -16.89 -60.09 -10.61
C SER D 124 -17.61 -60.76 -11.77
N GLN D 125 -17.18 -60.48 -13.01
CA GLN D 125 -17.80 -61.12 -14.16
C GLN D 125 -17.28 -62.54 -14.35
N LEU D 126 -15.98 -62.73 -14.15
CA LEU D 126 -15.40 -64.03 -14.39
C LEU D 126 -15.61 -65.02 -13.27
N LYS D 127 -15.65 -64.57 -12.03
CA LYS D 127 -15.89 -65.48 -10.92
C LYS D 127 -14.94 -66.68 -10.99
N ASN D 128 -15.49 -67.89 -11.16
CA ASN D 128 -14.70 -69.11 -11.19
C ASN D 128 -14.27 -69.56 -12.58
N ASN D 129 -14.53 -68.73 -13.58
CA ASN D 129 -14.16 -69.07 -14.94
C ASN D 129 -12.76 -68.61 -15.28
N ALA D 130 -12.08 -68.00 -14.32
CA ALA D 130 -10.73 -67.55 -14.51
C ALA D 130 -10.01 -67.50 -13.18
N LYS D 131 -8.70 -67.61 -13.23
CA LYS D 131 -7.95 -67.48 -12.00
C LYS D 131 -7.18 -66.19 -11.96
N GLU D 132 -7.00 -65.67 -10.75
CA GLU D 132 -6.21 -64.47 -10.57
C GLU D 132 -4.73 -64.76 -10.54
N ILE D 133 -4.04 -63.94 -11.28
CA ILE D 133 -2.61 -63.93 -11.43
C ILE D 133 -2.19 -62.52 -11.04
N GLY D 134 -1.02 -62.38 -10.43
CA GLY D 134 -0.63 -61.05 -10.02
C GLY D 134 -0.32 -60.25 -11.26
N ASN D 135 0.03 -59.00 -11.07
CA ASN D 135 0.26 -58.08 -12.16
C ASN D 135 -0.97 -57.86 -13.05
N GLY D 136 -2.18 -57.85 -12.47
CA GLY D 136 -3.37 -57.51 -13.23
C GLY D 136 -3.86 -58.54 -14.22
N CYS D 137 -3.52 -59.84 -14.16
CA CYS D 137 -3.88 -60.77 -15.30
C CYS D 137 -4.85 -61.94 -14.93
N PHE D 138 -6.02 -62.07 -15.58
CA PHE D 138 -6.98 -63.16 -15.45
C PHE D 138 -6.83 -64.23 -16.51
N GLU D 139 -6.57 -65.44 -16.07
CA GLU D 139 -6.41 -66.55 -17.01
C GLU D 139 -7.67 -67.40 -17.04
N PHE D 140 -8.25 -67.58 -18.21
CA PHE D 140 -9.51 -68.30 -18.32
C PHE D 140 -9.36 -69.80 -18.18
N TYR D 141 -10.32 -70.42 -17.51
CA TYR D 141 -10.35 -71.88 -17.45
C TYR D 141 -10.94 -72.47 -18.71
N HIS D 142 -11.86 -71.75 -19.34
CA HIS D 142 -12.51 -72.18 -20.56
C HIS D 142 -11.96 -71.45 -21.75
N LYS D 143 -12.10 -72.01 -22.94
CA LYS D 143 -11.70 -71.28 -24.14
C LYS D 143 -12.61 -70.05 -24.31
N CYS D 144 -12.02 -68.85 -24.64
CA CYS D 144 -12.78 -67.61 -24.82
C CYS D 144 -12.42 -66.94 -26.16
N ASN D 145 -13.46 -66.66 -26.92
CA ASN D 145 -13.41 -66.03 -28.23
C ASN D 145 -13.52 -64.52 -28.13
N ASN D 146 -13.52 -63.83 -29.27
CA ASN D 146 -13.59 -62.38 -29.21
C ASN D 146 -14.90 -61.87 -28.62
N GLU D 147 -15.99 -62.60 -28.84
CA GLU D 147 -17.27 -62.13 -28.33
C GLU D 147 -17.34 -62.10 -26.78
N CYS D 148 -16.79 -63.13 -26.07
CA CYS D 148 -16.72 -63.15 -24.60
C CYS D 148 -15.68 -62.15 -24.10
N MET D 149 -14.65 -61.85 -24.90
CA MET D 149 -13.74 -60.81 -24.43
C MET D 149 -14.52 -59.50 -24.32
N GLU D 150 -15.38 -59.23 -25.32
CA GLU D 150 -16.21 -58.03 -25.30
C GLU D 150 -17.27 -58.09 -24.20
N SER D 151 -17.85 -59.26 -23.98
CA SER D 151 -18.87 -59.37 -22.95
C SER D 151 -18.29 -59.12 -21.57
N VAL D 152 -17.06 -59.58 -21.32
CA VAL D 152 -16.49 -59.31 -20.02
C VAL D 152 -16.25 -57.82 -19.89
N LYS D 153 -15.67 -57.20 -20.93
CA LYS D 153 -15.40 -55.76 -20.91
C LYS D 153 -16.65 -54.93 -20.66
N ASN D 154 -17.75 -55.33 -21.27
CA ASN D 154 -18.99 -54.58 -21.17
C ASN D 154 -19.84 -54.94 -19.96
N GLY D 155 -19.40 -55.89 -19.14
CA GLY D 155 -20.19 -56.31 -17.99
C GLY D 155 -21.40 -57.19 -18.34
N THR D 156 -21.34 -57.90 -19.48
CA THR D 156 -22.44 -58.72 -19.97
C THR D 156 -22.02 -60.18 -20.16
N TYR D 157 -21.06 -60.66 -19.37
CA TYR D 157 -20.56 -62.02 -19.52
C TYR D 157 -21.49 -63.05 -18.90
N ASP D 158 -21.86 -64.04 -19.69
CA ASP D 158 -22.80 -65.05 -19.24
C ASP D 158 -22.08 -66.15 -18.49
N TYR D 159 -21.65 -65.83 -17.28
CA TYR D 159 -20.84 -66.75 -16.49
C TYR D 159 -21.27 -68.22 -16.52
N PRO D 160 -22.53 -68.59 -16.21
CA PRO D 160 -22.96 -69.98 -16.10
C PRO D 160 -22.74 -70.77 -17.38
N LYS D 161 -22.68 -70.08 -18.51
CA LYS D 161 -22.54 -70.69 -19.82
C LYS D 161 -21.29 -71.49 -19.96
N TYR D 162 -20.24 -71.08 -19.27
CA TYR D 162 -18.97 -71.74 -19.43
C TYR D 162 -18.63 -72.51 -18.19
N SER D 163 -19.57 -72.61 -17.26
CA SER D 163 -19.24 -73.23 -15.99
C SER D 163 -18.92 -74.70 -16.10
N GLU D 164 -19.48 -75.40 -17.10
CA GLU D 164 -19.16 -76.82 -17.17
C GLU D 164 -17.75 -77.02 -17.65
N GLU D 165 -17.34 -76.21 -18.62
CA GLU D 165 -16.00 -76.35 -19.14
C GLU D 165 -15.00 -76.00 -18.06
N SER D 166 -15.30 -74.95 -17.29
CA SER D 166 -14.38 -74.54 -16.27
C SER D 166 -14.28 -75.62 -15.20
N LYS D 167 -15.40 -76.22 -14.79
CA LYS D 167 -15.29 -77.25 -13.77
C LYS D 167 -14.40 -78.38 -14.22
N LEU D 168 -14.48 -78.74 -15.50
CA LEU D 168 -13.64 -79.78 -16.04
C LEU D 168 -12.18 -79.36 -16.07
N ASN D 169 -11.91 -78.09 -16.34
CA ASN D 169 -10.53 -77.61 -16.42
C ASN D 169 -9.96 -77.11 -15.08
N ARG D 170 -10.79 -76.94 -14.06
CA ARG D 170 -10.32 -76.48 -12.76
C ARG D 170 -9.70 -77.62 -11.94
N GLU D 171 -8.48 -78.03 -12.35
CA GLU D 171 -7.66 -79.11 -11.77
C GLU D 171 -6.62 -78.57 -10.78
N ASP E 18 0.21 -73.67 12.78
CA ASP E 18 1.11 -72.61 12.37
C ASP E 18 0.29 -71.39 11.92
N THR E 19 0.70 -70.17 12.40
CA THR E 19 0.02 -68.87 12.12
C THR E 19 0.95 -67.73 11.71
N ILE E 20 0.49 -66.93 10.74
CA ILE E 20 1.19 -65.68 10.39
C ILE E 20 0.19 -64.52 10.64
N CYS E 21 0.61 -63.43 11.34
CA CYS E 21 -0.22 -62.27 11.67
C CYS E 21 0.38 -60.97 11.18
N ILE E 22 -0.48 -60.09 10.66
CA ILE E 22 -0.10 -58.77 10.23
C ILE E 22 -0.54 -57.75 11.24
N GLY E 23 0.40 -56.98 11.71
CA GLY E 23 0.11 -55.98 12.72
C GLY E 23 0.87 -54.71 12.50
N TYR E 24 0.90 -53.91 13.55
CA TYR E 24 1.54 -52.63 13.53
C TYR E 24 2.00 -52.27 14.91
N HIS E 25 2.92 -51.33 14.99
CA HIS E 25 3.52 -50.78 16.20
C HIS E 25 2.61 -50.01 17.15
N ALA E 26 2.83 -50.20 18.44
CA ALA E 26 2.16 -49.43 19.47
C ALA E 26 3.15 -49.20 20.58
N ASN E 27 2.95 -48.15 21.36
CA ASN E 27 3.91 -47.85 22.42
C ASN E 27 3.19 -47.16 23.60
N ASN E 28 4.01 -46.50 24.46
CA ASN E 28 3.54 -45.82 25.70
C ASN E 28 3.39 -44.31 25.49
N SER E 29 3.42 -43.81 24.25
CA SER E 29 3.28 -42.38 23.91
C SER E 29 1.94 -41.77 24.28
N THR E 30 2.01 -40.53 24.74
CA THR E 30 0.87 -39.72 25.08
C THR E 30 0.72 -38.54 24.12
N ASP E 31 1.58 -38.48 23.10
CA ASP E 31 1.48 -37.34 22.19
C ASP E 31 0.11 -37.36 21.61
N THR E 32 -0.57 -36.25 21.70
CA THR E 32 -1.93 -36.20 21.23
C THR E 32 -2.10 -35.14 20.18
N VAL E 33 -2.77 -35.50 19.10
CA VAL E 33 -3.03 -34.57 18.02
C VAL E 33 -4.50 -34.39 17.74
N ASP E 34 -4.81 -33.31 17.08
CA ASP E 34 -6.18 -33.04 16.72
C ASP E 34 -6.39 -33.48 15.30
N THR E 35 -7.60 -33.88 14.95
CA THR E 35 -7.89 -34.16 13.56
C THR E 35 -9.19 -33.47 13.20
N VAL E 36 -9.58 -33.51 11.95
CA VAL E 36 -10.85 -32.88 11.63
C VAL E 36 -12.03 -33.73 12.11
N LEU E 37 -11.90 -35.07 12.10
CA LEU E 37 -13.04 -35.86 12.56
C LEU E 37 -13.04 -36.15 14.06
N GLU E 38 -11.90 -36.08 14.73
CA GLU E 38 -11.83 -36.43 16.15
C GLU E 38 -11.00 -35.41 16.92
N LYS E 39 -11.46 -35.04 18.10
CA LYS E 39 -10.75 -33.98 18.84
C LYS E 39 -9.51 -34.31 19.69
N ASN E 40 -9.26 -35.59 20.06
CA ASN E 40 -8.10 -35.97 20.89
C ASN E 40 -7.62 -37.37 20.50
N VAL E 41 -6.58 -37.47 19.61
CA VAL E 41 -6.06 -38.76 19.13
C VAL E 41 -4.64 -38.98 19.61
N THR E 42 -4.42 -40.05 20.36
CA THR E 42 -3.08 -40.32 20.85
C THR E 42 -2.32 -41.01 19.74
N VAL E 43 -1.10 -40.59 19.48
CA VAL E 43 -0.29 -41.16 18.42
C VAL E 43 1.08 -41.60 18.93
N THR E 44 1.73 -42.51 18.19
CA THR E 44 3.02 -43.05 18.60
C THR E 44 4.18 -42.08 18.43
N HIS E 45 4.08 -41.19 17.44
CA HIS E 45 5.11 -40.20 17.13
C HIS E 45 4.47 -38.91 16.64
N SER E 46 5.04 -37.76 17.00
CA SER E 46 4.49 -36.48 16.53
C SER E 46 5.57 -35.42 16.37
N VAL E 47 5.22 -34.36 15.65
CA VAL E 47 6.11 -33.22 15.44
C VAL E 47 5.45 -31.90 15.83
N ASN E 48 6.19 -31.09 16.56
CA ASN E 48 5.75 -29.78 17.00
C ASN E 48 6.11 -28.73 15.98
N LEU E 49 5.12 -28.05 15.40
CA LEU E 49 5.39 -27.02 14.42
C LEU E 49 5.40 -25.60 15.01
N LEU E 50 5.02 -25.48 16.29
CA LEU E 50 4.91 -24.16 16.91
C LEU E 50 5.86 -23.92 18.06
N GLU E 51 6.63 -22.85 17.96
CA GLU E 51 7.59 -22.49 18.98
C GLU E 51 7.03 -21.54 20.02
N ASP E 52 7.03 -21.94 21.29
CA ASP E 52 6.54 -21.11 22.34
C ASP E 52 7.58 -20.71 23.39
N SER E 53 8.86 -20.97 23.15
CA SER E 53 9.86 -20.60 24.13
C SER E 53 10.71 -19.43 23.66
N HIS E 54 11.42 -18.85 24.59
CA HIS E 54 12.40 -17.83 24.35
C HIS E 54 13.30 -17.90 25.57
N ASN E 55 14.49 -17.31 25.51
CA ASN E 55 15.34 -17.40 26.69
C ASN E 55 15.27 -16.24 27.67
N GLY E 56 14.36 -15.29 27.48
CA GLY E 56 14.28 -14.16 28.40
C GLY E 56 15.41 -13.13 28.24
N LYS E 57 16.24 -13.26 27.20
CA LYS E 57 17.39 -12.37 27.05
C LYS E 57 17.49 -11.60 25.74
N LEU E 58 18.22 -10.48 25.81
CA LEU E 58 18.59 -9.75 24.61
C LEU E 58 19.93 -10.34 24.15
N CYS E 59 19.95 -10.83 22.90
CA CYS E 59 21.07 -11.50 22.24
C CYS E 59 21.54 -10.71 21.02
N LEU E 60 22.73 -11.06 20.56
CA LEU E 60 23.32 -10.47 19.39
C LEU E 60 22.61 -11.08 18.18
N LEU E 61 22.51 -10.35 17.08
CA LEU E 61 21.97 -10.95 15.86
C LEU E 61 23.08 -11.16 14.89
N LYS E 62 23.39 -12.42 14.61
CA LYS E 62 24.47 -12.76 13.69
C LYS E 62 25.78 -12.07 14.10
N GLY E 63 26.07 -12.06 15.41
CA GLY E 63 27.28 -11.47 15.95
C GLY E 63 27.22 -9.96 16.24
N ILE E 64 26.15 -9.27 15.85
CA ILE E 64 26.10 -7.83 16.07
C ILE E 64 25.10 -7.41 17.16
N ALA E 65 25.62 -6.68 18.12
CA ALA E 65 24.87 -6.21 19.26
C ALA E 65 23.85 -5.14 18.92
N PRO E 66 22.78 -5.03 19.69
CA PRO E 66 21.84 -3.95 19.65
C PRO E 66 22.41 -2.72 20.28
N LEU E 67 21.83 -1.60 19.93
CA LEU E 67 22.14 -0.35 20.57
C LEU E 67 21.38 -0.29 21.86
N GLN E 68 22.05 0.03 22.96
CA GLN E 68 21.36 0.11 24.23
C GLN E 68 21.12 1.53 24.63
N LEU E 69 19.90 2.03 24.45
CA LEU E 69 19.64 3.43 24.79
C LEU E 69 19.31 3.54 26.26
N GLY E 70 18.82 2.46 26.86
CA GLY E 70 18.45 2.52 28.25
C GLY E 70 17.33 3.54 28.48
N ASN E 71 17.56 4.51 29.41
CA ASN E 71 16.63 5.55 29.84
C ASN E 71 16.47 6.71 28.84
N CYS E 72 17.28 6.74 27.73
CA CYS E 72 17.27 7.79 26.72
C CYS E 72 16.32 7.45 25.58
N SER E 73 15.52 8.42 25.23
CA SER E 73 14.63 8.28 24.10
C SER E 73 15.47 8.53 22.89
N VAL E 74 14.96 8.28 21.70
CA VAL E 74 15.78 8.58 20.55
C VAL E 74 16.15 10.06 20.51
N ALA E 75 15.21 10.96 20.81
CA ALA E 75 15.57 12.36 20.80
C ALA E 75 16.63 12.66 21.84
N GLY E 76 16.53 12.06 23.02
CA GLY E 76 17.54 12.33 24.04
C GLY E 76 18.90 11.92 23.56
N TRP E 77 18.96 10.77 22.92
CA TRP E 77 20.20 10.26 22.38
C TRP E 77 20.81 11.13 21.28
N ILE E 78 20.05 11.40 20.22
CA ILE E 78 20.61 12.12 19.08
C ILE E 78 20.84 13.60 19.34
N LEU E 79 20.11 14.19 20.26
CA LEU E 79 20.32 15.58 20.54
C LEU E 79 21.47 15.74 21.51
N GLY E 80 22.01 14.66 22.06
CA GLY E 80 23.06 14.86 23.02
C GLY E 80 22.57 15.24 24.41
N ASN E 81 21.43 14.74 24.86
CA ASN E 81 20.98 15.08 26.20
C ASN E 81 22.19 14.82 27.10
N PRO E 82 22.54 15.71 28.02
CA PRO E 82 23.69 15.58 28.89
C PRO E 82 23.78 14.26 29.62
N GLU E 83 22.64 13.62 29.87
CA GLU E 83 22.60 12.35 30.58
C GLU E 83 22.76 11.07 29.71
N CYS E 84 22.92 11.25 28.38
CA CYS E 84 23.01 10.20 27.35
C CYS E 84 24.45 10.10 26.84
N GLU E 85 25.42 10.55 27.65
CA GLU E 85 26.83 10.59 27.27
C GLU E 85 27.44 9.23 26.94
N LEU E 86 26.88 8.18 27.50
CA LEU E 86 27.47 6.88 27.28
C LEU E 86 27.03 6.28 25.97
N LEU E 87 26.17 6.99 25.24
CA LEU E 87 25.68 6.52 23.97
C LEU E 87 26.44 7.18 22.80
N ILE E 88 27.45 8.00 23.12
CA ILE E 88 28.24 8.70 22.11
C ILE E 88 29.12 7.77 21.27
N SER E 89 29.77 6.81 21.91
CA SER E 89 30.70 5.87 21.28
C SER E 89 30.02 4.70 20.59
N LYS E 90 28.71 4.61 20.70
CA LYS E 90 27.98 3.49 20.13
C LYS E 90 27.72 3.71 18.64
N GLU E 91 28.76 3.49 17.86
CA GLU E 91 28.81 3.70 16.41
C GLU E 91 27.97 2.76 15.56
N SER E 92 27.71 1.53 16.00
CA SER E 92 26.95 0.61 15.15
C SER E 92 26.06 -0.36 15.92
N TRP E 93 25.07 -0.90 15.23
CA TRP E 93 24.13 -1.86 15.81
C TRP E 93 23.36 -2.70 14.79
N SER E 94 22.78 -3.78 15.29
CA SER E 94 21.86 -4.60 14.50
C SER E 94 20.38 -4.24 14.71
N TYR E 95 20.07 -3.70 15.87
CA TYR E 95 18.73 -3.27 16.26
C TYR E 95 18.85 -2.28 17.41
N ILE E 96 17.77 -1.59 17.73
CA ILE E 96 17.82 -0.64 18.84
C ILE E 96 16.91 -1.04 19.99
N VAL E 97 17.48 -1.05 21.20
CA VAL E 97 16.75 -1.36 22.42
C VAL E 97 16.53 -0.12 23.27
N GLU E 98 15.25 0.15 23.52
CA GLU E 98 14.81 1.32 24.28
C GLU E 98 13.98 0.89 25.50
N THR E 99 14.14 1.55 26.65
CA THR E 99 13.31 1.17 27.79
C THR E 99 11.86 1.50 27.41
N PRO E 100 10.84 0.75 27.86
CA PRO E 100 9.42 1.01 27.61
C PRO E 100 8.94 2.43 27.93
N ASN E 101 9.52 3.06 28.96
CA ASN E 101 9.14 4.41 29.35
C ASN E 101 10.35 5.31 29.57
N PRO E 102 10.94 5.88 28.50
CA PRO E 102 12.12 6.70 28.54
C PRO E 102 11.90 7.91 29.41
N GLU E 103 12.96 8.33 30.08
CA GLU E 103 12.90 9.51 30.94
C GLU E 103 13.68 10.75 30.41
N ASN E 104 14.83 10.52 29.69
CA ASN E 104 15.73 11.55 29.19
C ASN E 104 15.51 11.76 27.68
N GLY E 105 14.80 12.85 27.33
CA GLY E 105 14.40 13.21 25.97
C GLY E 105 14.76 14.66 25.69
N THR E 106 13.76 15.39 25.23
CA THR E 106 13.93 16.80 24.94
C THR E 106 13.89 17.58 26.25
N CYS E 107 15.06 17.66 26.96
CA CYS E 107 15.23 18.28 28.28
C CYS E 107 14.91 19.76 28.25
N TYR E 108 15.07 20.37 27.09
CA TYR E 108 14.63 21.72 26.96
C TYR E 108 13.32 21.50 26.19
N PRO E 109 12.16 21.71 26.79
CA PRO E 109 10.88 21.38 26.23
C PRO E 109 10.65 22.00 24.89
N GLY E 110 9.97 21.26 24.03
CA GLY E 110 9.66 21.73 22.70
C GLY E 110 9.11 20.64 21.84
N TYR E 111 8.78 21.00 20.62
CA TYR E 111 8.26 20.09 19.63
C TYR E 111 9.41 19.51 18.83
N PHE E 112 9.44 18.20 18.65
CA PHE E 112 10.51 17.62 17.84
C PHE E 112 9.87 17.28 16.51
N ALA E 113 10.25 17.96 15.46
CA ALA E 113 9.59 17.72 14.18
C ALA E 113 9.91 16.36 13.62
N ASP E 114 8.89 15.71 13.07
CA ASP E 114 9.04 14.44 12.39
C ASP E 114 9.83 13.44 13.22
N TYR E 115 9.53 13.39 14.50
CA TYR E 115 10.26 12.51 15.38
C TYR E 115 10.04 11.06 15.07
N GLU E 116 8.81 10.68 14.83
CA GLU E 116 8.50 9.30 14.58
C GLU E 116 9.19 8.82 13.31
N GLU E 117 9.24 9.72 12.32
CA GLU E 117 9.87 9.44 11.04
C GLU E 117 11.36 9.32 11.20
N LEU E 118 11.93 10.15 12.05
CA LEU E 118 13.35 10.05 12.26
C LEU E 118 13.68 8.73 12.90
N ARG E 119 12.87 8.27 13.85
CA ARG E 119 13.19 7.00 14.49
C ARG E 119 13.21 5.88 13.44
N GLU E 120 12.27 5.94 12.48
CA GLU E 120 12.17 4.95 11.41
C GLU E 120 13.41 4.99 10.51
N GLN E 121 13.97 6.18 10.29
CA GLN E 121 15.15 6.26 9.46
C GLN E 121 16.43 5.95 10.23
N LEU E 122 16.48 6.26 11.51
CA LEU E 122 17.67 5.96 12.29
C LEU E 122 17.84 4.48 12.53
N SER E 123 16.77 3.74 12.69
CA SER E 123 16.96 2.32 12.96
C SER E 123 17.67 1.62 11.81
N SER E 124 17.47 2.13 10.58
CA SER E 124 18.04 1.58 9.33
C SER E 124 19.53 1.85 9.23
N VAL E 125 20.04 2.72 10.07
CA VAL E 125 21.44 3.04 10.01
C VAL E 125 22.16 1.89 10.65
N SER E 126 23.11 1.29 9.96
CA SER E 126 23.80 0.18 10.58
C SER E 126 24.93 0.76 11.38
N SER E 127 25.41 1.90 10.91
CA SER E 127 26.46 2.61 11.60
C SER E 127 26.54 4.07 11.22
N PHE E 128 27.19 4.86 12.06
CA PHE E 128 27.42 6.24 11.68
C PHE E 128 28.65 6.85 12.32
N GLU E 129 29.11 7.93 11.72
CA GLU E 129 30.18 8.70 12.29
C GLU E 129 29.67 10.00 12.88
N ARG E 130 30.05 10.26 14.12
CA ARG E 130 29.72 11.53 14.76
C ARG E 130 30.86 12.47 14.49
N PHE E 131 30.57 13.63 13.94
CA PHE E 131 31.64 14.58 13.65
C PHE E 131 31.16 15.99 13.93
N GLU E 132 32.10 16.91 14.13
CA GLU E 132 31.69 18.26 14.43
C GLU E 132 31.51 19.03 13.12
N ILE E 133 30.29 19.48 12.86
CA ILE E 133 29.93 20.15 11.61
C ILE E 133 30.24 21.65 11.61
N PHE E 134 29.99 22.32 12.72
CA PHE E 134 30.25 23.75 12.84
C PHE E 134 31.00 24.02 14.14
N PRO E 135 32.33 23.91 14.16
CA PRO E 135 33.15 23.92 15.36
C PRO E 135 32.86 25.10 16.27
N LYS E 136 32.68 24.76 17.56
CA LYS E 136 32.29 25.73 18.59
C LYS E 136 33.23 26.90 18.74
N GLU E 137 34.51 26.63 18.80
CA GLU E 137 35.51 27.66 19.04
C GLU E 137 35.81 28.60 17.88
N SER E 138 35.47 28.24 16.64
CA SER E 138 35.86 29.11 15.55
C SER E 138 34.73 29.54 14.65
N SER E 139 33.58 28.89 14.73
CA SER E 139 32.53 29.21 13.79
C SER E 139 31.85 30.56 14.03
N TRP E 140 31.72 31.00 15.28
CA TRP E 140 31.01 32.26 15.50
C TRP E 140 31.69 33.20 16.50
N PRO E 141 32.83 33.84 16.15
CA PRO E 141 33.60 34.71 17.05
C PRO E 141 32.85 35.93 17.65
N ASN E 142 31.74 36.38 17.00
CA ASN E 142 30.90 37.52 17.40
C ASN E 142 29.58 37.13 18.08
N HIS E 143 29.40 35.85 18.50
CA HIS E 143 28.19 35.38 19.17
C HIS E 143 28.54 34.63 20.42
N THR E 144 27.61 34.58 21.33
CA THR E 144 27.82 33.80 22.52
C THR E 144 27.34 32.42 22.13
N VAL E 145 28.16 31.40 22.36
CA VAL E 145 27.81 30.04 21.92
C VAL E 145 27.54 29.14 23.10
N THR E 146 27.34 29.76 24.25
CA THR E 146 27.20 29.09 25.53
C THR E 146 25.85 29.21 26.21
N GLY E 147 24.73 29.42 25.50
CA GLY E 147 23.50 29.49 26.28
C GLY E 147 23.24 28.14 26.95
N VAL E 148 22.75 28.15 28.19
CA VAL E 148 22.43 26.95 28.97
C VAL E 148 21.09 27.06 29.66
N SER E 149 20.61 25.94 30.18
CA SER E 149 19.40 25.93 30.98
C SER E 149 19.47 24.90 32.10
N ALA E 150 18.88 25.26 33.24
CA ALA E 150 18.80 24.35 34.39
C ALA E 150 17.97 23.14 34.04
N SER E 151 17.09 23.28 33.05
CA SER E 151 16.20 22.20 32.61
C SER E 151 16.97 21.01 31.97
N CYS E 152 18.23 21.25 31.52
CA CYS E 152 19.15 20.31 30.91
C CYS E 152 20.36 20.20 31.83
N SER E 153 20.19 20.43 33.13
CA SER E 153 21.36 20.38 33.98
C SER E 153 21.94 18.99 34.07
N HIS E 154 23.22 18.94 34.41
CA HIS E 154 23.92 17.69 34.57
C HIS E 154 24.71 17.73 35.85
N ASN E 155 24.40 16.85 36.79
CA ASN E 155 25.06 16.81 38.09
C ASN E 155 24.96 18.14 38.80
N GLY E 156 23.81 18.82 38.64
CA GLY E 156 23.56 20.08 39.30
C GLY E 156 23.99 21.33 38.52
N LYS E 157 24.69 21.19 37.40
CA LYS E 157 25.12 22.38 36.68
C LYS E 157 24.27 22.62 35.45
N SER E 158 23.88 23.87 35.21
CA SER E 158 23.05 24.16 34.05
C SER E 158 23.83 23.79 32.83
N SER E 159 23.17 23.25 31.83
CA SER E 159 23.86 22.82 30.64
C SER E 159 22.96 22.82 29.43
N PHE E 160 23.39 22.16 28.39
CA PHE E 160 22.59 22.14 27.18
C PHE E 160 22.99 20.91 26.40
N TYR E 161 22.36 20.71 25.28
CA TYR E 161 22.60 19.57 24.46
C TYR E 161 24.03 19.49 23.97
N ARG E 162 24.61 18.30 24.05
CA ARG E 162 25.97 18.07 23.63
C ARG E 162 26.13 18.18 22.13
N ASN E 163 25.03 18.04 21.37
CA ASN E 163 25.17 18.13 19.93
C ASN E 163 24.70 19.47 19.33
N LEU E 164 24.30 20.43 20.19
CA LEU E 164 23.77 21.72 19.71
C LEU E 164 24.33 22.97 20.42
N LEU E 165 24.43 24.09 19.70
CA LEU E 165 24.90 25.33 20.33
C LEU E 165 23.87 26.44 20.32
N TRP E 166 23.59 26.94 21.51
CA TRP E 166 22.60 28.00 21.68
C TRP E 166 23.27 29.34 21.49
N LEU E 167 22.96 29.99 20.34
CA LEU E 167 23.59 31.24 19.95
C LEU E 167 22.79 32.47 20.34
N THR E 168 23.36 33.24 21.24
CA THR E 168 22.77 34.44 21.79
C THR E 168 23.70 35.60 21.45
N GLY E 169 23.29 36.83 21.72
CA GLY E 169 24.14 37.93 21.31
C GLY E 169 25.41 38.05 22.13
N LYS E 170 26.32 38.89 21.64
CA LYS E 170 27.59 39.14 22.30
C LYS E 170 27.86 40.62 22.32
N ASN E 171 28.10 41.14 23.51
CA ASN E 171 28.38 42.56 23.71
C ASN E 171 27.26 43.44 23.17
N GLY E 172 26.03 42.98 23.29
CA GLY E 172 24.87 43.75 22.86
C GLY E 172 24.52 43.56 21.39
N LEU E 173 25.35 42.84 20.65
CA LEU E 173 25.09 42.68 19.24
C LEU E 173 24.69 41.27 18.84
N TYR E 174 23.92 41.18 17.76
CA TYR E 174 23.62 39.88 17.20
C TYR E 174 23.81 39.95 15.69
N PRO E 175 25.04 39.90 15.18
CA PRO E 175 25.35 39.99 13.78
C PRO E 175 24.67 38.88 13.05
N ASN E 176 24.30 39.09 11.81
CA ASN E 176 23.69 38.00 11.09
C ASN E 176 24.66 36.84 10.96
N LEU E 177 24.14 35.66 11.22
CA LEU E 177 24.83 34.40 11.15
C LEU E 177 24.76 33.84 9.76
N SER E 178 25.88 33.34 9.26
CA SER E 178 25.87 32.67 7.95
C SER E 178 26.98 31.64 7.81
N LYS E 179 26.57 30.37 7.76
CA LYS E 179 27.48 29.24 7.63
C LYS E 179 26.96 28.17 6.73
N SER E 180 27.86 27.43 6.11
CA SER E 180 27.43 26.33 5.28
C SER E 180 28.37 25.18 5.34
N TYR E 181 27.87 24.03 4.95
CA TYR E 181 28.64 22.81 4.95
C TYR E 181 28.40 21.96 3.74
N VAL E 182 29.48 21.45 3.18
CA VAL E 182 29.41 20.58 2.03
C VAL E 182 29.54 19.13 2.43
N ASN E 183 28.65 18.30 1.96
CA ASN E 183 28.72 16.93 2.37
C ASN E 183 29.77 16.14 1.64
N ASN E 184 30.95 16.17 2.24
CA ASN E 184 32.13 15.52 1.75
C ASN E 184 32.37 14.20 2.47
N LYS E 185 31.36 13.69 3.16
CA LYS E 185 31.51 12.43 3.90
C LYS E 185 31.17 11.22 3.03
N GLU E 186 30.54 11.50 1.87
CA GLU E 186 30.04 10.50 0.93
C GLU E 186 28.98 9.58 1.54
N LYS E 187 28.28 10.12 2.53
CA LYS E 187 27.23 9.47 3.29
C LYS E 187 26.13 10.48 3.46
N GLU E 188 24.91 10.05 3.72
CA GLU E 188 23.89 11.05 4.00
C GLU E 188 24.24 11.64 5.35
N VAL E 189 24.09 12.94 5.51
CA VAL E 189 24.43 13.54 6.79
C VAL E 189 23.26 14.14 7.52
N LEU E 190 23.08 13.69 8.75
CA LEU E 190 21.99 14.15 9.57
C LEU E 190 22.39 15.36 10.33
N VAL E 191 21.71 16.44 10.02
CA VAL E 191 22.01 17.70 10.64
C VAL E 191 20.83 18.10 11.50
N LEU E 192 21.12 18.36 12.77
CA LEU E 192 20.10 18.74 13.72
C LEU E 192 20.26 20.22 14.07
N TRP E 193 19.17 20.92 14.32
CA TRP E 193 19.24 22.31 14.79
C TRP E 193 17.97 22.66 15.52
N GLY E 194 17.92 23.82 16.16
CA GLY E 194 16.66 24.21 16.76
C GLY E 194 16.33 25.68 16.64
N VAL E 195 15.08 26.02 16.95
CA VAL E 195 14.63 27.40 16.92
C VAL E 195 14.02 27.76 18.27
N HIS E 196 14.55 28.80 18.89
CA HIS E 196 14.07 29.22 20.19
C HIS E 196 12.82 30.11 20.07
N HIS E 197 11.84 29.87 20.93
CA HIS E 197 10.59 30.64 21.02
C HIS E 197 10.33 31.15 22.46
N PRO E 198 10.73 32.40 22.80
CA PRO E 198 10.60 33.01 24.12
C PRO E 198 9.15 33.19 24.54
N PRO E 199 8.88 33.24 25.85
CA PRO E 199 7.58 33.51 26.43
C PRO E 199 7.14 34.96 26.34
N ASN E 200 8.09 35.87 26.12
CA ASN E 200 7.78 37.28 26.10
C ASN E 200 8.81 38.10 25.32
N ILE E 201 8.53 39.40 25.22
CA ILE E 201 9.41 40.32 24.53
C ILE E 201 10.67 40.59 25.32
N GLY E 202 10.57 40.74 26.62
CA GLY E 202 11.76 41.04 27.39
C GLY E 202 12.85 39.99 27.20
N ASN E 203 12.45 38.72 27.12
CA ASN E 203 13.41 37.66 26.93
C ASN E 203 13.90 37.67 25.49
N GLN E 204 13.02 37.94 24.52
CA GLN E 204 13.43 37.97 23.13
C GLN E 204 14.48 39.05 22.88
N ARG E 205 14.32 40.20 23.51
CA ARG E 205 15.31 41.21 23.25
C ARG E 205 16.56 41.01 24.07
N ALA E 206 16.44 40.53 25.30
CA ALA E 206 17.62 40.33 26.13
C ALA E 206 18.59 39.36 25.49
N LEU E 207 18.07 38.33 24.84
CA LEU E 207 18.94 37.33 24.24
C LEU E 207 19.33 37.59 22.79
N TYR E 208 18.42 38.10 21.95
CA TYR E 208 18.76 38.20 20.54
C TYR E 208 18.80 39.62 19.97
N HIS E 209 18.49 40.63 20.77
CA HIS E 209 18.51 42.03 20.39
C HIS E 209 17.69 42.38 19.15
N THR E 210 16.55 41.73 19.00
CA THR E 210 15.64 42.00 17.91
C THR E 210 14.27 41.49 18.26
N GLU E 211 13.25 42.14 17.72
CA GLU E 211 11.89 41.65 17.86
C GLU E 211 11.45 40.95 16.60
N ASN E 212 12.36 40.86 15.63
CA ASN E 212 12.07 40.28 14.34
C ASN E 212 13.17 39.33 13.92
N ALA E 213 13.33 38.26 14.69
CA ALA E 213 14.32 37.24 14.41
C ALA E 213 13.78 36.29 13.36
N TYR E 214 14.66 35.65 12.65
CA TYR E 214 14.28 34.59 11.74
C TYR E 214 15.41 33.59 11.66
N VAL E 215 15.06 32.39 11.22
CA VAL E 215 16.03 31.35 10.91
C VAL E 215 15.72 30.79 9.52
N SER E 216 16.72 30.65 8.68
CA SER E 216 16.52 30.11 7.33
C SER E 216 17.53 29.03 6.95
N VAL E 217 17.01 27.84 6.65
CA VAL E 217 17.90 26.74 6.31
C VAL E 217 17.55 26.18 4.94
N VAL E 218 18.57 26.13 4.08
CA VAL E 218 18.36 25.59 2.74
C VAL E 218 19.41 24.55 2.30
N SER E 219 19.05 23.73 1.33
CA SER E 219 19.95 22.76 0.69
C SER E 219 19.50 22.79 -0.74
N SER E 220 19.96 21.91 -1.63
CA SER E 220 19.49 22.13 -2.99
C SER E 220 17.98 22.08 -3.08
N HIS E 221 17.35 21.18 -2.32
CA HIS E 221 15.89 21.09 -2.33
C HIS E 221 15.23 21.39 -0.98
N TYR E 222 16.00 21.39 0.13
CA TYR E 222 15.40 21.67 1.43
C TYR E 222 15.23 23.17 1.49
N SER E 223 14.07 23.66 1.87
CA SER E 223 13.97 25.10 1.99
C SER E 223 12.93 25.52 3.00
N ARG E 224 13.39 25.95 4.17
CA ARG E 224 12.46 26.35 5.21
C ARG E 224 12.89 27.57 6.00
N ARG E 225 11.92 28.42 6.31
CA ARG E 225 12.14 29.60 7.12
C ARG E 225 11.32 29.45 8.38
N PHE E 226 11.90 29.83 9.50
CA PHE E 226 11.24 29.74 10.77
C PHE E 226 11.02 31.15 11.29
N THR E 227 9.91 31.35 11.97
CA THR E 227 9.56 32.61 12.60
C THR E 227 9.32 32.42 14.07
N PRO E 228 10.26 32.75 14.96
CA PRO E 228 10.09 32.59 16.38
C PRO E 228 8.83 33.32 16.78
N GLU E 229 8.01 32.69 17.61
CA GLU E 229 6.75 33.27 18.07
C GLU E 229 6.86 33.57 19.54
N ILE E 230 6.15 34.59 19.98
CA ILE E 230 6.15 34.93 21.39
C ILE E 230 4.81 34.58 22.00
N ALA E 231 4.81 33.74 23.04
CA ALA E 231 3.55 33.38 23.69
C ALA E 231 3.75 32.84 25.09
N LYS E 232 2.75 33.00 25.95
CA LYS E 232 2.79 32.44 27.29
C LYS E 232 2.40 30.98 27.21
N ARG E 233 3.16 30.10 27.83
CA ARG E 233 2.88 28.68 27.79
C ARG E 233 2.91 28.10 29.20
N PRO E 234 2.25 26.96 29.48
CA PRO E 234 2.30 26.27 30.75
C PRO E 234 3.74 25.89 31.01
N LYS E 235 4.16 25.88 32.26
CA LYS E 235 5.54 25.49 32.48
C LYS E 235 5.78 24.01 32.34
N VAL E 236 6.85 23.68 31.62
CA VAL E 236 7.30 22.31 31.46
C VAL E 236 8.76 22.28 31.86
N ARG E 237 9.12 21.47 32.84
CA ARG E 237 10.51 21.45 33.31
C ARG E 237 10.97 22.86 33.66
N ASP E 238 10.06 23.61 34.27
CA ASP E 238 10.23 24.98 34.71
C ASP E 238 10.43 26.02 33.60
N GLN E 239 10.28 25.65 32.33
CA GLN E 239 10.43 26.64 31.28
C GLN E 239 9.10 27.13 30.78
N GLU E 240 9.07 28.41 30.40
CA GLU E 240 7.88 28.97 29.79
C GLU E 240 8.02 29.05 28.27
N GLY E 241 9.25 29.16 27.78
CA GLY E 241 9.48 29.23 26.33
C GLY E 241 9.72 27.82 25.81
N ARG E 242 9.98 27.70 24.52
CA ARG E 242 10.22 26.39 23.89
C ARG E 242 11.34 26.40 22.85
N ILE E 243 11.99 25.25 22.67
CA ILE E 243 12.92 25.09 21.55
C ILE E 243 12.43 24.02 20.63
N ASN E 244 12.11 24.37 19.42
CA ASN E 244 11.63 23.31 18.57
C ASN E 244 12.83 22.70 17.91
N TYR E 245 12.77 21.42 17.62
CA TYR E 245 13.91 20.76 17.02
C TYR E 245 13.59 20.36 15.60
N TYR E 246 14.55 20.58 14.73
CA TYR E 246 14.41 20.27 13.33
C TYR E 246 15.60 19.50 12.81
N TRP E 247 15.39 18.74 11.73
CA TRP E 247 16.49 18.02 11.15
C TRP E 247 16.30 17.75 9.70
N THR E 248 17.40 17.47 9.03
CA THR E 248 17.35 17.04 7.63
C THR E 248 18.54 16.19 7.27
N LEU E 249 18.39 15.39 6.22
CA LEU E 249 19.50 14.58 5.72
C LEU E 249 20.07 15.18 4.45
N LEU E 250 21.33 15.57 4.53
CA LEU E 250 22.01 16.20 3.43
C LEU E 250 22.59 15.13 2.52
N GLU E 251 22.32 15.22 1.23
CA GLU E 251 22.83 14.23 0.28
C GLU E 251 24.31 14.44 0.05
N PRO E 252 25.09 13.40 -0.28
CA PRO E 252 26.48 13.50 -0.61
C PRO E 252 26.69 14.50 -1.70
N GLY E 253 27.64 15.39 -1.50
CA GLY E 253 27.98 16.41 -2.45
C GLY E 253 27.12 17.67 -2.35
N ASP E 254 26.06 17.68 -1.54
CA ASP E 254 25.25 18.88 -1.50
C ASP E 254 25.78 19.85 -0.46
N THR E 255 25.12 21.01 -0.36
CA THR E 255 25.51 22.01 0.62
C THR E 255 24.34 22.45 1.47
N ILE E 256 24.54 22.49 2.78
CA ILE E 256 23.48 22.99 3.65
C ILE E 256 23.89 24.37 4.11
N ILE E 257 22.97 25.32 4.02
CA ILE E 257 23.26 26.69 4.40
C ILE E 257 22.35 27.17 5.53
N PHE E 258 22.97 27.69 6.58
CA PHE E 258 22.28 28.23 7.74
C PHE E 258 22.42 29.73 7.87
N GLU E 259 21.28 30.43 7.88
CA GLU E 259 21.24 31.88 8.04
C GLU E 259 20.30 32.32 9.15
N ALA E 260 20.76 33.20 10.03
CA ALA E 260 19.84 33.65 11.08
C ALA E 260 20.21 34.98 11.70
N ASN E 261 19.23 35.69 12.25
CA ASN E 261 19.53 36.93 12.95
C ASN E 261 19.07 36.86 14.38
N GLY E 262 18.87 35.65 14.84
CA GLY E 262 18.43 35.43 16.20
C GLY E 262 17.68 34.13 16.33
N ASN E 263 17.62 33.66 17.56
CA ASN E 263 16.90 32.49 18.00
C ASN E 263 17.39 31.15 17.42
N LEU E 264 18.60 31.12 16.88
CA LEU E 264 19.12 29.87 16.35
C LEU E 264 19.95 29.06 17.31
N ILE E 265 19.61 27.78 17.38
CA ILE E 265 20.37 26.82 18.12
C ILE E 265 21.12 26.06 17.03
N ALA E 266 22.40 26.33 16.87
CA ALA E 266 23.15 25.84 15.74
C ALA E 266 23.52 24.38 15.84
N PRO E 267 23.62 23.64 14.73
CA PRO E 267 24.12 22.31 14.72
C PRO E 267 25.52 22.41 15.21
N TRP E 268 25.96 21.48 16.00
CA TRP E 268 27.31 21.47 16.43
C TRP E 268 27.89 20.21 15.87
N TYR E 269 27.24 19.11 16.20
CA TYR E 269 27.60 17.81 15.70
C TYR E 269 26.59 17.36 14.71
N ALA E 270 27.01 16.51 13.81
CA ALA E 270 26.16 15.94 12.78
C ALA E 270 26.58 14.51 12.55
N PHE E 271 25.69 13.73 11.95
CA PHE E 271 26.07 12.33 11.79
C PHE E 271 26.12 11.86 10.36
N ALA E 272 27.19 11.18 10.02
CA ALA E 272 27.33 10.59 8.68
C ALA E 272 26.78 9.18 8.73
N LEU E 273 25.66 8.96 8.07
CA LEU E 273 24.95 7.70 8.20
C LEU E 273 25.19 6.72 7.07
N SER E 274 25.31 5.45 7.43
CA SER E 274 25.42 4.33 6.51
C SER E 274 24.29 3.34 6.79
N ARG E 275 23.39 3.24 5.82
CA ARG E 275 22.18 2.43 5.92
C ARG E 275 22.33 0.96 5.57
N GLY E 276 21.43 0.16 6.12
CA GLY E 276 21.32 -1.27 5.86
C GLY E 276 19.89 -1.74 6.12
N PHE E 277 19.69 -3.05 6.17
CA PHE E 277 18.35 -3.61 6.33
C PHE E 277 18.24 -4.68 7.41
N GLY E 278 17.02 -4.87 7.94
CA GLY E 278 16.70 -5.92 8.90
C GLY E 278 16.55 -5.43 10.34
N SER E 279 16.97 -4.21 10.58
CA SER E 279 16.86 -3.60 11.89
C SER E 279 15.48 -3.05 12.18
N GLY E 280 15.26 -2.67 13.43
CA GLY E 280 14.03 -2.06 13.89
C GLY E 280 14.23 -1.63 15.34
N ILE E 281 13.20 -1.03 15.93
CA ILE E 281 13.32 -0.56 17.31
C ILE E 281 12.34 -1.29 18.19
N ILE E 282 12.84 -1.83 19.29
CA ILE E 282 11.95 -2.50 20.22
C ILE E 282 12.06 -1.93 21.61
N THR E 283 10.99 -2.05 22.36
CA THR E 283 10.99 -1.66 23.73
C THR E 283 11.01 -2.88 24.59
N SER E 284 11.95 -2.91 25.50
CA SER E 284 12.13 -4.07 26.34
C SER E 284 12.91 -3.78 27.58
N ASN E 285 12.60 -4.47 28.66
CA ASN E 285 13.37 -4.38 29.87
C ASN E 285 14.14 -5.67 30.12
N ALA E 286 14.28 -6.48 29.07
CA ALA E 286 15.03 -7.72 29.15
C ALA E 286 16.51 -7.36 29.32
N PRO E 287 17.32 -8.15 30.03
CA PRO E 287 18.75 -7.96 30.21
C PRO E 287 19.50 -8.32 28.94
N MET E 288 20.65 -7.72 28.75
CA MET E 288 21.54 -8.10 27.66
C MET E 288 22.56 -9.10 28.16
N ASP E 289 22.86 -10.13 27.36
CA ASP E 289 23.88 -11.08 27.77
C ASP E 289 24.74 -11.60 26.61
N GLU E 290 25.69 -12.44 26.96
CA GLU E 290 26.59 -13.03 25.98
C GLU E 290 25.96 -14.24 25.29
N CYS E 291 25.06 -13.96 24.34
CA CYS E 291 24.27 -14.92 23.57
C CYS E 291 24.03 -14.38 22.17
N ASP E 292 23.57 -15.26 21.30
CA ASP E 292 23.33 -14.93 19.90
C ASP E 292 22.12 -15.70 19.44
N ALA E 293 21.31 -15.08 18.61
CA ALA E 293 20.12 -15.73 18.10
C ALA E 293 19.79 -15.27 16.70
N LYS E 294 19.06 -16.11 16.01
CA LYS E 294 18.54 -15.77 14.68
C LYS E 294 17.41 -14.71 14.70
N CYS E 295 16.56 -14.74 15.77
CA CYS E 295 15.39 -13.90 15.99
C CYS E 295 15.34 -13.42 17.44
N GLN E 296 15.07 -12.12 17.62
CA GLN E 296 14.93 -11.50 18.92
C GLN E 296 13.53 -10.94 19.17
N THR E 297 12.87 -11.31 20.28
CA THR E 297 11.57 -10.68 20.53
C THR E 297 11.83 -9.78 21.74
N PRO E 298 10.95 -8.83 22.07
CA PRO E 298 11.00 -8.01 23.26
C PRO E 298 10.97 -8.80 24.57
N GLN E 299 10.53 -10.06 24.54
CA GLN E 299 10.47 -10.85 25.75
C GLN E 299 11.71 -11.71 25.91
N GLY E 300 12.57 -11.68 24.91
CA GLY E 300 13.74 -12.53 24.88
C GLY E 300 13.93 -13.18 23.50
N ALA E 301 15.15 -13.63 23.27
CA ALA E 301 15.55 -14.26 22.01
C ALA E 301 15.01 -15.67 21.77
N ILE E 302 14.78 -15.97 20.49
CA ILE E 302 14.30 -17.27 20.03
C ILE E 302 15.35 -18.05 19.26
N ASN E 303 15.57 -19.30 19.66
CA ASN E 303 16.52 -20.18 19.00
C ASN E 303 15.79 -21.43 18.53
N SER E 304 15.14 -21.33 17.37
CA SER E 304 14.30 -22.39 16.87
C SER E 304 14.15 -22.37 15.37
N SER E 305 13.94 -23.55 14.79
CA SER E 305 13.74 -23.75 13.36
C SER E 305 12.30 -24.04 12.95
N LEU E 306 11.36 -23.95 13.89
CA LEU E 306 9.99 -24.26 13.54
C LEU E 306 9.38 -23.13 12.72
N PRO E 307 8.42 -23.39 11.81
CA PRO E 307 7.75 -22.42 10.98
C PRO E 307 6.86 -21.40 11.66
N PHE E 308 6.35 -21.71 12.86
CA PHE E 308 5.49 -20.76 13.54
C PHE E 308 5.91 -20.54 14.97
N GLN E 309 5.56 -19.39 15.53
CA GLN E 309 5.79 -19.10 16.93
C GLN E 309 4.59 -18.39 17.51
N ASN E 310 4.39 -18.53 18.81
CA ASN E 310 3.32 -17.82 19.49
C ASN E 310 3.86 -17.03 20.65
N VAL E 311 5.11 -16.59 20.54
CA VAL E 311 5.76 -15.84 21.57
C VAL E 311 5.43 -14.36 21.46
N HIS E 312 5.57 -13.77 20.27
CA HIS E 312 5.30 -12.34 20.20
C HIS E 312 5.13 -11.82 18.74
N PRO E 313 4.19 -10.89 18.45
CA PRO E 313 3.97 -10.26 17.14
C PRO E 313 5.03 -9.27 16.62
N VAL E 314 5.86 -8.76 17.51
CA VAL E 314 6.90 -7.78 17.14
C VAL E 314 8.27 -8.39 17.23
N THR E 315 8.92 -8.61 16.10
CA THR E 315 10.22 -9.28 16.16
C THR E 315 11.27 -8.73 15.20
N ILE E 316 12.53 -8.95 15.56
CA ILE E 316 13.65 -8.58 14.69
C ILE E 316 14.55 -9.77 14.37
N GLY E 317 14.87 -9.95 13.10
CA GLY E 317 15.73 -11.06 12.69
C GLY E 317 15.01 -12.03 11.78
N GLU E 318 15.57 -13.22 11.67
CA GLU E 318 15.04 -14.29 10.81
C GLU E 318 14.19 -15.18 11.71
N CYS E 319 12.86 -14.95 11.70
CA CYS E 319 11.90 -15.47 12.65
C CYS E 319 10.90 -16.50 12.10
N PRO E 320 10.36 -17.37 12.97
CA PRO E 320 9.18 -18.18 12.73
C PRO E 320 8.04 -17.18 12.59
N LYS E 321 7.00 -17.52 11.88
CA LYS E 321 5.88 -16.60 11.73
C LYS E 321 4.99 -16.57 12.97
N TYR E 322 4.49 -15.39 13.36
CA TYR E 322 3.62 -15.32 14.55
C TYR E 322 2.17 -15.69 14.30
N VAL E 323 1.67 -16.60 15.13
CA VAL E 323 0.29 -17.06 15.13
C VAL E 323 -0.29 -17.02 16.53
N ARG E 324 -1.62 -17.04 16.63
CA ARG E 324 -2.29 -17.05 17.93
C ARG E 324 -2.53 -18.46 18.47
N SER E 325 -2.07 -19.46 17.74
CA SER E 325 -2.29 -20.85 18.08
C SER E 325 -1.64 -21.22 19.38
N ALA E 326 -2.29 -22.09 20.15
CA ALA E 326 -1.68 -22.59 21.37
C ALA E 326 -0.76 -23.76 21.07
N LYS E 327 -1.16 -24.58 20.10
CA LYS E 327 -0.39 -25.75 19.71
C LYS E 327 -0.61 -26.04 18.24
N LEU E 328 0.44 -26.50 17.58
CA LEU E 328 0.36 -26.98 16.21
C LEU E 328 1.10 -28.30 16.15
N ARG E 329 0.43 -29.38 16.53
CA ARG E 329 1.12 -30.66 16.58
C ARG E 329 0.58 -31.59 15.53
N MET E 330 1.49 -32.05 14.70
CA MET E 330 1.19 -32.93 13.59
C MET E 330 1.61 -34.35 13.92
N VAL E 331 0.85 -35.33 13.43
CA VAL E 331 1.18 -36.74 13.68
C VAL E 331 2.06 -37.30 12.61
N THR E 332 3.08 -38.04 13.02
CA THR E 332 3.91 -38.68 12.03
C THR E 332 3.78 -40.19 12.14
N GLY E 333 3.43 -40.66 13.33
CA GLY E 333 3.34 -42.08 13.61
C GLY E 333 1.93 -42.64 13.49
N LEU E 334 1.69 -43.72 14.21
CA LEU E 334 0.45 -44.46 14.13
C LEU E 334 -0.50 -44.07 15.23
N ARG E 335 -1.79 -44.34 15.05
CA ARG E 335 -2.68 -44.07 16.17
C ARG E 335 -2.20 -45.01 17.26
N ASN E 336 -2.03 -44.52 18.48
CA ASN E 336 -1.43 -45.36 19.52
C ASN E 336 -2.40 -46.22 20.29
N ILE E 337 -2.91 -47.24 19.64
CA ILE E 337 -3.81 -48.15 20.29
C ILE E 337 -3.21 -49.54 20.35
N PRO E 338 -2.67 -50.00 21.49
CA PRO E 338 -2.08 -51.31 21.70
C PRO E 338 -3.19 -52.34 21.86
N SER E 339 -2.92 -53.62 21.52
CA SER E 339 -3.75 -54.85 21.71
C SER E 339 -3.53 -55.79 20.52
N GLY F 1 -9.74 -44.05 10.74
CA GLY F 1 -9.37 -44.02 9.35
C GLY F 1 -10.47 -44.71 8.54
N LEU F 2 -10.40 -44.59 7.19
CA LEU F 2 -11.39 -45.17 6.25
C LEU F 2 -11.11 -46.58 5.74
N PHE F 3 -10.02 -47.23 6.18
CA PHE F 3 -9.72 -48.57 5.69
C PHE F 3 -10.11 -49.63 6.76
N GLY F 4 -10.09 -49.22 8.04
CA GLY F 4 -10.50 -50.05 9.17
C GLY F 4 -9.52 -51.10 9.69
N ALA F 5 -8.22 -50.85 9.54
CA ALA F 5 -7.24 -51.80 9.99
C ALA F 5 -6.74 -51.50 11.39
N ILE F 6 -6.53 -50.22 11.69
CA ILE F 6 -5.92 -49.85 12.97
C ILE F 6 -6.97 -49.92 14.04
N ALA F 7 -6.73 -50.84 14.99
CA ALA F 7 -7.61 -51.20 16.09
C ALA F 7 -8.97 -51.67 15.55
N GLY F 8 -8.95 -52.22 14.33
CA GLY F 8 -10.11 -52.74 13.62
C GLY F 8 -9.92 -54.22 13.38
N PHE F 9 -9.64 -54.60 12.12
CA PHE F 9 -9.43 -56.02 11.89
C PHE F 9 -8.19 -56.47 12.66
N ILE F 10 -7.25 -55.56 12.94
CA ILE F 10 -6.10 -55.86 13.77
C ILE F 10 -6.57 -55.28 15.11
N GLU F 11 -6.62 -56.07 16.17
CA GLU F 11 -7.21 -55.61 17.43
C GLU F 11 -6.53 -54.39 18.03
N GLY F 12 -5.25 -54.28 17.83
CA GLY F 12 -4.48 -53.16 18.33
C GLY F 12 -3.05 -53.44 17.97
N GLY F 13 -2.18 -52.51 18.21
CA GLY F 13 -0.80 -52.73 17.85
C GLY F 13 -0.02 -53.54 18.86
N TRP F 14 1.20 -53.80 18.46
CA TRP F 14 2.13 -54.60 19.17
C TRP F 14 3.15 -53.79 19.88
N THR F 15 3.13 -53.87 21.19
CA THR F 15 4.07 -53.12 21.99
C THR F 15 5.39 -53.85 22.02
N GLY F 16 5.34 -55.10 21.57
CA GLY F 16 6.49 -55.98 21.48
C GLY F 16 7.20 -55.85 20.13
N MET F 17 6.70 -55.00 19.22
CA MET F 17 7.36 -54.88 17.95
C MET F 17 8.05 -53.53 17.97
N VAL F 18 9.38 -53.54 17.95
CA VAL F 18 10.12 -52.30 18.12
C VAL F 18 11.06 -51.90 16.98
N ASP F 19 11.15 -52.71 15.93
CA ASP F 19 12.05 -52.45 14.82
C ASP F 19 11.39 -51.84 13.58
N GLY F 20 10.18 -51.29 13.73
CA GLY F 20 9.50 -50.70 12.60
C GLY F 20 8.08 -50.31 12.95
N TRP F 21 7.28 -49.96 11.94
CA TRP F 21 5.90 -49.54 12.17
C TRP F 21 4.93 -50.59 11.73
N TYR F 22 5.27 -51.28 10.67
CA TYR F 22 4.40 -52.28 10.11
C TYR F 22 5.14 -53.57 10.16
N GLY F 23 4.45 -54.67 10.37
CA GLY F 23 5.20 -55.91 10.43
C GLY F 23 4.42 -57.15 10.70
N TYR F 24 5.18 -58.18 11.04
CA TYR F 24 4.64 -59.51 11.24
C TYR F 24 4.94 -60.16 12.57
N HIS F 25 4.04 -61.06 12.92
CA HIS F 25 4.22 -61.97 14.03
C HIS F 25 3.96 -63.37 13.54
N HIS F 26 4.77 -64.31 13.97
CA HIS F 26 4.50 -65.66 13.53
C HIS F 26 4.66 -66.65 14.63
N GLN F 27 3.97 -67.78 14.47
CA GLN F 27 4.11 -68.91 15.36
C GLN F 27 4.17 -70.22 14.59
N ASN F 28 5.25 -70.99 14.81
CA ASN F 28 5.41 -72.30 14.19
C ASN F 28 6.20 -73.21 15.13
N GLU F 29 6.49 -74.43 14.69
CA GLU F 29 7.17 -75.42 15.51
C GLU F 29 8.61 -75.04 15.92
N GLN F 30 9.20 -74.09 15.23
CA GLN F 30 10.57 -73.68 15.49
C GLN F 30 10.66 -72.44 16.37
N GLY F 31 9.53 -71.90 16.80
CA GLY F 31 9.54 -70.71 17.62
C GLY F 31 8.56 -69.65 17.13
N SER F 32 8.59 -68.51 17.80
CA SER F 32 7.68 -67.43 17.49
C SER F 32 8.24 -66.09 17.88
N GLY F 33 7.64 -65.04 17.33
CA GLY F 33 8.06 -63.69 17.67
C GLY F 33 7.73 -62.67 16.61
N TYR F 34 8.28 -61.48 16.76
CA TYR F 34 7.98 -60.38 15.86
C TYR F 34 9.15 -60.00 14.99
N ALA F 35 8.83 -59.48 13.80
CA ALA F 35 9.81 -58.87 12.91
C ALA F 35 9.09 -57.81 12.08
N ALA F 36 9.70 -56.64 11.95
CA ALA F 36 9.08 -55.59 11.16
C ALA F 36 9.28 -55.78 9.68
N ASP F 37 8.36 -55.24 8.90
CA ASP F 37 8.48 -55.17 7.46
C ASP F 37 9.23 -53.89 7.15
N GLN F 38 10.52 -54.02 6.89
CA GLN F 38 11.35 -52.85 6.74
C GLN F 38 11.03 -52.04 5.51
N LYS F 39 10.61 -52.69 4.43
CA LYS F 39 10.31 -51.90 3.24
C LYS F 39 9.05 -51.11 3.45
N SER F 40 8.04 -51.71 4.07
CA SER F 40 6.81 -50.97 4.27
C SER F 40 7.05 -49.82 5.23
N THR F 41 7.77 -50.09 6.32
CA THR F 41 8.03 -49.04 7.29
C THR F 41 8.87 -47.94 6.73
N GLN F 42 9.94 -48.26 5.99
CA GLN F 42 10.75 -47.18 5.51
C GLN F 42 10.00 -46.36 4.49
N ASN F 43 9.15 -47.00 3.68
CA ASN F 43 8.41 -46.21 2.72
C ASN F 43 7.48 -45.26 3.42
N ALA F 44 6.84 -45.72 4.51
CA ALA F 44 5.95 -44.86 5.26
C ALA F 44 6.69 -43.69 5.84
N ILE F 45 7.90 -43.94 6.34
CA ILE F 45 8.71 -42.90 6.93
C ILE F 45 9.11 -41.89 5.90
N ASN F 46 9.56 -42.35 4.73
CA ASN F 46 10.01 -41.40 3.74
C ASN F 46 8.87 -40.53 3.24
N GLY F 47 7.69 -41.12 3.06
CA GLY F 47 6.54 -40.37 2.57
C GLY F 47 6.19 -39.26 3.56
N ILE F 48 6.03 -39.64 4.82
CA ILE F 48 5.66 -38.67 5.83
C ILE F 48 6.76 -37.66 6.02
N THR F 49 8.02 -38.09 6.04
CA THR F 49 9.09 -37.12 6.22
C THR F 49 8.97 -36.03 5.16
N ASN F 50 8.71 -36.40 3.90
CA ASN F 50 8.53 -35.38 2.88
C ASN F 50 7.30 -34.51 3.15
N LYS F 51 6.23 -35.10 3.69
CA LYS F 51 5.02 -34.33 4.00
C LYS F 51 5.25 -33.29 5.08
N VAL F 52 5.95 -33.67 6.14
CA VAL F 52 6.21 -32.74 7.22
C VAL F 52 7.13 -31.66 6.74
N ASN F 53 8.16 -32.04 6.00
CA ASN F 53 9.07 -31.06 5.51
C ASN F 53 8.40 -30.15 4.49
N SER F 54 7.45 -30.64 3.69
CA SER F 54 6.82 -29.72 2.74
C SER F 54 6.10 -28.60 3.50
N VAL F 55 5.40 -28.96 4.55
CA VAL F 55 4.69 -27.92 5.29
C VAL F 55 5.64 -26.87 5.87
N ILE F 56 6.78 -27.32 6.41
CA ILE F 56 7.77 -26.44 7.00
C ILE F 56 8.62 -25.68 5.97
N GLU F 57 9.16 -26.38 4.99
CA GLU F 57 10.07 -25.85 3.99
C GLU F 57 9.42 -24.91 3.01
N LYS F 58 8.11 -25.03 2.78
CA LYS F 58 7.46 -24.11 1.88
C LYS F 58 7.18 -22.79 2.59
N MET F 59 7.44 -22.72 3.89
CA MET F 59 7.20 -21.49 4.62
C MET F 59 8.42 -20.61 4.48
N ASN F 60 8.20 -19.35 4.18
CA ASN F 60 9.32 -18.43 4.08
C ASN F 60 9.66 -17.88 5.43
N THR F 61 10.90 -17.48 5.56
CA THR F 61 11.39 -16.84 6.76
C THR F 61 10.65 -15.56 7.01
N GLN F 62 10.28 -15.33 8.26
CA GLN F 62 9.62 -14.10 8.58
C GLN F 62 10.70 -13.08 8.85
N PHE F 63 10.68 -12.02 8.08
CA PHE F 63 11.66 -10.99 8.23
C PHE F 63 11.14 -9.93 9.15
N THR F 64 12.07 -9.18 9.72
CA THR F 64 11.77 -8.15 10.67
C THR F 64 10.54 -7.36 10.32
N ALA F 65 9.68 -7.32 11.32
CA ALA F 65 8.42 -6.64 11.27
C ALA F 65 8.15 -6.17 12.66
N VAL F 66 8.17 -4.87 12.81
CA VAL F 66 8.01 -4.26 14.09
C VAL F 66 6.92 -3.22 14.01
N GLY F 67 6.51 -2.68 15.15
CA GLY F 67 5.48 -1.68 15.12
C GLY F 67 6.09 -0.36 14.73
N LYS F 68 5.26 0.66 14.65
CA LYS F 68 5.68 1.99 14.25
C LYS F 68 5.10 2.99 15.20
N GLU F 69 5.82 4.07 15.44
CA GLU F 69 5.29 5.11 16.29
C GLU F 69 4.52 6.09 15.44
N PHE F 70 3.38 6.53 15.96
CA PHE F 70 2.55 7.52 15.30
C PHE F 70 2.29 8.63 16.30
N ASN F 71 2.07 9.84 15.80
CA ASN F 71 1.78 10.94 16.72
C ASN F 71 0.29 10.95 17.01
N LYS F 72 -0.16 11.90 17.80
CA LYS F 72 -1.56 11.87 18.23
C LYS F 72 -2.59 12.33 17.21
N LEU F 73 -2.12 12.85 16.08
CA LEU F 73 -3.00 13.27 15.00
C LEU F 73 -2.88 12.32 13.81
N GLU F 74 -2.25 11.17 14.04
CA GLU F 74 -2.05 10.14 13.03
C GLU F 74 -2.76 8.84 13.37
N ARG F 75 -3.89 8.90 14.07
CA ARG F 75 -4.55 7.68 14.45
C ARG F 75 -5.09 6.97 13.22
N ARG F 76 -5.49 7.69 12.18
CA ARG F 76 -5.97 6.92 11.03
C ARG F 76 -4.86 5.98 10.51
N MET F 77 -3.58 6.42 10.55
CA MET F 77 -2.50 5.58 10.07
C MET F 77 -2.19 4.50 11.08
N GLU F 78 -2.25 4.82 12.37
CA GLU F 78 -1.98 3.81 13.37
C GLU F 78 -2.99 2.70 13.26
N ASN F 79 -4.24 3.06 13.02
CA ASN F 79 -5.28 2.07 12.92
C ASN F 79 -5.07 1.21 11.70
N LEU F 80 -4.60 1.76 10.57
CA LEU F 80 -4.32 0.89 9.46
C LEU F 80 -3.16 -0.03 9.79
N ASN F 81 -2.10 0.51 10.39
CA ASN F 81 -0.96 -0.34 10.69
C ASN F 81 -1.42 -1.53 11.51
N LYS F 82 -2.30 -1.29 12.48
CA LYS F 82 -2.82 -2.37 13.29
C LYS F 82 -3.69 -3.30 12.46
N LYS F 83 -4.55 -2.76 11.61
CA LYS F 83 -5.43 -3.58 10.79
C LYS F 83 -4.66 -4.56 9.93
N VAL F 84 -3.53 -4.11 9.37
CA VAL F 84 -2.71 -4.96 8.54
C VAL F 84 -2.12 -6.07 9.38
N ASP F 85 -1.58 -5.75 10.57
CA ASP F 85 -1.02 -6.81 11.39
C ASP F 85 -2.07 -7.80 11.85
N ASP F 86 -3.27 -7.33 12.17
CA ASP F 86 -4.28 -8.25 12.62
C ASP F 86 -4.83 -9.09 11.49
N GLY F 87 -4.98 -8.51 10.30
CA GLY F 87 -5.48 -9.30 9.20
C GLY F 87 -4.50 -10.42 8.85
N PHE F 88 -3.20 -10.14 8.88
CA PHE F 88 -2.23 -11.16 8.58
C PHE F 88 -2.18 -12.20 9.67
N LEU F 89 -2.29 -11.79 10.93
CA LEU F 89 -2.28 -12.75 12.00
C LEU F 89 -3.46 -13.69 11.90
N ASP F 90 -4.63 -13.15 11.58
CA ASP F 90 -5.85 -13.93 11.45
C ASP F 90 -5.66 -14.98 10.36
N ILE F 91 -5.20 -14.57 9.18
CA ILE F 91 -5.04 -15.53 8.10
C ILE F 91 -4.02 -16.59 8.41
N TRP F 92 -2.86 -16.20 8.91
CA TRP F 92 -1.86 -17.20 9.15
C TRP F 92 -2.22 -18.15 10.27
N THR F 93 -2.88 -17.66 11.31
CA THR F 93 -3.24 -18.56 12.38
C THR F 93 -4.26 -19.54 11.84
N TYR F 94 -5.25 -19.05 11.10
CA TYR F 94 -6.30 -19.89 10.56
C TYR F 94 -5.75 -20.98 9.69
N ASN F 95 -4.89 -20.62 8.76
CA ASN F 95 -4.34 -21.61 7.87
C ASN F 95 -3.36 -22.52 8.57
N ALA F 96 -2.60 -22.03 9.53
CA ALA F 96 -1.67 -22.91 10.20
C ALA F 96 -2.40 -24.01 10.93
N GLU F 97 -3.52 -23.68 11.59
CA GLU F 97 -4.26 -24.68 12.33
C GLU F 97 -5.02 -25.59 11.40
N LEU F 98 -5.58 -25.03 10.35
CA LEU F 98 -6.33 -25.82 9.43
C LEU F 98 -5.45 -26.83 8.71
N LEU F 99 -4.25 -26.41 8.30
CA LEU F 99 -3.36 -27.31 7.62
C LEU F 99 -2.96 -28.46 8.51
N VAL F 100 -2.67 -28.20 9.78
CA VAL F 100 -2.31 -29.29 10.64
C VAL F 100 -3.46 -30.27 10.78
N LEU F 101 -4.68 -29.78 10.95
CA LEU F 101 -5.79 -30.70 11.10
C LEU F 101 -6.05 -31.54 9.86
N LEU F 102 -5.98 -30.92 8.69
CA LEU F 102 -6.25 -31.65 7.47
C LEU F 102 -5.21 -32.72 7.22
N GLU F 103 -3.95 -32.40 7.49
CA GLU F 103 -2.90 -33.36 7.27
C GLU F 103 -2.92 -34.45 8.33
N ASN F 104 -3.29 -34.15 9.58
CA ASN F 104 -3.32 -35.23 10.54
C ASN F 104 -4.37 -36.26 10.16
N GLU F 105 -5.50 -35.81 9.62
CA GLU F 105 -6.54 -36.76 9.26
C GLU F 105 -6.07 -37.63 8.09
N ARG F 106 -5.40 -37.01 7.12
CA ARG F 106 -4.95 -37.78 5.97
C ARG F 106 -3.80 -38.71 6.32
N THR F 107 -2.94 -38.30 7.25
CA THR F 107 -1.82 -39.13 7.66
C THR F 107 -2.32 -40.41 8.27
N LEU F 108 -3.34 -40.32 9.10
CA LEU F 108 -3.84 -41.52 9.70
C LEU F 108 -4.47 -42.45 8.64
N ASP F 109 -5.15 -41.91 7.60
CA ASP F 109 -5.66 -42.81 6.54
C ASP F 109 -4.52 -43.49 5.79
N PHE F 110 -3.43 -42.76 5.58
CA PHE F 110 -2.25 -43.31 4.92
C PHE F 110 -1.74 -44.51 5.66
N HIS F 111 -1.59 -44.37 6.97
CA HIS F 111 -1.10 -45.50 7.75
C HIS F 111 -2.09 -46.66 7.79
N ASP F 112 -3.39 -46.35 7.84
CA ASP F 112 -4.41 -47.37 7.91
C ASP F 112 -4.35 -48.18 6.61
N SER F 113 -4.13 -47.49 5.48
CA SER F 113 -4.00 -48.15 4.20
C SER F 113 -2.78 -49.06 4.15
N ASN F 114 -1.63 -48.56 4.63
CA ASN F 114 -0.42 -49.38 4.55
C ASN F 114 -0.52 -50.69 5.30
N VAL F 115 -1.12 -50.71 6.48
CA VAL F 115 -1.16 -51.99 7.14
C VAL F 115 -2.17 -52.89 6.44
N LYS F 116 -3.28 -52.32 5.95
CA LYS F 116 -4.27 -53.13 5.27
C LYS F 116 -3.69 -53.77 4.02
N ASN F 117 -2.84 -53.03 3.30
CA ASN F 117 -2.26 -53.60 2.11
C ASN F 117 -1.27 -54.70 2.44
N LEU F 118 -0.61 -54.63 3.61
CA LEU F 118 0.34 -55.67 3.97
C LEU F 118 -0.44 -56.98 4.21
N TYR F 119 -1.60 -56.85 4.83
CA TYR F 119 -2.49 -57.99 5.06
C TYR F 119 -2.89 -58.63 3.73
N GLU F 120 -3.28 -57.79 2.75
CA GLU F 120 -3.70 -58.32 1.46
C GLU F 120 -2.56 -59.00 0.73
N LYS F 121 -1.34 -58.49 0.87
CA LYS F 121 -0.17 -59.12 0.25
C LYS F 121 -0.12 -60.59 0.64
N VAL F 122 -0.29 -60.86 1.93
CA VAL F 122 -0.27 -62.23 2.39
C VAL F 122 -1.45 -63.01 1.84
N LYS F 123 -2.64 -62.44 1.87
CA LYS F 123 -3.78 -63.20 1.36
C LYS F 123 -3.58 -63.69 -0.07
N SER F 124 -2.99 -62.85 -0.93
CA SER F 124 -2.74 -63.20 -2.32
C SER F 124 -1.73 -64.34 -2.46
N GLN F 125 -0.76 -64.41 -1.53
CA GLN F 125 0.23 -65.47 -1.55
C GLN F 125 -0.33 -66.80 -1.08
N LEU F 126 -1.18 -66.76 -0.06
CA LEU F 126 -1.64 -68.01 0.51
C LEU F 126 -2.87 -68.61 -0.15
N LYS F 127 -3.80 -67.80 -0.65
CA LYS F 127 -5.00 -68.34 -1.27
C LYS F 127 -5.65 -69.43 -0.41
N ASN F 128 -5.71 -70.67 -0.90
CA ASN F 128 -6.38 -71.74 -0.17
C ASN F 128 -5.49 -72.52 0.79
N ASN F 129 -4.26 -72.08 0.95
CA ASN F 129 -3.37 -72.80 1.83
C ASN F 129 -3.46 -72.30 3.28
N ALA F 130 -4.32 -71.30 3.52
CA ALA F 130 -4.54 -70.77 4.87
C ALA F 130 -5.94 -70.15 4.99
N LYS F 131 -6.49 -70.19 6.19
CA LYS F 131 -7.78 -69.59 6.48
C LYS F 131 -7.68 -68.19 7.07
N GLU F 132 -8.55 -67.28 6.64
CA GLU F 132 -8.53 -65.95 7.25
C GLU F 132 -9.22 -66.01 8.60
N ILE F 133 -8.57 -65.47 9.60
CA ILE F 133 -9.08 -65.40 10.95
C ILE F 133 -8.97 -63.94 11.42
N GLY F 134 -9.52 -63.62 12.59
CA GLY F 134 -9.46 -62.22 12.99
C GLY F 134 -8.09 -61.81 13.49
N ASN F 135 -7.99 -60.56 13.94
CA ASN F 135 -6.75 -59.93 14.41
C ASN F 135 -5.69 -59.84 13.33
N GLY F 136 -6.09 -59.87 12.07
CA GLY F 136 -5.15 -59.79 10.96
C GLY F 136 -4.29 -61.05 10.74
N CYS F 137 -4.75 -62.24 11.21
CA CYS F 137 -4.01 -63.49 11.16
C CYS F 137 -4.54 -64.48 10.12
N PHE F 138 -3.62 -65.32 9.66
CA PHE F 138 -3.94 -66.42 8.77
C PHE F 138 -3.53 -67.74 9.40
N GLU F 139 -4.45 -68.69 9.36
CA GLU F 139 -4.23 -70.02 9.92
C GLU F 139 -3.84 -70.98 8.81
N PHE F 140 -2.66 -71.56 8.88
CA PHE F 140 -2.22 -72.40 7.79
C PHE F 140 -2.87 -73.77 7.79
N TYR F 141 -3.06 -74.32 6.59
CA TYR F 141 -3.59 -75.67 6.45
C TYR F 141 -2.50 -76.68 6.22
N HIS F 142 -1.26 -76.26 6.37
CA HIS F 142 -0.12 -77.10 6.18
C HIS F 142 0.97 -76.68 7.13
N LYS F 143 1.91 -77.56 7.40
CA LYS F 143 3.04 -77.14 8.22
C LYS F 143 3.83 -76.04 7.49
N CYS F 144 4.13 -74.91 8.18
CA CYS F 144 4.85 -73.76 7.66
C CYS F 144 5.93 -73.35 8.66
N ASN F 145 7.14 -73.84 8.39
CA ASN F 145 8.33 -73.69 9.22
C ASN F 145 8.99 -72.33 8.99
N ASN F 146 10.16 -72.09 9.60
CA ASN F 146 10.73 -70.76 9.45
C ASN F 146 11.04 -70.39 8.01
N GLU F 147 11.48 -71.35 7.20
CA GLU F 147 11.78 -71.04 5.80
C GLU F 147 10.51 -70.57 5.04
N CYS F 148 9.35 -71.24 5.30
CA CYS F 148 8.03 -70.92 4.77
C CYS F 148 7.61 -69.52 5.26
N MET F 149 7.74 -69.26 6.55
CA MET F 149 7.28 -67.96 7.02
C MET F 149 8.08 -66.84 6.36
N GLU F 150 9.39 -67.03 6.13
CA GLU F 150 10.15 -65.97 5.49
C GLU F 150 9.69 -65.82 4.05
N SER F 151 9.41 -66.93 3.38
CA SER F 151 8.96 -66.93 2.01
C SER F 151 7.62 -66.20 1.89
N VAL F 152 6.71 -66.44 2.83
CA VAL F 152 5.41 -65.78 2.77
C VAL F 152 5.58 -64.28 2.96
N LYS F 153 6.38 -63.87 3.95
CA LYS F 153 6.59 -62.45 4.22
C LYS F 153 7.23 -61.73 3.03
N ASN F 154 8.11 -62.42 2.34
CA ASN F 154 8.82 -61.86 1.21
C ASN F 154 8.03 -61.87 -0.09
N GLY F 155 6.84 -62.46 -0.09
CA GLY F 155 6.06 -62.55 -1.30
C GLY F 155 6.57 -63.60 -2.28
N THR F 156 7.26 -64.63 -1.78
CA THR F 156 7.85 -65.69 -2.60
C THR F 156 7.27 -67.06 -2.27
N TYR F 157 6.07 -67.11 -1.70
CA TYR F 157 5.52 -68.39 -1.30
C TYR F 157 5.20 -69.28 -2.49
N ASP F 158 5.70 -70.50 -2.44
CA ASP F 158 5.50 -71.41 -3.55
C ASP F 158 4.18 -72.14 -3.39
N TYR F 159 3.09 -71.42 -3.65
CA TYR F 159 1.75 -71.94 -3.40
C TYR F 159 1.50 -73.42 -3.71
N PRO F 160 1.71 -73.94 -4.94
CA PRO F 160 1.35 -75.30 -5.29
C PRO F 160 2.11 -76.35 -4.49
N LYS F 161 3.26 -75.98 -3.93
CA LYS F 161 4.13 -76.87 -3.18
C LYS F 161 3.46 -77.43 -1.98
N TYR F 162 2.54 -76.68 -1.42
CA TYR F 162 1.91 -77.07 -0.20
C TYR F 162 0.46 -77.43 -0.45
N SER F 163 0.07 -77.49 -1.73
CA SER F 163 -1.33 -77.70 -2.05
C SER F 163 -1.81 -79.09 -1.77
N GLU F 164 -0.94 -80.10 -1.84
CA GLU F 164 -1.50 -81.41 -1.59
C GLU F 164 -1.78 -81.55 -0.11
N GLU F 165 -0.89 -81.00 0.70
CA GLU F 165 -1.07 -81.10 2.12
C GLU F 165 -2.29 -80.32 2.55
N SER F 166 -2.45 -79.10 2.02
CA SER F 166 -3.60 -78.31 2.45
C SER F 166 -4.88 -78.94 1.95
N LYS F 167 -4.90 -79.52 0.74
CA LYS F 167 -6.15 -80.13 0.29
C LYS F 167 -6.58 -81.22 1.24
N LEU F 168 -5.64 -82.00 1.75
CA LEU F 168 -6.00 -83.05 2.68
C LEU F 168 -6.42 -82.48 4.05
N ASN F 169 -5.70 -81.47 4.54
CA ASN F 169 -5.98 -80.88 5.84
C ASN F 169 -7.27 -80.06 5.86
N ARG F 170 -7.65 -79.54 4.71
CA ARG F 170 -8.89 -78.78 4.56
C ARG F 170 -10.19 -79.63 4.66
N GLU F 171 -10.10 -81.00 4.55
CA GLU F 171 -11.19 -82.01 4.56
C GLU F 171 -11.76 -82.21 3.13
N GLN G 1 29.19 42.68 -28.02
CA GLN G 1 29.75 41.95 -29.19
C GLN G 1 28.83 42.17 -30.41
N VAL G 2 27.51 42.13 -30.22
CA VAL G 2 26.61 42.47 -31.36
C VAL G 2 26.87 43.93 -31.70
N GLN G 3 26.85 44.31 -32.98
CA GLN G 3 27.17 45.71 -33.39
C GLN G 3 26.03 46.22 -34.27
N LEU G 4 25.70 47.51 -34.19
CA LEU G 4 24.51 47.99 -34.93
C LEU G 4 24.85 49.13 -35.92
N GLN G 5 24.11 49.23 -37.01
CA GLN G 5 24.24 50.27 -38.04
C GLN G 5 22.92 50.75 -38.61
N GLU G 6 22.68 52.05 -38.46
CA GLU G 6 21.48 52.72 -38.93
C GLU G 6 21.58 53.06 -40.42
N SER G 7 20.48 52.93 -41.14
CA SER G 7 20.43 53.35 -42.53
C SER G 7 19.04 53.81 -42.97
N GLY G 8 18.99 54.88 -43.73
CA GLY G 8 17.74 55.42 -44.21
C GLY G 8 17.98 56.80 -44.77
N PRO G 9 16.94 57.53 -45.15
CA PRO G 9 17.00 58.86 -45.73
C PRO G 9 17.67 59.81 -44.76
N GLY G 10 18.52 60.70 -45.29
CA GLY G 10 19.17 61.69 -44.44
C GLY G 10 18.38 62.99 -44.45
N LEU G 11 17.28 62.97 -45.18
CA LEU G 11 16.40 64.11 -45.37
C LEU G 11 14.95 63.70 -45.44
N VAL G 12 14.14 64.28 -44.56
CA VAL G 12 12.71 64.00 -44.55
C VAL G 12 11.95 65.31 -44.50
N LYS G 13 11.01 65.51 -45.40
CA LYS G 13 10.26 66.76 -45.37
C LYS G 13 9.13 66.63 -44.34
N PRO G 14 8.62 67.72 -43.74
CA PRO G 14 7.54 67.72 -42.75
C PRO G 14 6.26 66.96 -43.12
N SER G 15 5.91 66.86 -44.40
CA SER G 15 4.69 66.15 -44.77
C SER G 15 4.91 64.64 -44.79
N ALA G 16 6.16 64.24 -44.68
CA ALA G 16 6.60 62.86 -44.76
C ALA G 16 6.84 62.20 -43.41
N THR G 17 6.85 60.88 -43.49
CA THR G 17 7.20 60.01 -42.38
C THR G 17 8.66 59.66 -42.50
N LEU G 18 9.38 59.74 -41.40
CA LEU G 18 10.77 59.35 -41.38
C LEU G 18 10.86 57.90 -41.09
N SER G 19 11.60 57.16 -41.90
CA SER G 19 11.76 55.74 -41.66
C SER G 19 13.22 55.30 -41.70
N LEU G 20 13.72 54.85 -40.56
CA LEU G 20 15.10 54.43 -40.42
C LEU G 20 15.21 52.98 -39.98
N THR G 21 16.09 52.22 -40.64
CA THR G 21 16.25 50.81 -40.30
C THR G 21 17.63 50.53 -39.72
N CYS G 22 17.69 49.75 -38.62
CA CYS G 22 18.91 49.31 -37.97
C CYS G 22 19.18 47.85 -38.34
N THR G 23 20.39 47.59 -38.76
CA THR G 23 20.79 46.22 -39.06
C THR G 23 21.77 45.76 -38.01
N LEU G 24 21.55 44.54 -37.53
CA LEU G 24 22.36 43.89 -36.52
C LEU G 24 23.40 42.99 -37.14
N SER G 25 24.65 43.35 -36.99
CA SER G 25 25.75 42.63 -37.57
C SER G 25 26.45 41.76 -36.53
N GLY G 26 26.55 40.46 -36.78
CA GLY G 26 27.16 39.61 -35.77
C GLY G 26 26.18 39.24 -34.66
N GLY G 27 24.89 39.22 -34.99
CA GLY G 27 23.87 38.91 -34.01
C GLY G 27 22.48 38.92 -34.60
N SER G 28 21.50 38.82 -33.72
CA SER G 28 20.09 38.77 -34.06
C SER G 28 19.31 39.39 -32.91
N LEU G 29 18.00 39.58 -33.07
CA LEU G 29 17.24 40.28 -32.03
C LEU G 29 17.33 39.56 -30.67
N SER G 30 17.36 38.24 -30.72
CA SER G 30 17.65 37.34 -29.61
C SER G 30 16.94 37.50 -28.26
N THR G 31 15.62 37.70 -28.24
CA THR G 31 14.79 37.84 -27.00
C THR G 31 14.93 39.17 -26.26
N HIS G 32 15.77 40.05 -26.75
CA HIS G 32 16.00 41.35 -26.12
C HIS G 32 15.09 42.43 -26.63
N TYR G 33 14.96 43.48 -25.83
CA TYR G 33 14.21 44.65 -26.25
C TYR G 33 15.17 45.57 -26.96
N TRP G 34 14.77 46.09 -28.09
CA TRP G 34 15.62 46.98 -28.86
C TRP G 34 15.08 48.38 -28.89
N SER G 35 15.95 49.38 -28.75
CA SER G 35 15.52 50.77 -28.65
C SER G 35 16.04 51.77 -29.64
N TRP G 36 15.25 52.85 -29.73
CA TRP G 36 15.65 54.04 -30.45
C TRP G 36 15.77 55.20 -29.47
N ILE G 37 16.87 55.92 -29.63
CA ILE G 37 17.24 57.11 -28.88
C ILE G 37 17.54 58.26 -29.84
N ARG G 38 17.09 59.47 -29.52
CA ARG G 38 17.33 60.61 -30.41
C ARG G 38 18.21 61.72 -29.82
N GLN G 39 18.96 62.41 -30.67
CA GLN G 39 19.73 63.54 -30.17
C GLN G 39 19.83 64.75 -31.09
N PRO G 40 18.99 65.77 -30.92
CA PRO G 40 19.05 66.98 -31.72
C PRO G 40 20.42 67.55 -31.44
N PRO G 41 21.12 68.19 -32.38
CA PRO G 41 22.43 68.78 -32.14
C PRO G 41 22.31 69.78 -31.02
N GLY G 42 23.29 69.79 -30.12
CA GLY G 42 23.33 70.71 -29.01
C GLY G 42 22.56 70.22 -27.78
N LYS G 43 21.88 69.09 -27.90
CA LYS G 43 21.09 68.53 -26.82
C LYS G 43 21.60 67.17 -26.36
N GLY G 44 21.09 66.73 -25.23
CA GLY G 44 21.42 65.42 -24.70
C GLY G 44 20.55 64.40 -25.40
N LEU G 45 20.55 63.18 -24.91
CA LEU G 45 19.80 62.11 -25.56
C LEU G 45 18.33 62.11 -25.14
N GLU G 46 17.45 61.69 -26.02
CA GLU G 46 16.03 61.56 -25.71
C GLU G 46 15.57 60.13 -25.93
N TYR G 47 14.83 59.56 -25.00
CA TYR G 47 14.41 58.18 -25.23
C TYR G 47 13.15 58.14 -26.07
N ILE G 48 13.13 57.34 -27.14
CA ILE G 48 11.93 57.25 -27.95
C ILE G 48 11.09 56.06 -27.52
N GLY G 49 11.71 54.89 -27.46
CA GLY G 49 10.97 53.69 -27.11
C GLY G 49 11.67 52.41 -27.54
N ASN G 50 11.06 51.26 -27.22
CA ASN G 50 11.65 49.99 -27.63
C ASN G 50 10.67 48.99 -28.19
N ILE G 51 11.24 47.87 -28.64
CA ILE G 51 10.46 46.74 -29.11
C ILE G 51 11.09 45.39 -28.88
N HIS G 52 10.27 44.43 -28.50
CA HIS G 52 10.68 43.04 -28.40
C HIS G 52 10.26 42.40 -29.69
N TYR G 53 11.05 41.47 -30.23
CA TYR G 53 10.69 40.85 -31.50
C TYR G 53 9.33 40.16 -31.48
N SER G 54 8.84 39.81 -30.31
CA SER G 54 7.56 39.16 -30.14
C SER G 54 6.39 40.10 -30.47
N GLY G 55 6.67 41.41 -30.64
CA GLY G 55 5.64 42.40 -30.93
C GLY G 55 5.25 43.26 -29.73
N SER G 56 6.11 43.29 -28.72
CA SER G 56 5.86 44.07 -27.51
C SER G 56 6.56 45.41 -27.58
N THR G 57 5.81 46.51 -27.44
CA THR G 57 6.41 47.84 -27.53
C THR G 57 6.16 48.75 -26.34
N ASN G 58 7.08 49.69 -26.14
CA ASN G 58 7.01 50.70 -25.09
C ASN G 58 7.45 52.07 -25.61
N TYR G 59 6.58 53.06 -25.59
CA TYR G 59 6.98 54.35 -26.16
C TYR G 59 6.96 55.47 -25.16
N ASN G 60 7.82 56.45 -25.37
CA ASN G 60 7.81 57.66 -24.59
C ASN G 60 6.49 58.33 -24.91
N PRO G 61 5.58 58.52 -23.96
CA PRO G 61 4.27 59.07 -24.18
C PRO G 61 4.30 60.37 -24.97
N SER G 62 5.35 61.18 -24.82
CA SER G 62 5.37 62.46 -25.53
C SER G 62 5.41 62.32 -27.05
N LEU G 63 5.89 61.19 -27.55
CA LEU G 63 5.94 60.96 -28.98
C LEU G 63 4.93 59.92 -29.42
N ARG G 64 4.11 59.43 -28.49
CA ARG G 64 3.28 58.29 -28.77
C ARG G 64 2.36 58.44 -29.96
N SER G 65 1.86 59.63 -30.20
CA SER G 65 0.95 59.84 -31.31
C SER G 65 1.65 59.81 -32.68
N ARG G 66 2.99 59.92 -32.70
CA ARG G 66 3.71 59.96 -33.97
C ARG G 66 4.69 58.80 -34.18
N VAL G 67 5.05 58.07 -33.11
CA VAL G 67 6.08 57.04 -33.30
C VAL G 67 5.61 55.63 -33.20
N THR G 68 6.09 54.84 -34.15
CA THR G 68 5.92 53.40 -34.08
C THR G 68 7.31 52.80 -34.29
N ILE G 69 7.53 51.66 -33.66
CA ILE G 69 8.77 50.90 -33.80
C ILE G 69 8.37 49.51 -34.19
N SER G 70 9.04 48.93 -35.17
CA SER G 70 8.70 47.58 -35.55
C SER G 70 9.92 46.75 -35.84
N VAL G 71 9.68 45.49 -36.21
CA VAL G 71 10.78 44.58 -36.55
C VAL G 71 10.57 43.94 -37.90
N GLY G 72 11.66 43.50 -38.51
CA GLY G 72 11.55 42.83 -39.80
C GLY G 72 11.37 41.34 -39.59
N THR G 73 11.39 40.60 -40.68
CA THR G 73 11.20 39.16 -40.61
C THR G 73 12.54 38.46 -40.73
N SER G 74 13.58 39.27 -40.90
CA SER G 74 14.94 38.78 -41.03
C SER G 74 15.50 38.55 -39.63
N LYS G 75 14.81 39.17 -38.67
CA LYS G 75 15.10 39.13 -37.25
C LYS G 75 16.51 39.58 -36.90
N ASN G 76 17.03 40.53 -37.65
CA ASN G 76 18.33 41.11 -37.45
C ASN G 76 18.19 42.54 -37.88
N GLN G 77 16.93 42.87 -38.14
CA GLN G 77 16.60 44.24 -38.51
C GLN G 77 15.37 44.71 -37.78
N PHE G 78 15.38 46.01 -37.47
CA PHE G 78 14.23 46.65 -36.88
C PHE G 78 14.20 48.10 -37.31
N SER G 79 13.08 48.76 -37.15
CA SER G 79 13.02 50.14 -37.63
C SER G 79 12.15 51.12 -36.87
N LEU G 80 12.52 52.38 -37.02
CA LEU G 80 11.82 53.51 -36.44
C LEU G 80 11.06 54.30 -37.44
N LYS G 81 9.80 54.57 -37.14
CA LYS G 81 9.01 55.40 -38.02
C LYS G 81 8.38 56.59 -37.28
N LEU G 82 8.65 57.81 -37.76
CA LEU G 82 8.07 59.01 -37.15
C LEU G 82 7.20 59.75 -38.15
N THR G 83 5.91 59.82 -37.87
CA THR G 83 4.99 60.46 -38.80
C THR G 83 4.94 61.93 -38.55
N SER G 84 4.39 62.68 -39.50
CA SER G 84 4.19 64.10 -39.31
C SER G 84 5.42 64.80 -38.77
N VAL G 85 6.54 64.69 -39.46
CA VAL G 85 7.76 65.32 -38.99
C VAL G 85 7.55 66.82 -38.79
N THR G 86 8.00 67.33 -37.64
CA THR G 86 7.76 68.73 -37.27
C THR G 86 8.97 69.64 -37.40
N ALA G 87 10.08 69.08 -37.82
CA ALA G 87 11.40 69.71 -37.92
C ALA G 87 12.01 69.97 -36.55
N ALA G 88 11.37 69.46 -35.50
CA ALA G 88 11.95 69.47 -34.17
C ALA G 88 12.65 68.13 -34.01
N ASP G 89 12.57 67.36 -35.08
CA ASP G 89 13.04 66.01 -35.23
C ASP G 89 14.37 65.97 -35.96
N THR G 90 14.99 67.14 -36.17
CA THR G 90 16.27 67.27 -36.86
C THR G 90 17.34 66.82 -35.92
N ALA G 91 17.49 65.52 -35.85
CA ALA G 91 18.30 64.89 -34.86
C ALA G 91 19.02 63.67 -35.32
N VAL G 92 20.01 63.29 -34.53
CA VAL G 92 20.70 62.07 -34.81
C VAL G 92 19.90 60.94 -34.20
N TYR G 93 19.64 59.92 -34.98
CA TYR G 93 18.91 58.80 -34.44
C TYR G 93 19.86 57.67 -34.15
N TYR G 94 19.68 57.05 -32.99
CA TYR G 94 20.55 55.96 -32.60
C TYR G 94 19.82 54.65 -32.36
N CYS G 95 20.46 53.56 -32.80
CA CYS G 95 20.06 52.18 -32.58
C CYS G 95 20.82 51.65 -31.35
N ALA G 96 20.08 51.05 -30.42
CA ALA G 96 20.74 50.46 -29.25
C ALA G 96 19.99 49.25 -28.73
N ARG G 97 20.70 48.33 -28.07
CA ARG G 97 20.05 47.14 -27.46
C ARG G 97 19.86 47.34 -25.97
N ASP G 98 18.67 47.06 -25.44
CA ASP G 98 18.52 47.21 -24.01
C ASP G 98 19.44 46.22 -23.34
N ALA G 99 20.07 46.62 -22.25
CA ALA G 99 21.00 45.78 -21.54
C ALA G 99 20.30 44.50 -21.09
N PRO G 100 21.01 43.36 -21.00
CA PRO G 100 20.47 42.09 -20.56
C PRO G 100 20.24 42.21 -19.07
N TYR G 101 19.22 41.56 -18.57
CA TYR G 101 19.02 41.58 -17.13
C TYR G 101 20.12 40.80 -16.42
N SER G 102 20.32 39.59 -16.89
CA SER G 102 21.30 38.67 -16.35
C SER G 102 21.76 37.72 -17.40
N ASP G 103 22.91 37.09 -17.16
CA ASP G 103 23.42 36.10 -18.09
C ASP G 103 22.41 35.00 -18.32
N PHE G 104 21.60 34.72 -17.30
CA PHE G 104 20.64 33.64 -17.41
C PHE G 104 19.18 34.11 -17.46
N LEU G 105 18.94 35.40 -17.73
CA LEU G 105 17.57 35.95 -17.78
C LEU G 105 17.43 37.15 -18.75
N SER G 106 16.45 37.02 -19.64
CA SER G 106 16.17 38.04 -20.63
C SER G 106 14.68 38.12 -20.84
N GLY G 107 14.25 39.05 -21.70
CA GLY G 107 12.84 39.22 -21.96
C GLY G 107 12.18 40.15 -20.96
N VAL G 108 12.99 40.70 -20.06
CA VAL G 108 12.56 41.60 -19.01
C VAL G 108 13.38 42.86 -19.19
N GLU G 109 12.96 43.98 -18.60
CA GLU G 109 13.68 45.24 -18.77
C GLU G 109 14.75 45.55 -17.73
N THR G 110 15.77 46.27 -18.18
CA THR G 110 16.81 46.79 -17.29
C THR G 110 16.77 48.29 -17.15
N GLY G 111 16.20 48.98 -18.13
CA GLY G 111 16.14 50.44 -18.10
C GLY G 111 17.30 51.18 -18.78
N TRP G 112 18.28 50.48 -19.33
CA TRP G 112 19.39 51.23 -19.97
C TRP G 112 19.94 50.44 -21.15
N PHE G 113 20.83 51.05 -21.95
CA PHE G 113 21.26 50.39 -23.18
C PHE G 113 22.75 50.10 -23.22
N ASP G 114 23.12 48.90 -23.72
CA ASP G 114 24.54 48.53 -23.77
C ASP G 114 25.37 48.62 -25.09
N PRO G 115 24.88 48.24 -26.30
CA PRO G 115 25.58 48.43 -27.55
C PRO G 115 24.82 49.59 -28.14
N TRP G 116 25.52 50.42 -28.89
CA TRP G 116 24.95 51.54 -29.63
C TRP G 116 25.56 51.64 -31.01
N GLY G 117 24.83 52.18 -31.96
CA GLY G 117 25.43 52.51 -33.25
C GLY G 117 25.98 53.94 -33.16
N GLN G 118 26.57 54.47 -34.23
CA GLN G 118 27.10 55.84 -34.20
C GLN G 118 25.99 56.84 -34.40
N GLY G 119 24.92 56.37 -35.02
CA GLY G 119 23.76 57.20 -35.27
C GLY G 119 23.76 57.82 -36.64
N THR G 120 22.58 58.18 -37.09
CA THR G 120 22.42 58.82 -38.39
C THR G 120 21.72 60.16 -38.27
N LEU G 121 22.25 61.18 -38.92
CA LEU G 121 21.65 62.51 -38.83
C LEU G 121 20.67 62.80 -39.91
N VAL G 122 19.45 63.14 -39.50
CA VAL G 122 18.39 63.43 -40.41
C VAL G 122 17.99 64.90 -40.36
N ILE G 123 17.97 65.52 -41.52
CA ILE G 123 17.64 66.91 -41.73
C ILE G 123 16.23 67.07 -42.24
N VAL G 124 15.51 68.07 -41.74
CA VAL G 124 14.13 68.27 -42.17
C VAL G 124 13.95 69.57 -43.00
N GLU H 1 8.32 63.21 -18.02
CA GLU H 1 9.72 62.92 -17.73
C GLU H 1 10.11 63.60 -16.42
N ILE H 2 11.12 63.04 -15.71
CA ILE H 2 11.70 63.68 -14.53
C ILE H 2 12.81 64.56 -15.04
N VAL H 3 12.69 65.85 -14.91
CA VAL H 3 13.73 66.66 -15.46
C VAL H 3 14.96 66.59 -14.60
N MET H 4 16.07 66.31 -15.26
CA MET H 4 17.35 66.19 -14.63
C MET H 4 18.35 67.03 -15.35
N THR H 5 19.19 67.70 -14.60
CA THR H 5 20.22 68.51 -15.20
C THR H 5 21.58 68.28 -14.59
N GLN H 6 22.58 68.73 -15.32
CA GLN H 6 23.95 68.67 -14.86
C GLN H 6 24.53 70.07 -14.71
N SER H 7 25.02 70.38 -13.51
CA SER H 7 25.57 71.70 -13.26
C SER H 7 26.90 71.99 -13.99
N PRO H 8 27.90 71.08 -14.00
CA PRO H 8 29.19 71.29 -14.62
C PRO H 8 29.04 71.05 -16.10
N ALA H 9 28.38 71.98 -16.78
CA ALA H 9 28.04 71.80 -18.19
C ALA H 9 29.30 71.49 -18.98
N THR H 10 30.42 72.12 -18.62
CA THR H 10 31.66 71.82 -19.26
C THR H 10 32.77 71.70 -18.22
N LEU H 11 33.75 70.86 -18.49
CA LEU H 11 34.96 70.79 -17.68
C LEU H 11 36.16 71.10 -18.53
N SER H 12 37.17 71.70 -17.94
CA SER H 12 38.41 71.92 -18.67
C SER H 12 39.56 71.42 -17.83
N VAL H 13 40.12 70.30 -18.25
CA VAL H 13 41.18 69.68 -17.50
C VAL H 13 42.37 69.42 -18.42
N SER H 14 43.47 70.13 -18.22
CA SER H 14 44.61 69.89 -19.12
C SER H 14 45.36 68.56 -18.86
N PRO H 15 45.76 68.21 -17.62
CA PRO H 15 46.49 66.99 -17.29
C PRO H 15 45.56 65.80 -17.23
N GLY H 16 46.11 64.59 -17.29
CA GLY H 16 45.30 63.38 -17.11
C GLY H 16 45.00 63.11 -15.63
N GLU H 17 44.27 64.04 -15.02
CA GLU H 17 43.88 64.06 -13.63
C GLU H 17 42.41 63.77 -13.43
N ARG H 18 42.01 63.75 -12.15
CA ARG H 18 40.64 63.46 -11.76
C ARG H 18 39.68 64.52 -12.23
N ALA H 19 38.50 64.08 -12.63
CA ALA H 19 37.45 64.97 -13.05
C ALA H 19 36.13 64.47 -12.53
N THR H 20 35.25 65.39 -12.17
CA THR H 20 33.95 64.96 -11.70
C THR H 20 32.83 65.73 -12.36
N LEU H 21 31.73 65.03 -12.49
CA LEU H 21 30.48 65.50 -13.04
C LEU H 21 29.36 65.22 -12.07
N SER H 22 28.24 65.91 -12.23
CA SER H 22 27.13 65.62 -11.35
C SER H 22 25.81 65.70 -12.11
N CYS H 23 24.78 65.01 -11.56
CA CYS H 23 23.39 64.99 -12.03
C CYS H 23 22.45 65.26 -10.84
N ARG H 24 21.43 66.08 -11.09
CA ARG H 24 20.40 66.37 -10.10
C ARG H 24 19.00 66.24 -10.69
N ALA H 25 18.19 65.36 -10.10
CA ALA H 25 16.85 65.10 -10.59
C ALA H 25 15.77 65.83 -9.80
N SER H 26 14.70 66.25 -10.45
CA SER H 26 13.57 66.87 -9.75
C SER H 26 12.75 65.89 -8.90
N GLN H 27 12.87 64.60 -9.18
CA GLN H 27 12.16 63.55 -8.45
C GLN H 27 13.14 62.44 -8.16
N SER H 28 12.91 61.73 -7.08
CA SER H 28 13.78 60.59 -6.76
C SER H 28 13.77 59.50 -7.79
N VAL H 29 14.97 59.00 -8.07
CA VAL H 29 15.13 57.90 -8.99
C VAL H 29 15.72 56.72 -8.27
N SER H 30 15.66 56.71 -6.95
CA SER H 30 16.24 55.61 -6.19
C SER H 30 17.70 55.47 -6.60
N SER H 31 18.08 54.29 -7.09
CA SER H 31 19.44 54.02 -7.56
C SER H 31 19.39 53.71 -9.06
N ASN H 32 18.26 53.97 -9.68
CA ASN H 32 18.04 53.63 -11.07
C ASN H 32 18.55 54.68 -12.04
N LEU H 33 19.88 54.82 -12.05
CA LEU H 33 20.54 55.78 -12.91
C LEU H 33 21.73 55.20 -13.67
N ALA H 34 21.87 55.57 -14.94
CA ALA H 34 23.01 55.11 -15.75
C ALA H 34 23.84 56.28 -16.25
N TRP H 35 25.14 56.07 -16.35
CA TRP H 35 26.09 57.09 -16.79
C TRP H 35 26.85 56.63 -18.05
N TYR H 36 26.72 57.44 -19.10
CA TYR H 36 27.28 57.18 -20.44
C TYR H 36 28.33 58.17 -20.98
N GLN H 37 29.20 57.65 -21.86
CA GLN H 37 30.11 58.48 -22.69
C GLN H 37 29.60 58.60 -24.11
N GLN H 38 29.79 59.76 -24.71
CA GLN H 38 29.46 59.99 -26.11
C GLN H 38 30.54 60.80 -26.83
N LYS H 39 30.87 60.41 -28.04
CA LYS H 39 31.83 61.17 -28.81
C LYS H 39 31.25 61.35 -30.22
N PRO H 40 31.50 62.45 -30.93
CA PRO H 40 31.03 62.65 -32.28
C PRO H 40 31.55 61.56 -33.19
N GLY H 41 30.67 60.97 -33.98
CA GLY H 41 31.07 59.94 -34.93
C GLY H 41 31.30 58.59 -34.28
N GLN H 42 31.09 58.50 -32.98
CA GLN H 42 31.31 57.28 -32.26
C GLN H 42 30.04 56.77 -31.66
N ALA H 43 29.98 55.49 -31.42
CA ALA H 43 28.83 55.00 -30.72
C ALA H 43 28.94 55.42 -29.27
N PRO H 44 27.85 55.81 -28.60
CA PRO H 44 27.79 56.03 -27.18
C PRO H 44 28.15 54.74 -26.46
N ARG H 45 28.78 54.88 -25.31
CA ARG H 45 29.19 53.75 -24.49
C ARG H 45 28.74 53.86 -23.04
N LEU H 46 28.16 52.79 -22.53
CA LEU H 46 27.74 52.76 -21.14
C LEU H 46 28.89 52.57 -20.21
N LEU H 47 28.96 53.38 -19.16
CA LEU H 47 30.00 53.18 -18.18
C LEU H 47 29.44 52.46 -16.97
N ILE H 48 28.44 53.11 -16.37
CA ILE H 48 27.84 52.69 -15.12
C ILE H 48 26.33 52.59 -15.10
N TYR H 49 25.81 51.56 -14.50
CA TYR H 49 24.38 51.37 -14.34
C TYR H 49 24.02 51.13 -12.88
N GLY H 50 22.79 51.44 -12.50
CA GLY H 50 22.41 51.21 -11.11
C GLY H 50 23.13 52.19 -10.18
N ALA H 51 23.45 53.38 -10.70
CA ALA H 51 24.18 54.46 -10.03
C ALA H 51 25.67 54.16 -9.85
N SER H 52 26.01 52.98 -9.30
CA SER H 52 27.40 52.61 -9.00
C SER H 52 28.08 51.41 -9.68
N THR H 53 27.41 50.60 -10.52
CA THR H 53 28.10 49.41 -11.04
C THR H 53 28.57 49.52 -12.49
N ARG H 54 29.86 49.22 -12.70
CA ARG H 54 30.42 49.27 -14.05
C ARG H 54 29.95 48.17 -14.97
N ALA H 55 29.76 48.56 -16.22
CA ALA H 55 29.43 47.66 -17.30
C ALA H 55 30.67 46.89 -17.72
N THR H 56 30.47 45.72 -18.29
CA THR H 56 31.58 44.93 -18.75
C THR H 56 32.39 45.70 -19.77
N GLY H 57 33.72 45.71 -19.58
CA GLY H 57 34.63 46.39 -20.48
C GLY H 57 34.97 47.81 -20.06
N ILE H 58 34.34 48.28 -18.99
CA ILE H 58 34.58 49.63 -18.52
C ILE H 58 35.67 49.71 -17.47
N PRO H 59 36.70 50.56 -17.67
CA PRO H 59 37.83 50.75 -16.79
C PRO H 59 37.41 51.17 -15.39
N ALA H 60 38.25 50.78 -14.42
CA ALA H 60 38.10 51.05 -13.00
C ALA H 60 38.14 52.54 -12.70
N ARG H 61 38.60 53.29 -13.69
CA ARG H 61 38.68 54.73 -13.65
C ARG H 61 37.30 55.34 -13.52
N PHE H 62 36.26 54.65 -13.93
CA PHE H 62 34.94 55.24 -13.82
C PHE H 62 34.23 54.72 -12.59
N SER H 63 33.73 55.62 -11.78
CA SER H 63 33.02 55.26 -10.58
C SER H 63 31.98 56.30 -10.26
N GLY H 64 31.14 56.04 -9.29
CA GLY H 64 30.13 56.99 -8.91
C GLY H 64 29.21 56.39 -7.88
N SER H 65 28.37 57.25 -7.33
CA SER H 65 27.41 56.86 -6.32
C SER H 65 26.34 57.91 -6.21
N GLY H 66 25.28 57.57 -5.51
CA GLY H 66 24.25 58.54 -5.27
C GLY H 66 22.95 57.86 -5.09
N SER H 67 21.96 58.66 -4.75
CA SER H 67 20.63 58.14 -4.53
C SER H 67 19.60 59.23 -4.56
N GLY H 68 18.37 58.82 -4.80
CA GLY H 68 17.29 59.77 -4.72
C GLY H 68 17.47 60.71 -5.87
N THR H 69 17.74 61.95 -5.59
CA THR H 69 17.92 62.91 -6.65
C THR H 69 19.35 63.30 -6.91
N ASP H 70 20.27 62.96 -5.99
CA ASP H 70 21.63 63.49 -6.08
C ASP H 70 22.71 62.48 -6.43
N PHE H 71 23.30 62.63 -7.63
CA PHE H 71 24.31 61.68 -8.07
C PHE H 71 25.67 62.30 -8.40
N THR H 72 26.71 61.60 -7.97
CA THR H 72 28.11 61.99 -8.21
C THR H 72 28.77 61.04 -9.17
N LEU H 73 29.37 61.62 -10.19
CA LEU H 73 30.02 60.88 -11.23
C LEU H 73 31.52 61.14 -11.22
N THR H 74 32.33 60.11 -11.02
CA THR H 74 33.77 60.32 -10.93
C THR H 74 34.61 59.64 -11.98
N ILE H 75 35.54 60.40 -12.54
CA ILE H 75 36.50 59.86 -13.46
C ILE H 75 37.83 59.96 -12.71
N SER H 76 38.46 58.82 -12.38
CA SER H 76 39.68 58.86 -11.57
C SER H 76 40.79 59.62 -12.27
N SER H 77 40.85 59.48 -13.59
CA SER H 77 41.79 60.19 -14.41
C SER H 77 41.24 60.28 -15.82
N LEU H 78 41.51 61.38 -16.49
CA LEU H 78 41.12 61.49 -17.89
C LEU H 78 42.22 61.16 -18.86
N GLN H 79 41.97 60.16 -19.69
CA GLN H 79 42.92 59.78 -20.70
C GLN H 79 42.48 60.62 -21.88
N SER H 80 43.31 60.81 -22.89
CA SER H 80 42.86 61.68 -23.98
C SER H 80 41.56 61.21 -24.63
N GLU H 81 41.28 59.93 -24.60
CA GLU H 81 40.07 59.42 -25.22
C GLU H 81 38.83 59.54 -24.34
N ASP H 82 39.01 60.00 -23.10
CA ASP H 82 37.91 60.17 -22.15
C ASP H 82 37.38 61.58 -22.16
N PHE H 83 37.92 62.45 -23.02
CA PHE H 83 37.40 63.81 -23.08
C PHE H 83 36.20 63.80 -24.02
N ALA H 84 35.17 63.16 -23.50
CA ALA H 84 33.91 62.82 -24.10
C ALA H 84 32.78 63.66 -23.56
N VAL H 85 31.65 63.57 -24.23
CA VAL H 85 30.44 64.17 -23.74
C VAL H 85 29.85 63.14 -22.80
N TYR H 86 29.43 63.55 -21.64
CA TYR H 86 28.88 62.60 -20.70
C TYR H 86 27.44 62.90 -20.39
N SER H 87 26.67 61.87 -20.08
CA SER H 87 25.29 62.11 -19.66
C SER H 87 24.74 61.01 -18.73
N CYS H 88 23.70 61.35 -17.94
CA CYS H 88 22.98 60.44 -17.06
C CYS H 88 21.61 60.10 -17.63
N GLN H 89 21.16 58.88 -17.35
CA GLN H 89 19.84 58.37 -17.67
C GLN H 89 19.09 57.96 -16.43
N GLN H 90 17.83 58.36 -16.35
CA GLN H 90 16.93 58.04 -15.23
C GLN H 90 15.91 57.01 -15.66
N TYR H 91 15.94 55.85 -15.04
CA TYR H 91 15.02 54.76 -15.42
C TYR H 91 14.09 54.29 -14.31
N ASN H 92 13.80 55.20 -13.37
CA ASN H 92 12.91 54.95 -12.22
C ASN H 92 11.49 55.46 -12.44
N ASN H 93 11.16 55.82 -13.65
CA ASN H 93 9.87 56.38 -13.98
C ASN H 93 9.59 56.06 -15.42
N TRP H 94 8.46 56.51 -15.92
CA TRP H 94 8.16 56.30 -17.30
C TRP H 94 7.47 57.52 -17.86
N PRO H 95 8.02 58.12 -18.91
CA PRO H 95 9.18 57.78 -19.73
C PRO H 95 10.52 57.93 -19.03
N TRP H 96 11.50 57.25 -19.57
CA TRP H 96 12.87 57.32 -19.12
C TRP H 96 13.43 58.55 -19.75
N THR H 97 14.32 59.24 -19.08
CA THR H 97 14.94 60.38 -19.75
C THR H 97 16.40 60.55 -19.43
N PHE H 98 16.99 61.54 -20.05
CA PHE H 98 18.41 61.82 -19.89
C PHE H 98 18.63 63.29 -19.53
N GLY H 99 19.79 63.59 -18.94
CA GLY H 99 20.14 64.99 -18.63
C GLY H 99 20.60 65.69 -19.91
N GLN H 100 20.95 66.98 -19.85
CA GLN H 100 21.32 67.66 -21.10
C GLN H 100 22.71 67.25 -21.58
N GLY H 101 23.50 66.70 -20.68
CA GLY H 101 24.85 66.25 -20.97
C GLY H 101 25.91 67.31 -20.68
N THR H 102 27.14 66.86 -20.46
CA THR H 102 28.23 67.79 -20.22
C THR H 102 29.37 67.51 -21.17
N LYS H 103 30.19 68.51 -21.44
CA LYS H 103 31.35 68.30 -22.29
C LYS H 103 32.65 68.37 -21.54
N VAL H 104 33.44 67.31 -21.61
CA VAL H 104 34.73 67.34 -20.97
C VAL H 104 35.78 67.66 -22.05
N GLU H 105 36.60 68.71 -21.84
CA GLU H 105 37.65 69.18 -22.77
C GLU H 105 38.81 69.70 -21.93
C1 NAG I . -29.76 23.61 7.99
C2 NAG I . -29.21 25.06 7.61
C3 NAG I . -30.29 25.79 6.73
C4 NAG I . -30.60 24.93 5.45
C5 NAG I . -31.12 23.53 5.91
C6 NAG I . -31.41 22.57 4.76
C7 NAG I . -27.83 25.86 9.54
C8 NAG I . -27.77 26.64 10.83
N2 NAG I . -29.00 25.83 8.87
O3 NAG I . -29.74 27.06 6.34
O4 NAG I . -31.66 25.58 4.68
O5 NAG I . -30.10 22.87 6.77
O6 NAG I . -32.50 23.03 3.96
O7 NAG I . -26.81 25.29 9.13
C1 NAG I . -31.24 26.17 3.35
C2 NAG I . -32.54 26.62 2.59
C3 NAG I . -32.12 27.23 1.20
C4 NAG I . -31.15 28.43 1.43
C5 NAG I . -29.88 27.92 2.22
C6 NAG I . -28.90 29.04 2.55
C7 NAG I . -34.70 25.35 2.71
C8 NAG I . -35.47 24.09 2.46
N2 NAG I . -33.40 25.42 2.36
O3 NAG I . -33.29 27.70 0.49
O4 NAG I . -30.76 28.96 0.15
O5 NAG I . -30.32 27.30 3.50
O6 NAG I . -28.41 29.71 1.38
O7 NAG I . -35.28 26.31 3.23
C1 NAG J . 16.13 18.45 -21.83
C2 NAG J . 16.75 19.61 -20.90
C3 NAG J . 18.26 19.81 -21.28
C4 NAG J . 19.05 18.46 -21.13
C5 NAG J . 18.38 17.39 -22.08
C6 NAG J . 19.01 16.01 -21.98
C7 NAG J . 14.94 21.31 -20.53
C8 NAG J . 14.21 22.55 -20.96
N2 NAG J . 16.04 20.90 -21.18
O3 NAG J . 18.83 20.79 -20.37
O4 NAG J . 20.40 18.66 -21.59
O5 NAG J . 16.95 17.24 -21.71
O6 NAG J . 18.58 15.15 -23.03
O7 NAG J . 14.50 20.69 -19.56
C1 NAG J . 21.47 18.52 -20.55
C2 NAG J . 22.87 18.49 -21.28
C3 NAG J . 23.99 18.33 -20.19
C4 NAG J . 23.90 19.51 -19.16
C5 NAG J . 22.47 19.49 -18.49
C6 NAG J . 22.24 20.65 -17.52
C7 NAG J . 22.95 17.44 -23.54
C8 NAG J . 22.91 16.19 -24.38
N2 NAG J . 22.89 17.33 -22.20
O3 NAG J . 25.26 18.33 -20.86
O4 NAG J . 24.91 19.32 -18.12
O5 NAG J . 21.43 19.60 -19.56
O6 NAG J . 23.00 20.51 -16.33
O7 NAG J . 23.02 18.55 -24.10
C1 BMA J . 26.06 20.31 -18.15
C2 BMA J . 27.05 19.99 -16.98
C3 BMA J . 28.22 21.03 -17.03
C4 BMA J . 28.93 20.98 -18.43
C5 BMA J . 27.85 21.30 -19.54
C6 BMA J . 28.42 21.19 -20.96
O2 BMA J . 27.55 18.64 -17.09
O3 BMA J . 29.18 20.71 -16.00
O4 BMA J . 29.97 21.97 -18.45
O5 BMA J . 26.75 20.31 -19.44
O6 BMA J . 29.50 22.10 -21.17
C1 NAG K . 17.36 12.57 33.19
C2 NAG K . 16.82 14.05 33.50
C3 NAG K . 16.73 14.25 35.04
C4 NAG K . 15.84 13.15 35.69
C5 NAG K . 16.43 11.75 35.34
C6 NAG K . 15.62 10.59 35.90
C7 NAG K . 17.81 15.59 31.77
C8 NAG K . 18.91 16.55 31.41
N2 NAG K . 17.80 15.06 33.00
O3 NAG K . 16.12 15.55 35.28
O4 NAG K . 15.86 13.35 37.14
O5 NAG K . 16.50 11.59 33.86
O6 NAG K . 15.73 10.51 37.32
O7 NAG K . 16.92 15.34 30.94
C1 NAG K . 14.53 13.67 37.77
C2 NAG K . 14.74 13.81 39.34
C3 NAG K . 13.34 14.09 39.98
C4 NAG K . 12.72 15.40 39.36
C5 NAG K . 12.59 15.21 37.81
C6 NAG K . 12.09 16.47 37.09
C7 NAG K . 16.57 12.40 40.28
C8 NAG K . 17.06 11.06 40.77
N2 NAG K . 15.30 12.53 39.87
O3 NAG K . 13.48 14.27 41.40
O4 NAG K . 11.44 15.64 39.95
O5 NAG K . 13.93 14.89 37.23
O6 NAG K . 10.75 16.81 37.49
O7 NAG K . 17.36 13.36 40.29
C1 NAG L . -40.23 -33.87 1.83
C2 NAG L . -39.91 -32.38 1.83
C3 NAG L . -40.44 -31.71 3.08
C4 NAG L . -41.89 -32.08 3.33
C5 NAG L . -42.09 -33.59 3.24
C6 NAG L . -43.56 -33.95 3.41
C7 NAG L . -37.91 -31.87 0.57
C8 NAG L . -36.54 -31.26 0.67
N2 NAG L . -38.48 -32.18 1.73
O3 NAG L . -40.31 -30.29 2.95
O4 NAG L . -42.29 -31.62 4.62
O5 NAG L . -41.63 -34.05 1.98
O6 NAG L . -43.73 -35.35 3.18
O7 NAG L . -38.46 -32.09 -0.50
C1 NAG M . -25.70 -26.00 -10.81
C2 NAG M . -25.80 -25.60 -12.36
C3 NAG M . -26.04 -24.05 -12.48
C4 NAG M . -27.35 -23.67 -11.73
C5 NAG M . -27.23 -24.11 -10.22
C6 NAG M . -28.53 -23.88 -9.44
C7 NAG M . -23.33 -25.70 -12.93
C8 NAG M . -22.25 -26.24 -13.83
N2 NAG M . -24.61 -26.06 -13.16
O3 NAG M . -26.16 -23.69 -13.86
O4 NAG M . -27.53 -22.26 -11.82
O5 NAG M . -26.95 -25.57 -10.16
O6 NAG M . -28.40 -24.34 -8.10
O7 NAG M . -23.02 -24.95 -11.99
C1 NAG N . -34.28 16.67 7.96
C2 NAG N . -35.02 17.06 9.31
C3 NAG N . -36.52 16.60 9.20
C4 NAG N . -37.19 17.30 7.97
C5 NAG N . -36.40 16.91 6.68
C6 NAG N . -36.94 17.61 5.43
C7 NAG N . -33.62 17.00 11.39
C8 NAG N . -32.93 16.25 12.48
N2 NAG N . -34.36 16.36 10.45
O3 NAG N . -37.22 16.97 10.39
O4 NAG N . -38.55 16.85 7.89
O5 NAG N . -34.97 17.33 6.82
O6 NAG N . -36.25 17.18 4.25
O7 NAG N . -33.50 18.23 11.36
C1 NAG O . -12.12 45.02 31.64
C2 NAG O . -10.81 44.16 31.99
C3 NAG O . -10.49 44.38 33.51
C4 NAG O . -10.24 45.90 33.78
C5 NAG O . -11.53 46.70 33.39
C6 NAG O . -11.37 48.21 33.54
C7 NAG O . -10.85 42.07 30.58
C8 NAG O . -10.34 42.64 29.27
N2 NAG O . -11.05 42.71 31.75
O3 NAG O . -9.30 43.65 33.85
O4 NAG O . -9.96 46.07 35.18
O5 NAG O . -11.86 46.43 31.96
O6 NAG O . -11.00 48.58 34.87
O7 NAG O . -11.14 40.87 30.60
C1 NAG P . 5.55 -40.82 -28.15
C2 NAG P . 3.95 -40.95 -28.07
C3 NAG P . 3.36 -40.63 -29.49
C4 NAG P . 3.80 -39.19 -29.93
C5 NAG P . 5.37 -39.11 -29.95
C6 NAG P . 5.89 -37.71 -30.29
C7 NAG P . 2.52 -42.60 -26.85
C8 NAG P . 2.27 -44.01 -26.38
N2 NAG P . 3.60 -42.32 -27.61
O3 NAG P . 1.93 -40.69 -29.46
O4 NAG P . 3.26 -38.93 -31.24
O5 NAG P . 5.89 -39.46 -28.61
O6 NAG P . 5.45 -37.27 -31.57
O7 NAG P . 1.73 -41.70 -26.52
C1 NAG Q . 12.70 -33.07 -8.82
C2 NAG Q . 14.18 -33.35 -8.29
C3 NAG Q . 15.06 -32.08 -8.56
C4 NAG Q . 15.07 -31.76 -10.08
C5 NAG Q . 13.59 -31.52 -10.55
C6 NAG Q . 13.48 -31.29 -12.07
C7 NAG Q . 14.29 -34.88 -6.31
C8 NAG Q . 14.18 -35.09 -4.84
N2 NAG Q . 14.13 -33.64 -6.84
O3 NAG Q . 16.42 -32.34 -8.13
O4 NAG Q . 15.87 -30.60 -10.32
O5 NAG Q . 12.77 -32.72 -10.25
O6 NAG Q . 14.21 -30.13 -12.49
O7 NAG Q . 14.57 -35.85 -7.03
C1 NAG R . 17.05 11.24 -24.39
C2 NAG R . 16.54 11.06 -25.90
C3 NAG R . 17.69 10.39 -26.73
C4 NAG R . 18.99 11.25 -26.66
C5 NAG R . 19.42 11.40 -25.16
C6 NAG R . 20.63 12.32 -24.95
C7 NAG R . 14.08 10.62 -25.90
C8 NAG R . 12.94 9.65 -25.81
N2 NAG R . 15.35 10.18 -25.91
O3 NAG R . 17.28 10.26 -28.10
O4 NAG R . 20.00 10.58 -27.41
O5 NAG R . 18.31 12.00 -24.39
O6 NAG R . 20.32 13.68 -25.25
O7 NAG R . 13.82 11.84 -25.94
C1 NAG S . -3.02 49.21 -15.11
C2 NAG S . -3.78 49.56 -16.48
C3 NAG S . -4.43 50.98 -16.33
C4 NAG S . -5.43 50.98 -15.13
C5 NAG S . -4.64 50.59 -13.82
C6 NAG S . -5.54 50.47 -12.59
C7 NAG S . -2.82 48.74 -18.63
C8 NAG S . -1.68 48.71 -19.59
N2 NAG S . -2.77 49.57 -17.58
O3 NAG S . -5.14 51.31 -17.53
O4 NAG S . -6.00 52.27 -15.01
O5 NAG S . -3.99 49.25 -14.01
O6 NAG S . -4.78 50.09 -11.44
O7 NAG S . -3.80 47.99 -18.81
C1 NAG T . -1.69 47.64 -4.45
C2 NAG T . -2.28 49.07 -4.82
C3 NAG T . -1.66 50.12 -3.83
C4 NAG T . -2.01 49.73 -2.36
C5 NAG T . -1.45 48.29 -2.06
C6 NAG T . -1.81 47.78 -0.67
C7 NAG T . -2.76 49.36 -7.26
C8 NAG T . -2.28 49.60 -8.67
N2 NAG T . -1.89 49.39 -6.23
O3 NAG T . -2.20 51.42 -4.11
O4 NAG T . -1.44 50.69 -1.48
O5 NAG T . -2.00 47.32 -3.04
O6 NAG T . -1.21 46.51 -0.42
O7 NAG T . -3.97 49.13 -7.09
C1 NAG U . 8.10 -45.09 27.81
C2 NAG U . 8.20 -43.58 27.99
C3 NAG U . 9.65 -43.12 28.11
C4 NAG U . 10.43 -43.98 29.09
C5 NAG U . 10.21 -45.46 28.79
C6 NAG U . 10.96 -46.33 29.78
C7 NAG U . 6.34 -42.41 26.95
C8 NAG U . 5.79 -42.25 28.34
N2 NAG U . 7.58 -42.90 26.87
O3 NAG U . 9.67 -41.76 28.53
O4 NAG U . 11.81 -43.67 29.00
O5 NAG U . 8.82 -45.75 28.86
O6 NAG U . 10.69 -47.71 29.49
O7 NAG U . 5.71 -42.11 25.96
C1 NAG V . -8.32 -32.98 25.02
C2 NAG V . -9.67 -32.44 25.67
C3 NAG V . -9.35 -31.17 26.53
C4 NAG V . -8.31 -31.54 27.64
C5 NAG V . -7.01 -32.10 26.95
C6 NAG V . -5.96 -32.58 27.97
C7 NAG V . -11.69 -32.81 24.24
C8 NAG V . -12.59 -32.36 23.13
N2 NAG V . -10.62 -32.06 24.58
O3 NAG V . -10.54 -30.68 27.15
O4 NAG V . -8.01 -30.39 28.40
O5 NAG V . -7.35 -33.28 26.10
O6 NAG V . -5.46 -31.49 28.75
O7 NAG V . -11.95 -33.87 24.82
C1 NAG W . 16.92 3.99 34.48
C2 NAG W . 17.41 4.93 35.68
C3 NAG W . 17.72 4.03 36.94
C4 NAG W . 16.42 3.24 37.34
C5 NAG W . 15.97 2.37 36.12
C6 NAG W . 14.66 1.60 36.38
C7 NAG W . 19.78 5.35 34.88
C8 NAG W . 20.82 6.33 34.42
N2 NAG W . 18.56 5.79 35.27
O3 NAG W . 18.11 4.87 38.04
O4 NAG W . 16.71 2.44 38.48
O5 NAG W . 15.73 3.23 34.92
O6 NAG W . 14.32 0.76 35.29
O7 NAG W . 20.07 4.14 34.91
C1 NAG X . 32.63 39.63 13.10
C2 NAG X . 32.11 39.10 11.68
C3 NAG X . 33.18 39.47 10.59
C4 NAG X . 33.39 41.03 10.58
C5 NAG X . 33.87 41.49 12.00
C6 NAG X . 34.02 43.01 12.10
C7 NAG X . 30.80 36.96 11.97
C8 NAG X . 29.43 37.56 12.22
N2 NAG X . 31.95 37.61 11.72
O3 NAG X . 32.71 39.04 9.31
O4 NAG X . 34.36 41.34 9.58
O5 NAG X . 32.86 41.08 13.02
O6 NAG X . 34.94 43.52 11.14
O7 NAG X . 30.91 35.73 11.96
#